data_2JMB
#
_entry.id   2JMB
#
_entity_poly.entity_id   1
_entity_poly.type   'polypeptide(L)'
_entity_poly.pdbx_seq_one_letter_code
;MQHPYVGIWVTADGRIRQELLPNGRYDEARGNRKSAYQGRYEVRGAHINYWDDTGFTADGDFVSANELHHGGMTFYREK
;
_entity_poly.pdbx_strand_id   A
#
# COMPACT_ATOMS: atom_id res chain seq x y z
N MET A 1 12.96 -7.06 9.99
CA MET A 1 12.75 -5.61 10.26
C MET A 1 11.52 -5.09 9.51
N GLN A 2 10.38 -5.72 9.76
CA GLN A 2 9.13 -5.32 9.12
C GLN A 2 7.94 -5.53 10.05
N HIS A 3 6.86 -4.80 9.81
CA HIS A 3 5.66 -4.91 10.63
C HIS A 3 4.41 -5.01 9.75
N PRO A 4 3.90 -6.23 9.55
CA PRO A 4 2.70 -6.47 8.72
C PRO A 4 1.52 -5.60 9.14
N TYR A 5 0.51 -5.52 8.27
CA TYR A 5 -0.68 -4.73 8.57
C TYR A 5 -1.91 -5.37 7.96
N VAL A 6 -1.78 -5.85 6.72
CA VAL A 6 -2.91 -6.49 6.06
C VAL A 6 -4.08 -5.53 5.91
N GLY A 7 -4.61 -5.43 4.69
CA GLY A 7 -5.72 -4.54 4.44
C GLY A 7 -5.83 -4.17 2.97
N ILE A 8 -7.06 -3.96 2.49
CA ILE A 8 -7.27 -3.59 1.10
C ILE A 8 -7.38 -2.08 0.98
N TRP A 9 -6.26 -1.47 0.64
CA TRP A 9 -6.19 -0.03 0.50
C TRP A 9 -6.54 0.40 -0.92
N VAL A 10 -7.72 0.99 -1.07
CA VAL A 10 -8.20 1.42 -2.38
C VAL A 10 -8.34 2.94 -2.44
N THR A 11 -8.28 3.48 -3.65
CA THR A 11 -8.40 4.92 -3.86
C THR A 11 -9.79 5.42 -3.48
N ALA A 12 -10.01 6.73 -3.63
CA ALA A 12 -11.29 7.33 -3.29
C ALA A 12 -12.32 7.12 -4.40
N ASP A 13 -11.84 6.82 -5.60
CA ASP A 13 -12.73 6.61 -6.73
C ASP A 13 -12.88 5.12 -7.04
N GLY A 14 -11.84 4.35 -6.72
CA GLY A 14 -11.88 2.92 -6.97
C GLY A 14 -11.24 2.57 -8.30
N ARG A 15 -10.32 3.40 -8.76
CA ARG A 15 -9.63 3.16 -10.02
C ARG A 15 -8.54 2.10 -9.82
N ILE A 16 -7.97 2.07 -8.63
CA ILE A 16 -6.93 1.11 -8.31
C ILE A 16 -7.12 0.56 -6.90
N ARG A 17 -6.60 -0.64 -6.66
CA ARG A 17 -6.72 -1.27 -5.36
C ARG A 17 -5.40 -1.90 -4.93
N GLN A 18 -5.06 -1.74 -3.65
CA GLN A 18 -3.83 -2.30 -3.11
C GLN A 18 -4.12 -3.18 -1.90
N GLU A 19 -3.90 -4.48 -2.05
CA GLU A 19 -4.16 -5.41 -0.95
C GLU A 19 -2.91 -5.67 -0.14
N LEU A 20 -3.03 -5.49 1.17
CA LEU A 20 -1.92 -5.76 2.06
C LEU A 20 -2.05 -7.19 2.53
N LEU A 21 -1.09 -8.01 2.13
CA LEU A 21 -1.11 -9.44 2.42
C LEU A 21 -0.95 -9.77 3.89
N PRO A 22 -1.44 -10.97 4.27
CA PRO A 22 -1.37 -11.47 5.66
C PRO A 22 0.06 -11.68 6.13
N ASN A 23 1.00 -11.75 5.18
CA ASN A 23 2.39 -11.94 5.53
C ASN A 23 3.13 -10.61 5.58
N GLY A 24 2.38 -9.53 5.81
CA GLY A 24 2.98 -8.22 5.88
C GLY A 24 3.52 -7.78 4.54
N ARG A 25 2.67 -7.80 3.53
CA ARG A 25 3.08 -7.41 2.18
C ARG A 25 1.96 -6.67 1.46
N TYR A 26 2.23 -6.27 0.22
CA TYR A 26 1.24 -5.53 -0.55
C TYR A 26 1.14 -6.03 -1.99
N ASP A 27 -0.07 -5.88 -2.55
CA ASP A 27 -0.35 -6.28 -3.92
C ASP A 27 -1.41 -5.36 -4.50
N GLU A 28 -1.03 -4.53 -5.48
CA GLU A 28 -1.98 -3.60 -6.07
C GLU A 28 -2.45 -4.06 -7.45
N ALA A 29 -3.76 -3.97 -7.66
CA ALA A 29 -4.37 -4.35 -8.92
C ALA A 29 -5.14 -3.17 -9.51
N ARG A 30 -4.56 -2.55 -10.53
CA ARG A 30 -5.19 -1.40 -11.18
C ARG A 30 -5.95 -1.82 -12.43
N GLY A 31 -7.04 -1.11 -12.71
CA GLY A 31 -7.86 -1.42 -13.88
C GLY A 31 -7.03 -1.61 -15.14
N ASN A 32 -7.27 -2.74 -15.82
CA ASN A 32 -6.53 -3.04 -17.05
C ASN A 32 -5.03 -3.06 -16.80
N ARG A 33 -4.63 -3.44 -15.59
CA ARG A 33 -3.23 -3.49 -15.24
C ARG A 33 -3.04 -4.14 -13.86
N LYS A 34 -3.83 -5.16 -13.57
CA LYS A 34 -3.75 -5.85 -12.29
C LYS A 34 -2.34 -6.40 -12.06
N SER A 35 -2.07 -6.84 -10.84
CA SER A 35 -0.76 -7.38 -10.50
C SER A 35 0.36 -6.46 -11.00
N ALA A 36 0.05 -5.16 -11.06
CA ALA A 36 0.99 -4.16 -11.52
C ALA A 36 2.28 -4.19 -10.72
N TYR A 37 2.15 -4.09 -9.40
CA TYR A 37 3.31 -4.09 -8.51
C TYR A 37 2.99 -4.70 -7.15
N GLN A 38 4.02 -5.23 -6.51
CA GLN A 38 3.89 -5.84 -5.20
C GLN A 38 5.26 -5.93 -4.54
N GLY A 39 5.28 -5.86 -3.20
CA GLY A 39 6.56 -5.95 -2.51
C GLY A 39 6.41 -6.07 -1.01
N ARG A 40 6.97 -5.12 -0.28
CA ARG A 40 6.90 -5.12 1.17
C ARG A 40 7.03 -3.70 1.69
N TYR A 41 6.67 -3.49 2.95
CA TYR A 41 6.75 -2.17 3.52
C TYR A 41 7.27 -2.18 4.95
N GLU A 42 7.81 -1.04 5.36
CA GLU A 42 8.32 -0.87 6.71
C GLU A 42 7.57 0.26 7.37
N VAL A 43 7.01 0.01 8.55
CA VAL A 43 6.25 1.02 9.27
C VAL A 43 7.03 1.62 10.43
N ARG A 44 7.09 2.94 10.45
CA ARG A 44 7.79 3.68 11.50
C ARG A 44 7.00 4.92 11.93
N GLY A 45 6.29 4.80 13.04
CA GLY A 45 5.50 5.92 13.52
C GLY A 45 4.47 6.38 12.51
N ALA A 46 3.80 5.42 11.87
CA ALA A 46 2.79 5.71 10.86
C ALA A 46 3.41 5.99 9.49
N HIS A 47 4.74 6.09 9.45
CA HIS A 47 5.45 6.33 8.19
C HIS A 47 5.87 5.00 7.58
N ILE A 48 5.48 4.77 6.33
CA ILE A 48 5.82 3.52 5.68
C ILE A 48 6.30 3.72 4.25
N ASN A 49 7.23 2.87 3.83
CA ASN A 49 7.79 2.93 2.49
C ASN A 49 7.78 1.52 1.88
N TYR A 50 7.56 1.44 0.57
CA TYR A 50 7.52 0.15 -0.12
C TYR A 50 8.86 -0.16 -0.76
N TRP A 51 9.50 -1.23 -0.33
CA TRP A 51 10.79 -1.63 -0.89
C TRP A 51 10.62 -2.90 -1.72
N ASP A 52 10.34 -2.72 -3.00
CA ASP A 52 10.13 -3.85 -3.90
C ASP A 52 11.42 -4.60 -4.19
N ASP A 53 11.28 -5.87 -4.55
CA ASP A 53 12.43 -6.71 -4.87
C ASP A 53 12.84 -6.53 -6.33
N THR A 54 11.98 -5.89 -7.13
CA THR A 54 12.27 -5.67 -8.54
C THR A 54 13.03 -4.36 -8.77
N GLY A 55 13.72 -3.90 -7.74
CA GLY A 55 14.50 -2.67 -7.86
C GLY A 55 13.69 -1.39 -7.75
N PHE A 56 12.53 -1.44 -7.09
CA PHE A 56 11.72 -0.25 -6.94
C PHE A 56 11.50 0.04 -5.46
N THR A 57 11.09 1.26 -5.16
CA THR A 57 10.81 1.65 -3.79
C THR A 57 9.86 2.85 -3.75
N ALA A 58 8.95 2.84 -2.80
CA ALA A 58 8.00 3.91 -2.64
C ALA A 58 8.03 4.44 -1.20
N ASP A 59 7.23 5.44 -0.94
CA ASP A 59 7.16 6.05 0.38
C ASP A 59 5.75 6.54 0.70
N GLY A 60 5.38 6.47 1.98
CA GLY A 60 4.06 6.91 2.39
C GLY A 60 3.96 7.09 3.90
N ASP A 61 2.77 7.39 4.39
CA ASP A 61 2.55 7.58 5.81
C ASP A 61 1.07 7.64 6.15
N PHE A 62 0.66 6.84 7.13
CA PHE A 62 -0.74 6.80 7.55
C PHE A 62 -1.15 8.11 8.19
N VAL A 63 -2.00 8.84 7.50
CA VAL A 63 -2.49 10.13 8.00
C VAL A 63 -3.69 9.93 8.94
N SER A 64 -4.32 8.76 8.85
CA SER A 64 -5.47 8.47 9.69
C SER A 64 -5.53 6.98 10.02
N ALA A 65 -6.66 6.53 10.56
CA ALA A 65 -6.84 5.14 10.93
C ALA A 65 -7.28 4.31 9.73
N ASN A 66 -7.95 4.95 8.78
CA ASN A 66 -8.43 4.26 7.59
C ASN A 66 -7.91 4.92 6.31
N GLU A 67 -7.13 5.99 6.45
CA GLU A 67 -6.59 6.69 5.30
C GLU A 67 -5.09 6.42 5.15
N LEU A 68 -4.62 6.42 3.91
CA LEU A 68 -3.22 6.16 3.62
C LEU A 68 -2.68 7.21 2.65
N HIS A 69 -1.43 7.60 2.86
CA HIS A 69 -0.79 8.58 2.00
C HIS A 69 0.53 8.06 1.46
N HIS A 70 0.57 7.72 0.18
CA HIS A 70 1.79 7.22 -0.43
C HIS A 70 1.91 7.71 -1.87
N GLY A 71 3.11 8.13 -2.24
CA GLY A 71 3.33 8.63 -3.60
C GLY A 71 2.41 9.79 -3.93
N GLY A 72 1.91 10.46 -2.90
CA GLY A 72 1.01 11.58 -3.11
C GLY A 72 -0.39 11.14 -3.43
N MET A 73 -0.77 9.95 -2.97
CA MET A 73 -2.10 9.42 -3.22
C MET A 73 -2.86 9.22 -1.92
N THR A 74 -4.17 9.03 -2.03
CA THR A 74 -5.01 8.81 -0.86
C THR A 74 -5.68 7.45 -0.95
N PHE A 75 -5.21 6.52 -0.13
CA PHE A 75 -5.75 5.16 -0.13
C PHE A 75 -6.55 4.88 1.14
N TYR A 76 -7.77 4.40 0.96
CA TYR A 76 -8.65 4.09 2.09
C TYR A 76 -8.70 2.58 2.30
N ARG A 77 -8.84 2.17 3.56
CA ARG A 77 -8.89 0.75 3.90
C ARG A 77 -10.21 0.12 3.50
N GLU A 78 -10.10 -1.06 2.91
CA GLU A 78 -11.23 -1.88 2.45
C GLU A 78 -12.32 -1.07 1.73
N LYS A 79 -12.83 -0.04 2.39
CA LYS A 79 -13.88 0.80 1.82
C LYS A 79 -15.16 0.00 1.60
N MET A 1 11.71 -7.21 11.73
CA MET A 1 12.16 -5.90 11.20
C MET A 1 11.01 -5.16 10.53
N GLN A 2 10.27 -5.85 9.68
CA GLN A 2 9.14 -5.25 8.98
C GLN A 2 7.92 -5.17 9.88
N HIS A 3 6.90 -4.44 9.44
CA HIS A 3 5.68 -4.29 10.22
C HIS A 3 4.44 -4.57 9.37
N PRO A 4 3.91 -5.80 9.44
CA PRO A 4 2.71 -6.20 8.68
C PRO A 4 1.48 -5.38 9.07
N TYR A 5 0.49 -5.34 8.19
CA TYR A 5 -0.74 -4.60 8.48
C TYR A 5 -1.94 -5.28 7.88
N VAL A 6 -1.81 -5.75 6.63
CA VAL A 6 -2.90 -6.42 5.97
C VAL A 6 -4.11 -5.49 5.82
N GLY A 7 -4.64 -5.42 4.60
CA GLY A 7 -5.77 -4.56 4.34
C GLY A 7 -5.86 -4.15 2.88
N ILE A 8 -7.07 -3.98 2.38
CA ILE A 8 -7.26 -3.57 1.00
C ILE A 8 -7.39 -2.06 0.91
N TRP A 9 -6.28 -1.42 0.57
CA TRP A 9 -6.23 0.03 0.45
C TRP A 9 -6.54 0.47 -0.97
N VAL A 10 -7.73 1.03 -1.14
CA VAL A 10 -8.19 1.48 -2.45
C VAL A 10 -8.32 3.01 -2.48
N THR A 11 -8.23 3.56 -3.69
CA THR A 11 -8.34 5.00 -3.87
C THR A 11 -9.74 5.50 -3.57
N ALA A 12 -9.92 6.82 -3.64
CA ALA A 12 -11.22 7.43 -3.36
C ALA A 12 -12.19 7.26 -4.53
N ASP A 13 -11.65 6.99 -5.71
CA ASP A 13 -12.47 6.80 -6.90
C ASP A 13 -12.62 5.31 -7.24
N GLY A 14 -11.64 4.52 -6.83
CA GLY A 14 -11.68 3.11 -7.11
C GLY A 14 -11.00 2.76 -8.42
N ARG A 15 -10.08 3.62 -8.86
CA ARG A 15 -9.35 3.39 -10.10
C ARG A 15 -8.29 2.33 -9.90
N ILE A 16 -7.77 2.24 -8.67
CA ILE A 16 -6.76 1.25 -8.34
C ILE A 16 -7.00 0.67 -6.95
N ARG A 17 -6.50 -0.52 -6.71
CA ARG A 17 -6.68 -1.18 -5.43
C ARG A 17 -5.38 -1.85 -4.98
N GLN A 18 -5.01 -1.62 -3.72
CA GLN A 18 -3.78 -2.20 -3.17
C GLN A 18 -4.11 -3.09 -1.97
N GLU A 19 -3.89 -4.39 -2.13
CA GLU A 19 -4.17 -5.34 -1.06
C GLU A 19 -2.93 -5.60 -0.22
N LEU A 20 -3.08 -5.43 1.09
CA LEU A 20 -1.99 -5.71 2.00
C LEU A 20 -2.12 -7.14 2.47
N LEU A 21 -1.19 -7.97 2.01
CA LEU A 21 -1.21 -9.39 2.29
C LEU A 21 -1.08 -9.73 3.77
N PRO A 22 -1.58 -10.93 4.15
CA PRO A 22 -1.54 -11.42 5.53
C PRO A 22 -0.13 -11.64 6.04
N ASN A 23 0.84 -11.70 5.11
CA ASN A 23 2.22 -11.89 5.49
C ASN A 23 2.96 -10.56 5.57
N GLY A 24 2.21 -9.48 5.78
CA GLY A 24 2.81 -8.17 5.87
C GLY A 24 3.38 -7.72 4.55
N ARG A 25 2.56 -7.77 3.51
CA ARG A 25 2.99 -7.37 2.18
C ARG A 25 1.88 -6.62 1.44
N TYR A 26 2.16 -6.22 0.21
CA TYR A 26 1.19 -5.46 -0.57
C TYR A 26 1.11 -5.93 -2.02
N ASP A 27 -0.08 -5.80 -2.59
CA ASP A 27 -0.33 -6.18 -3.97
C ASP A 27 -1.39 -5.25 -4.56
N GLU A 28 -0.99 -4.42 -5.52
CA GLU A 28 -1.91 -3.47 -6.12
C GLU A 28 -2.36 -3.90 -7.51
N ALA A 29 -3.66 -3.81 -7.74
CA ALA A 29 -4.25 -4.16 -9.03
C ALA A 29 -4.95 -2.95 -9.62
N ARG A 30 -4.34 -2.34 -10.63
CA ARG A 30 -4.90 -1.16 -11.27
C ARG A 30 -5.61 -1.51 -12.58
N GLY A 31 -6.94 -1.47 -12.55
CA GLY A 31 -7.72 -1.78 -13.72
C GLY A 31 -7.32 -3.10 -14.37
N ASN A 32 -7.41 -3.15 -15.70
CA ASN A 32 -7.07 -4.36 -16.45
C ASN A 32 -5.64 -4.80 -16.14
N ARG A 33 -4.81 -3.86 -15.67
CA ARG A 33 -3.42 -4.16 -15.34
C ARG A 33 -3.30 -4.49 -13.86
N LYS A 34 -3.64 -5.72 -13.49
CA LYS A 34 -3.56 -6.16 -12.11
C LYS A 34 -2.15 -6.61 -11.77
N SER A 35 -1.89 -6.83 -10.48
CA SER A 35 -0.56 -7.25 -10.04
C SER A 35 0.52 -6.36 -10.63
N ALA A 36 0.18 -5.11 -10.90
CA ALA A 36 1.11 -4.15 -11.47
C ALA A 36 2.40 -4.08 -10.66
N TYR A 37 2.25 -3.96 -9.34
CA TYR A 37 3.39 -3.89 -8.45
C TYR A 37 3.06 -4.47 -7.07
N GLN A 38 4.03 -5.16 -6.50
CA GLN A 38 3.87 -5.77 -5.18
C GLN A 38 5.22 -5.86 -4.49
N GLY A 39 5.22 -5.79 -3.16
CA GLY A 39 6.48 -5.87 -2.44
C GLY A 39 6.29 -6.00 -0.94
N ARG A 40 6.84 -5.04 -0.21
CA ARG A 40 6.74 -5.03 1.24
C ARG A 40 6.87 -3.61 1.77
N TYR A 41 6.48 -3.40 3.01
CA TYR A 41 6.55 -2.07 3.59
C TYR A 41 7.08 -2.10 5.01
N GLU A 42 7.65 -0.98 5.43
CA GLU A 42 8.17 -0.82 6.77
C GLU A 42 7.45 0.32 7.47
N VAL A 43 6.92 0.05 8.65
CA VAL A 43 6.18 1.06 9.39
C VAL A 43 7.00 1.65 10.53
N ARG A 44 7.04 2.97 10.59
CA ARG A 44 7.79 3.69 11.61
C ARG A 44 6.98 4.88 12.13
N GLY A 45 6.14 4.65 13.14
CA GLY A 45 5.33 5.72 13.69
C GLY A 45 4.32 6.26 12.68
N ALA A 46 3.66 5.35 11.97
CA ALA A 46 2.65 5.71 10.97
C ALA A 46 3.31 6.00 9.62
N HIS A 47 4.62 6.15 9.60
CA HIS A 47 5.35 6.42 8.36
C HIS A 47 5.84 5.10 7.77
N ILE A 48 5.55 4.86 6.50
CA ILE A 48 5.98 3.62 5.87
C ILE A 48 6.38 3.82 4.42
N ASN A 49 7.26 2.94 3.95
CA ASN A 49 7.74 2.98 2.58
C ASN A 49 7.68 1.58 1.96
N TYR A 50 7.48 1.52 0.65
CA TYR A 50 7.40 0.26 -0.05
C TYR A 50 8.72 -0.05 -0.74
N TRP A 51 9.38 -1.12 -0.33
CA TRP A 51 10.65 -1.50 -0.94
C TRP A 51 10.47 -2.75 -1.79
N ASP A 52 10.15 -2.55 -3.06
CA ASP A 52 9.93 -3.66 -3.98
C ASP A 52 11.21 -4.44 -4.24
N ASP A 53 11.04 -5.68 -4.69
CA ASP A 53 12.17 -6.55 -4.98
C ASP A 53 12.69 -6.31 -6.40
N THR A 54 11.91 -5.58 -7.21
CA THR A 54 12.30 -5.30 -8.59
C THR A 54 13.08 -3.99 -8.69
N GLY A 55 13.72 -3.60 -7.60
CA GLY A 55 14.52 -2.39 -7.60
C GLY A 55 13.72 -1.11 -7.49
N PHE A 56 12.53 -1.16 -6.90
CA PHE A 56 11.72 0.04 -6.74
C PHE A 56 11.46 0.30 -5.28
N THR A 57 11.03 1.51 -4.98
CA THR A 57 10.70 1.89 -3.61
C THR A 57 9.82 3.12 -3.58
N ALA A 58 8.86 3.13 -2.65
CA ALA A 58 7.94 4.26 -2.52
C ALA A 58 7.63 4.56 -1.06
N ASP A 59 7.92 5.78 -0.63
CA ASP A 59 7.66 6.18 0.75
C ASP A 59 6.27 6.79 0.90
N GLY A 60 5.71 6.66 2.10
CA GLY A 60 4.39 7.20 2.37
C GLY A 60 4.21 7.60 3.82
N ASP A 61 2.97 7.79 4.24
CA ASP A 61 2.69 8.17 5.62
C ASP A 61 1.20 8.03 5.93
N PHE A 62 0.90 7.42 7.07
CA PHE A 62 -0.49 7.23 7.48
C PHE A 62 -1.05 8.52 8.06
N VAL A 63 -1.98 9.11 7.32
CA VAL A 63 -2.62 10.36 7.76
C VAL A 63 -3.79 10.09 8.68
N SER A 64 -4.21 8.82 8.78
CA SER A 64 -5.33 8.45 9.64
C SER A 64 -5.30 6.96 9.95
N ALA A 65 -6.32 6.50 10.66
CA ALA A 65 -6.41 5.09 11.03
C ALA A 65 -6.76 4.23 9.82
N ASN A 66 -7.57 4.77 8.92
CA ASN A 66 -7.98 4.05 7.71
C ASN A 66 -7.55 4.79 6.45
N GLU A 67 -6.83 5.89 6.60
CA GLU A 67 -6.37 6.66 5.45
C GLU A 67 -4.87 6.46 5.23
N LEU A 68 -4.46 6.45 3.98
CA LEU A 68 -3.05 6.25 3.63
C LEU A 68 -2.59 7.30 2.63
N HIS A 69 -1.35 7.73 2.76
CA HIS A 69 -0.78 8.72 1.85
C HIS A 69 0.52 8.22 1.25
N HIS A 70 0.49 7.92 -0.05
CA HIS A 70 1.68 7.45 -0.75
C HIS A 70 1.76 8.04 -2.14
N GLY A 71 2.96 8.50 -2.52
CA GLY A 71 3.15 9.10 -3.82
C GLY A 71 2.16 10.22 -4.09
N GLY A 72 1.64 10.80 -3.01
CA GLY A 72 0.68 11.89 -3.15
C GLY A 72 -0.73 11.40 -3.39
N MET A 73 -0.99 10.13 -3.07
CA MET A 73 -2.31 9.55 -3.25
C MET A 73 -3.01 9.31 -1.92
N THR A 74 -4.32 9.12 -1.97
CA THR A 74 -5.10 8.85 -0.77
C THR A 74 -5.72 7.47 -0.85
N PHE A 75 -5.19 6.55 -0.05
CA PHE A 75 -5.68 5.17 -0.03
C PHE A 75 -6.44 4.86 1.25
N TYR A 76 -7.70 4.47 1.11
CA TYR A 76 -8.53 4.13 2.25
C TYR A 76 -8.62 2.62 2.39
N ARG A 77 -8.60 2.14 3.63
CA ARG A 77 -8.67 0.71 3.87
C ARG A 77 -10.05 0.15 3.55
N GLU A 78 -10.05 -1.06 3.00
CA GLU A 78 -11.25 -1.81 2.61
C GLU A 78 -12.37 -0.93 2.06
N LYS A 79 -12.79 0.07 2.83
CA LYS A 79 -13.85 0.98 2.40
C LYS A 79 -15.19 0.26 2.36
N MET A 1 13.14 -6.16 9.74
CA MET A 1 12.48 -5.28 10.74
C MET A 1 11.18 -4.71 10.19
N GLN A 2 10.43 -5.54 9.46
CA GLN A 2 9.17 -5.10 8.88
C GLN A 2 8.01 -5.45 9.81
N HIS A 3 6.84 -4.85 9.54
CA HIS A 3 5.67 -5.09 10.35
C HIS A 3 4.41 -5.20 9.48
N PRO A 4 3.82 -6.41 9.36
CA PRO A 4 2.63 -6.64 8.54
C PRO A 4 1.46 -5.76 8.97
N TYR A 5 0.46 -5.63 8.09
CA TYR A 5 -0.73 -4.84 8.40
C TYR A 5 -1.96 -5.46 7.77
N VAL A 6 -1.85 -5.92 6.53
CA VAL A 6 -2.96 -6.54 5.86
C VAL A 6 -4.14 -5.56 5.71
N GLY A 7 -4.66 -5.44 4.50
CA GLY A 7 -5.76 -4.54 4.25
C GLY A 7 -5.86 -4.12 2.81
N ILE A 8 -7.07 -3.91 2.33
CA ILE A 8 -7.27 -3.50 0.94
C ILE A 8 -7.37 -1.98 0.85
N TRP A 9 -6.24 -1.37 0.53
CA TRP A 9 -6.16 0.07 0.43
C TRP A 9 -6.48 0.53 -1.00
N VAL A 10 -7.66 1.13 -1.16
CA VAL A 10 -8.12 1.60 -2.45
C VAL A 10 -8.22 3.12 -2.49
N THR A 11 -8.13 3.67 -3.69
CA THR A 11 -8.22 5.12 -3.89
C THR A 11 -9.61 5.64 -3.57
N ALA A 12 -9.78 6.95 -3.63
CA ALA A 12 -11.07 7.58 -3.34
C ALA A 12 -12.04 7.43 -4.52
N ASP A 13 -11.50 7.15 -5.70
CA ASP A 13 -12.32 7.00 -6.89
C ASP A 13 -12.46 5.52 -7.26
N GLY A 14 -11.51 4.70 -6.81
CA GLY A 14 -11.56 3.29 -7.11
C GLY A 14 -10.87 2.95 -8.42
N ARG A 15 -9.99 3.85 -8.88
CA ARG A 15 -9.26 3.63 -10.12
C ARG A 15 -8.20 2.55 -9.94
N ILE A 16 -7.77 2.36 -8.69
CA ILE A 16 -6.76 1.35 -8.37
C ILE A 16 -7.01 0.77 -6.99
N ARG A 17 -6.51 -0.43 -6.75
CA ARG A 17 -6.69 -1.09 -5.47
C ARG A 17 -5.41 -1.80 -5.03
N GLN A 18 -5.00 -1.57 -3.78
CA GLN A 18 -3.79 -2.18 -3.25
C GLN A 18 -4.12 -3.06 -2.05
N GLU A 19 -3.91 -4.37 -2.20
CA GLU A 19 -4.18 -5.31 -1.14
C GLU A 19 -2.95 -5.61 -0.31
N LEU A 20 -3.08 -5.44 1.00
CA LEU A 20 -1.99 -5.75 1.89
C LEU A 20 -2.14 -7.19 2.34
N LEU A 21 -1.20 -8.02 1.91
CA LEU A 21 -1.24 -9.45 2.17
C LEU A 21 -1.09 -9.81 3.64
N PRO A 22 -1.59 -11.01 4.01
CA PRO A 22 -1.54 -11.53 5.37
C PRO A 22 -0.10 -11.75 5.85
N ASN A 23 0.83 -11.80 4.91
CA ASN A 23 2.23 -12.01 5.26
C ASN A 23 2.97 -10.69 5.34
N GLY A 24 2.23 -9.61 5.57
CA GLY A 24 2.84 -8.30 5.68
C GLY A 24 3.40 -7.84 4.35
N ARG A 25 2.56 -7.87 3.33
CA ARG A 25 2.98 -7.46 1.98
C ARG A 25 1.89 -6.70 1.27
N TYR A 26 2.16 -6.27 0.05
CA TYR A 26 1.19 -5.51 -0.72
C TYR A 26 1.09 -5.95 -2.18
N ASP A 27 -0.10 -5.80 -2.73
CA ASP A 27 -0.38 -6.16 -4.12
C ASP A 27 -1.43 -5.22 -4.70
N GLU A 28 -1.03 -4.38 -5.65
CA GLU A 28 -1.96 -3.42 -6.23
C GLU A 28 -2.42 -3.85 -7.63
N ALA A 29 -3.73 -3.75 -7.84
CA ALA A 29 -4.33 -4.09 -9.12
C ALA A 29 -4.99 -2.87 -9.73
N ARG A 30 -4.36 -2.29 -10.75
CA ARG A 30 -4.89 -1.11 -11.41
C ARG A 30 -5.53 -1.46 -12.74
N GLY A 31 -6.84 -1.26 -12.83
CA GLY A 31 -7.57 -1.55 -14.05
C GLY A 31 -7.36 -2.98 -14.53
N ASN A 32 -7.52 -3.20 -15.83
CA ASN A 32 -7.35 -4.52 -16.41
C ASN A 32 -5.96 -5.07 -16.11
N ARG A 33 -5.02 -4.19 -15.82
CA ARG A 33 -3.65 -4.60 -15.51
C ARG A 33 -3.48 -4.80 -14.01
N LYS A 34 -3.85 -5.98 -13.53
CA LYS A 34 -3.73 -6.31 -12.11
C LYS A 34 -2.30 -6.73 -11.78
N SER A 35 -2.01 -6.85 -10.49
CA SER A 35 -0.67 -7.24 -10.05
C SER A 35 0.39 -6.36 -10.70
N ALA A 36 0.03 -5.11 -10.99
CA ALA A 36 0.95 -4.17 -11.62
C ALA A 36 2.23 -4.05 -10.81
N TYR A 37 2.08 -3.96 -9.50
CA TYR A 37 3.22 -3.83 -8.61
C TYR A 37 2.93 -4.44 -7.24
N GLN A 38 3.93 -5.10 -6.68
CA GLN A 38 3.82 -5.72 -5.36
C GLN A 38 5.19 -5.80 -4.70
N GLY A 39 5.22 -5.74 -3.37
CA GLY A 39 6.49 -5.80 -2.68
C GLY A 39 6.34 -5.99 -1.19
N ARG A 40 6.89 -5.06 -0.43
CA ARG A 40 6.83 -5.10 1.02
C ARG A 40 6.94 -3.70 1.58
N TYR A 41 6.57 -3.53 2.85
CA TYR A 41 6.64 -2.23 3.46
C TYR A 41 7.16 -2.28 4.88
N GLU A 42 7.72 -1.17 5.31
CA GLU A 42 8.26 -1.04 6.67
C GLU A 42 7.52 0.09 7.38
N VAL A 43 6.97 -0.19 8.55
CA VAL A 43 6.22 0.80 9.29
C VAL A 43 7.01 1.37 10.48
N ARG A 44 7.05 2.69 10.57
CA ARG A 44 7.75 3.36 11.65
C ARG A 44 6.98 4.59 12.13
N GLY A 45 6.23 4.43 13.21
CA GLY A 45 5.45 5.53 13.75
C GLY A 45 4.43 6.05 12.74
N ALA A 46 3.75 5.14 12.06
CA ALA A 46 2.75 5.49 11.06
C ALA A 46 3.39 5.81 9.71
N HIS A 47 4.73 5.87 9.67
CA HIS A 47 5.45 6.15 8.44
C HIS A 47 5.84 4.84 7.78
N ILE A 48 5.45 4.65 6.53
CA ILE A 48 5.76 3.42 5.82
C ILE A 48 6.28 3.67 4.42
N ASN A 49 7.15 2.78 3.97
CA ASN A 49 7.73 2.86 2.62
C ASN A 49 7.67 1.50 1.96
N TYR A 50 7.45 1.49 0.65
CA TYR A 50 7.36 0.26 -0.12
C TYR A 50 8.67 0.02 -0.85
N TRP A 51 9.37 -1.04 -0.49
CA TRP A 51 10.62 -1.37 -1.15
C TRP A 51 10.45 -2.61 -2.03
N ASP A 52 10.09 -2.38 -3.29
CA ASP A 52 9.87 -3.47 -4.23
C ASP A 52 11.17 -4.21 -4.54
N ASP A 53 11.01 -5.45 -5.01
CA ASP A 53 12.16 -6.27 -5.37
C ASP A 53 12.62 -5.98 -6.80
N THR A 54 11.80 -5.26 -7.57
CA THR A 54 12.14 -4.94 -8.95
C THR A 54 12.87 -3.60 -9.06
N GLY A 55 13.52 -3.21 -7.97
CA GLY A 55 14.28 -1.97 -7.96
C GLY A 55 13.44 -0.72 -7.79
N PHE A 56 12.26 -0.83 -7.17
CA PHE A 56 11.42 0.33 -6.97
C PHE A 56 11.22 0.56 -5.48
N THR A 57 10.76 1.75 -5.14
CA THR A 57 10.49 2.09 -3.75
C THR A 57 9.55 3.28 -3.66
N ALA A 58 8.65 3.25 -2.68
CA ALA A 58 7.69 4.34 -2.49
C ALA A 58 7.43 4.60 -1.01
N ASP A 59 7.71 5.82 -0.57
CA ASP A 59 7.50 6.19 0.83
C ASP A 59 6.09 6.73 1.06
N GLY A 60 5.62 6.62 2.30
CA GLY A 60 4.29 7.10 2.65
C GLY A 60 4.12 7.25 4.15
N ASP A 61 2.89 7.50 4.59
CA ASP A 61 2.61 7.67 6.00
C ASP A 61 1.11 7.65 6.28
N PHE A 62 0.71 6.90 7.30
CA PHE A 62 -0.69 6.81 7.67
C PHE A 62 -1.17 8.09 8.33
N VAL A 63 -2.01 8.84 7.64
CA VAL A 63 -2.55 10.09 8.16
C VAL A 63 -3.73 9.84 9.08
N SER A 64 -4.33 8.65 8.99
CA SER A 64 -5.48 8.30 9.81
C SER A 64 -5.51 6.80 10.09
N ALA A 65 -6.62 6.33 10.64
CA ALA A 65 -6.77 4.91 10.96
C ALA A 65 -7.21 4.12 9.73
N ASN A 66 -7.92 4.79 8.81
CA ASN A 66 -8.39 4.16 7.59
C ASN A 66 -7.87 4.86 6.34
N GLU A 67 -7.09 5.93 6.54
CA GLU A 67 -6.55 6.67 5.40
C GLU A 67 -5.05 6.40 5.25
N LEU A 68 -4.58 6.41 4.02
CA LEU A 68 -3.17 6.16 3.72
C LEU A 68 -2.63 7.23 2.79
N HIS A 69 -1.39 7.63 3.03
CA HIS A 69 -0.74 8.64 2.19
C HIS A 69 0.60 8.13 1.66
N HIS A 70 0.64 7.82 0.38
CA HIS A 70 1.87 7.33 -0.24
C HIS A 70 2.00 7.87 -1.66
N GLY A 71 3.20 8.33 -1.99
CA GLY A 71 3.45 8.87 -3.32
C GLY A 71 2.53 10.04 -3.63
N GLY A 72 2.00 10.67 -2.58
CA GLY A 72 1.10 11.79 -2.76
C GLY A 72 -0.31 11.36 -3.10
N MET A 73 -0.66 10.13 -2.72
CA MET A 73 -1.99 9.61 -3.00
C MET A 73 -2.77 9.37 -1.72
N THR A 74 -4.07 9.19 -1.84
CA THR A 74 -4.93 8.94 -0.69
C THR A 74 -5.59 7.58 -0.82
N PHE A 75 -5.13 6.63 -0.02
CA PHE A 75 -5.67 5.27 -0.07
C PHE A 75 -6.49 4.96 1.19
N TYR A 76 -7.71 4.50 0.98
CA TYR A 76 -8.60 4.16 2.10
C TYR A 76 -8.69 2.65 2.26
N ARG A 77 -8.79 2.21 3.50
CA ARG A 77 -8.89 0.78 3.79
C ARG A 77 -10.22 0.20 3.34
N GLU A 78 -10.15 -1.01 2.78
CA GLU A 78 -11.30 -1.76 2.28
C GLU A 78 -12.41 -0.88 1.69
N LYS A 79 -12.91 0.04 2.49
CA LYS A 79 -13.97 0.95 2.06
C LYS A 79 -15.25 0.18 1.74
N MET A 1 13.86 -4.48 9.93
CA MET A 1 12.62 -5.14 10.42
C MET A 1 11.38 -4.61 9.70
N GLN A 2 10.44 -5.51 9.40
CA GLN A 2 9.21 -5.13 8.72
C GLN A 2 8.05 -5.07 9.70
N HIS A 3 6.95 -4.44 9.26
CA HIS A 3 5.77 -4.32 10.10
C HIS A 3 4.50 -4.61 9.30
N PRO A 4 3.99 -5.86 9.38
CA PRO A 4 2.78 -6.27 8.66
C PRO A 4 1.57 -5.42 9.04
N TYR A 5 0.56 -5.41 8.18
CA TYR A 5 -0.66 -4.66 8.46
C TYR A 5 -1.88 -5.35 7.87
N VAL A 6 -1.76 -5.83 6.64
CA VAL A 6 -2.86 -6.51 6.00
C VAL A 6 -4.06 -5.58 5.84
N GLY A 7 -4.60 -5.53 4.62
CA GLY A 7 -5.74 -4.68 4.36
C GLY A 7 -5.82 -4.27 2.90
N ILE A 8 -7.03 -4.11 2.38
CA ILE A 8 -7.20 -3.70 0.99
C ILE A 8 -7.33 -2.20 0.91
N TRP A 9 -6.22 -1.55 0.63
CA TRP A 9 -6.18 -0.10 0.54
C TRP A 9 -6.54 0.35 -0.87
N VAL A 10 -7.73 0.92 -1.00
CA VAL A 10 -8.24 1.38 -2.29
C VAL A 10 -8.38 2.89 -2.34
N THR A 11 -8.31 3.43 -3.56
CA THR A 11 -8.43 4.87 -3.77
C THR A 11 -9.82 5.37 -3.39
N ALA A 12 -10.06 6.66 -3.63
CA ALA A 12 -11.34 7.28 -3.30
C ALA A 12 -12.37 7.05 -4.39
N ASP A 13 -11.90 6.74 -5.60
CA ASP A 13 -12.79 6.51 -6.73
C ASP A 13 -12.90 5.01 -7.04
N GLY A 14 -11.85 4.27 -6.69
CA GLY A 14 -11.85 2.84 -6.94
C GLY A 14 -11.20 2.50 -8.26
N ARG A 15 -10.29 3.36 -8.71
CA ARG A 15 -9.58 3.14 -9.96
C ARG A 15 -8.49 2.09 -9.78
N ILE A 16 -7.95 2.04 -8.56
CA ILE A 16 -6.91 1.07 -8.24
C ILE A 16 -7.11 0.52 -6.84
N ARG A 17 -6.60 -0.68 -6.61
CA ARG A 17 -6.73 -1.32 -5.31
C ARG A 17 -5.42 -1.99 -4.89
N GLN A 18 -5.02 -1.77 -3.65
CA GLN A 18 -3.79 -2.36 -3.12
C GLN A 18 -4.09 -3.25 -1.93
N GLU A 19 -3.88 -4.55 -2.09
CA GLU A 19 -4.14 -5.50 -1.01
C GLU A 19 -2.90 -5.75 -0.17
N LEU A 20 -3.04 -5.56 1.12
CA LEU A 20 -1.95 -5.82 2.04
C LEU A 20 -2.07 -7.24 2.52
N LEU A 21 -1.11 -8.07 2.11
CA LEU A 21 -1.12 -9.49 2.42
C LEU A 21 -0.93 -9.80 3.89
N PRO A 22 -1.38 -11.01 4.29
CA PRO A 22 -1.27 -11.49 5.68
C PRO A 22 0.18 -11.67 6.10
N ASN A 23 1.07 -11.66 5.11
CA ASN A 23 2.50 -11.81 5.38
C ASN A 23 3.16 -10.44 5.51
N GLY A 24 2.35 -9.42 5.80
CA GLY A 24 2.88 -8.08 5.91
C GLY A 24 3.45 -7.62 4.59
N ARG A 25 2.65 -7.77 3.55
CA ARG A 25 3.07 -7.39 2.21
C ARG A 25 1.96 -6.69 1.47
N TYR A 26 2.22 -6.29 0.23
CA TYR A 26 1.23 -5.56 -0.56
C TYR A 26 1.14 -6.05 -2.00
N ASP A 27 -0.06 -5.94 -2.56
CA ASP A 27 -0.33 -6.34 -3.94
C ASP A 27 -1.41 -5.43 -4.52
N GLU A 28 -1.04 -4.58 -5.48
CA GLU A 28 -2.00 -3.67 -6.07
C GLU A 28 -2.46 -4.15 -7.45
N ALA A 29 -3.77 -4.11 -7.65
CA ALA A 29 -4.37 -4.51 -8.91
C ALA A 29 -5.18 -3.36 -9.50
N ARG A 30 -4.65 -2.74 -10.54
CA ARG A 30 -5.32 -1.62 -11.19
C ARG A 30 -6.08 -2.08 -12.43
N GLY A 31 -7.18 -1.39 -12.74
CA GLY A 31 -7.98 -1.74 -13.90
C GLY A 31 -7.14 -1.88 -15.16
N ASN A 32 -7.38 -2.96 -15.91
CA ASN A 32 -6.65 -3.19 -17.15
C ASN A 32 -5.15 -3.24 -16.89
N ARG A 33 -4.78 -3.62 -15.66
CA ARG A 33 -3.38 -3.71 -15.29
C ARG A 33 -3.22 -4.25 -13.87
N LYS A 34 -3.74 -5.45 -13.63
CA LYS A 34 -3.66 -6.08 -12.32
C LYS A 34 -2.24 -6.56 -12.05
N SER A 35 -1.98 -6.95 -10.80
CA SER A 35 -0.64 -7.41 -10.42
C SER A 35 0.43 -6.45 -10.92
N ALA A 36 0.07 -5.18 -11.03
CA ALA A 36 0.99 -4.16 -11.51
C ALA A 36 2.27 -4.14 -10.69
N TYR A 37 2.13 -4.06 -9.38
CA TYR A 37 3.29 -4.02 -8.49
C TYR A 37 2.98 -4.66 -7.14
N GLN A 38 4.01 -5.18 -6.50
CA GLN A 38 3.88 -5.82 -5.18
C GLN A 38 5.24 -5.89 -4.51
N GLY A 39 5.26 -5.84 -3.19
CA GLY A 39 6.51 -5.91 -2.47
C GLY A 39 6.35 -6.03 -0.97
N ARG A 40 6.89 -5.05 -0.25
CA ARG A 40 6.81 -5.04 1.20
C ARG A 40 6.91 -3.62 1.71
N TYR A 41 6.53 -3.41 2.96
CA TYR A 41 6.59 -2.07 3.54
C TYR A 41 7.14 -2.09 4.96
N GLU A 42 7.69 -0.96 5.35
CA GLU A 42 8.22 -0.79 6.70
C GLU A 42 7.48 0.33 7.40
N VAL A 43 6.96 0.06 8.59
CA VAL A 43 6.21 1.06 9.34
C VAL A 43 7.03 1.67 10.47
N ARG A 44 7.05 3.00 10.51
CA ARG A 44 7.78 3.73 11.54
C ARG A 44 6.95 4.89 12.08
N GLY A 45 6.07 4.59 13.03
CA GLY A 45 5.23 5.63 13.59
C GLY A 45 4.22 6.17 12.60
N ALA A 46 3.57 5.26 11.85
CA ALA A 46 2.57 5.63 10.84
C ALA A 46 3.23 5.94 9.50
N HIS A 47 4.56 6.10 9.51
CA HIS A 47 5.30 6.39 8.29
C HIS A 47 5.81 5.09 7.69
N ILE A 48 5.49 4.83 6.44
CA ILE A 48 5.93 3.59 5.80
C ILE A 48 6.32 3.79 4.34
N ASN A 49 7.21 2.93 3.87
CA ASN A 49 7.68 2.97 2.49
C ASN A 49 7.63 1.57 1.89
N TYR A 50 7.44 1.50 0.59
CA TYR A 50 7.37 0.24 -0.12
C TYR A 50 8.69 -0.06 -0.80
N TRP A 51 9.36 -1.12 -0.40
CA TRP A 51 10.64 -1.48 -1.01
C TRP A 51 10.46 -2.73 -1.85
N ASP A 52 10.14 -2.55 -3.12
CA ASP A 52 9.94 -3.67 -4.03
C ASP A 52 11.23 -4.42 -4.31
N ASP A 53 11.08 -5.66 -4.73
CA ASP A 53 12.23 -6.51 -5.05
C ASP A 53 12.70 -6.28 -6.48
N THR A 54 11.90 -5.57 -7.28
CA THR A 54 12.25 -5.30 -8.67
C THR A 54 13.00 -3.97 -8.81
N GLY A 55 13.66 -3.56 -7.73
CA GLY A 55 14.44 -2.33 -7.75
C GLY A 55 13.61 -1.06 -7.64
N PHE A 56 12.43 -1.14 -7.02
CA PHE A 56 11.60 0.05 -6.87
C PHE A 56 11.36 0.32 -5.39
N THR A 57 10.91 1.52 -5.10
CA THR A 57 10.60 1.90 -3.73
C THR A 57 9.68 3.11 -3.68
N ALA A 58 8.75 3.11 -2.74
CA ALA A 58 7.81 4.22 -2.61
C ALA A 58 7.51 4.52 -1.14
N ASP A 59 7.78 5.75 -0.72
CA ASP A 59 7.55 6.16 0.66
C ASP A 59 6.14 6.74 0.83
N GLY A 60 5.60 6.61 2.04
CA GLY A 60 4.28 7.11 2.33
C GLY A 60 4.10 7.45 3.79
N ASP A 61 2.86 7.68 4.22
CA ASP A 61 2.58 8.01 5.61
C ASP A 61 1.09 7.94 5.91
N PHE A 62 0.73 7.27 7.00
CA PHE A 62 -0.65 7.13 7.39
C PHE A 62 -1.17 8.42 8.03
N VAL A 63 -2.04 9.11 7.32
CA VAL A 63 -2.62 10.36 7.81
C VAL A 63 -3.82 10.10 8.72
N SER A 64 -4.34 8.87 8.69
CA SER A 64 -5.49 8.51 9.50
C SER A 64 -5.52 7.00 9.76
N ALA A 65 -6.50 6.56 10.54
CA ALA A 65 -6.65 5.15 10.86
C ALA A 65 -7.12 4.36 9.64
N ASN A 66 -7.85 5.01 8.75
CA ASN A 66 -8.38 4.36 7.55
C ASN A 66 -7.87 5.05 6.28
N GLU A 67 -7.11 6.14 6.44
CA GLU A 67 -6.58 6.87 5.28
C GLU A 67 -5.09 6.62 5.13
N LEU A 68 -4.64 6.51 3.89
CA LEU A 68 -3.23 6.25 3.59
C LEU A 68 -2.71 7.26 2.59
N HIS A 69 -1.46 7.68 2.77
CA HIS A 69 -0.85 8.64 1.86
C HIS A 69 0.48 8.11 1.33
N HIS A 70 0.51 7.72 0.07
CA HIS A 70 1.73 7.22 -0.55
C HIS A 70 1.84 7.68 -1.99
N GLY A 71 3.04 8.09 -2.38
CA GLY A 71 3.26 8.57 -3.73
C GLY A 71 2.33 9.71 -4.09
N GLY A 72 1.83 10.40 -3.07
CA GLY A 72 0.93 11.52 -3.30
C GLY A 72 -0.48 11.06 -3.61
N MET A 73 -0.84 9.86 -3.14
CA MET A 73 -2.16 9.31 -3.37
C MET A 73 -2.92 9.14 -2.06
N THR A 74 -4.23 8.94 -2.16
CA THR A 74 -5.07 8.74 -0.99
C THR A 74 -5.71 7.36 -1.04
N PHE A 75 -5.24 6.46 -0.18
CA PHE A 75 -5.74 5.11 -0.14
C PHE A 75 -6.53 4.86 1.14
N TYR A 76 -7.78 4.44 0.98
CA TYR A 76 -8.63 4.16 2.13
C TYR A 76 -8.72 2.66 2.34
N ARG A 77 -8.70 2.25 3.59
CA ARG A 77 -8.78 0.83 3.92
C ARG A 77 -10.00 0.19 3.28
N GLU A 78 -9.86 -1.09 2.94
CA GLU A 78 -10.91 -1.90 2.29
C GLU A 78 -12.10 -1.06 1.84
N LYS A 79 -12.79 -0.49 2.81
CA LYS A 79 -13.96 0.36 2.55
C LYS A 79 -14.81 -0.17 1.40
N MET A 1 11.67 -8.28 11.39
CA MET A 1 12.13 -6.89 11.15
C MET A 1 11.02 -6.03 10.57
N GLN A 2 10.13 -6.64 9.80
CA GLN A 2 9.02 -5.93 9.19
C GLN A 2 7.79 -5.93 10.10
N HIS A 3 6.90 -4.98 9.90
CA HIS A 3 5.68 -4.89 10.69
C HIS A 3 4.44 -4.97 9.81
N PRO A 4 3.91 -6.20 9.60
CA PRO A 4 2.72 -6.42 8.77
C PRO A 4 1.54 -5.54 9.20
N TYR A 5 0.54 -5.45 8.32
CA TYR A 5 -0.65 -4.67 8.61
C TYR A 5 -1.89 -5.31 8.02
N VAL A 6 -1.77 -5.81 6.79
CA VAL A 6 -2.90 -6.47 6.14
C VAL A 6 -4.08 -5.51 5.99
N GLY A 7 -4.61 -5.44 4.78
CA GLY A 7 -5.73 -4.56 4.52
C GLY A 7 -5.85 -4.18 3.06
N ILE A 8 -7.08 -4.01 2.58
CA ILE A 8 -7.29 -3.62 1.19
C ILE A 8 -7.40 -2.12 1.07
N TRP A 9 -6.29 -1.50 0.72
CA TRP A 9 -6.22 -0.05 0.58
C TRP A 9 -6.57 0.36 -0.84
N VAL A 10 -7.75 0.95 -0.99
CA VAL A 10 -8.23 1.39 -2.30
C VAL A 10 -8.35 2.91 -2.37
N THR A 11 -8.29 3.44 -3.58
CA THR A 11 -8.38 4.88 -3.79
C THR A 11 -9.77 5.39 -3.45
N ALA A 12 -9.97 6.70 -3.58
CA ALA A 12 -11.26 7.32 -3.27
C ALA A 12 -12.25 7.13 -4.42
N ASP A 13 -11.75 6.83 -5.60
CA ASP A 13 -12.61 6.63 -6.76
C ASP A 13 -12.75 5.13 -7.08
N GLY A 14 -11.75 4.35 -6.69
CA GLY A 14 -11.79 2.92 -6.95
C GLY A 14 -11.14 2.56 -8.27
N ARG A 15 -10.22 3.42 -8.73
CA ARG A 15 -9.52 3.17 -9.98
C ARG A 15 -8.45 2.12 -9.78
N ILE A 16 -7.92 2.04 -8.56
CA ILE A 16 -6.89 1.06 -8.24
C ILE A 16 -7.11 0.51 -6.84
N ARG A 17 -6.61 -0.69 -6.60
CA ARG A 17 -6.76 -1.33 -5.30
C ARG A 17 -5.46 -1.99 -4.86
N GLN A 18 -5.07 -1.76 -3.61
CA GLN A 18 -3.85 -2.33 -3.07
C GLN A 18 -4.15 -3.18 -1.84
N GLU A 19 -3.93 -4.50 -1.97
CA GLU A 19 -4.19 -5.40 -0.86
C GLU A 19 -2.95 -5.67 -0.05
N LEU A 20 -3.06 -5.49 1.25
CA LEU A 20 -1.95 -5.76 2.14
C LEU A 20 -2.08 -7.19 2.63
N LEU A 21 -1.14 -8.01 2.21
CA LEU A 21 -1.15 -9.44 2.50
C LEU A 21 -0.98 -9.76 3.98
N PRO A 22 -1.47 -10.96 4.37
CA PRO A 22 -1.39 -11.45 5.75
C PRO A 22 0.04 -11.66 6.21
N ASN A 23 0.96 -11.73 5.26
CA ASN A 23 2.37 -11.93 5.59
C ASN A 23 3.12 -10.60 5.63
N GLY A 24 2.37 -9.53 5.87
CA GLY A 24 2.98 -8.20 5.93
C GLY A 24 3.51 -7.77 4.58
N ARG A 25 2.64 -7.79 3.58
CA ARG A 25 3.05 -7.41 2.23
C ARG A 25 1.92 -6.68 1.51
N TYR A 26 2.18 -6.28 0.27
CA TYR A 26 1.19 -5.53 -0.49
C TYR A 26 1.09 -6.02 -1.94
N ASP A 27 -0.12 -5.90 -2.49
CA ASP A 27 -0.40 -6.30 -3.86
C ASP A 27 -1.46 -5.38 -4.44
N GLU A 28 -1.10 -4.56 -5.43
CA GLU A 28 -2.04 -3.64 -6.03
C GLU A 28 -2.51 -4.12 -7.40
N ALA A 29 -3.82 -4.10 -7.59
CA ALA A 29 -4.42 -4.50 -8.85
C ALA A 29 -5.18 -3.33 -9.47
N ARG A 30 -4.59 -2.75 -10.51
CA ARG A 30 -5.21 -1.62 -11.19
C ARG A 30 -5.94 -2.07 -12.45
N GLY A 31 -7.00 -1.34 -12.81
CA GLY A 31 -7.77 -1.67 -14.00
C GLY A 31 -6.91 -1.83 -15.23
N ASN A 32 -5.93 -0.93 -15.39
CA ASN A 32 -5.04 -0.98 -16.54
C ASN A 32 -4.30 -2.31 -16.59
N ARG A 33 -4.05 -2.89 -15.42
CA ARG A 33 -3.35 -4.18 -15.35
C ARG A 33 -3.21 -4.61 -13.89
N LYS A 34 -3.78 -5.77 -13.56
CA LYS A 34 -3.70 -6.30 -12.20
C LYS A 34 -2.29 -6.75 -11.88
N SER A 35 -2.03 -7.05 -10.62
CA SER A 35 -0.70 -7.48 -10.19
C SER A 35 0.37 -6.54 -10.74
N ALA A 36 -0.01 -5.28 -10.94
CA ALA A 36 0.90 -4.27 -11.47
C ALA A 36 2.19 -4.21 -10.65
N TYR A 37 2.04 -4.10 -9.34
CA TYR A 37 3.19 -4.02 -8.45
C TYR A 37 2.89 -4.61 -7.07
N GLN A 38 3.89 -5.24 -6.48
CA GLN A 38 3.76 -5.84 -5.16
C GLN A 38 5.13 -5.93 -4.51
N GLY A 39 5.18 -5.85 -3.18
CA GLY A 39 6.45 -5.93 -2.49
C GLY A 39 6.30 -6.06 -0.99
N ARG A 40 6.87 -5.10 -0.26
CA ARG A 40 6.80 -5.11 1.18
C ARG A 40 6.93 -3.69 1.70
N TYR A 41 6.57 -3.49 2.97
CA TYR A 41 6.65 -2.16 3.54
C TYR A 41 7.19 -2.18 4.96
N GLU A 42 7.75 -1.04 5.36
CA GLU A 42 8.28 -0.88 6.70
C GLU A 42 7.54 0.26 7.38
N VAL A 43 7.01 0.01 8.57
CA VAL A 43 6.25 1.04 9.29
C VAL A 43 7.05 1.62 10.45
N ARG A 44 7.09 2.95 10.50
CA ARG A 44 7.79 3.66 11.56
C ARG A 44 7.03 4.91 11.99
N GLY A 45 6.30 4.80 13.10
CA GLY A 45 5.53 5.93 13.59
C GLY A 45 4.51 6.41 12.58
N ALA A 46 3.82 5.47 11.94
CA ALA A 46 2.80 5.77 10.94
C ALA A 46 3.43 6.05 9.57
N HIS A 47 4.76 6.12 9.52
CA HIS A 47 5.47 6.35 8.27
C HIS A 47 5.86 5.02 7.65
N ILE A 48 5.47 4.80 6.40
CA ILE A 48 5.78 3.55 5.73
C ILE A 48 6.29 3.76 4.33
N ASN A 49 7.17 2.85 3.89
CA ASN A 49 7.73 2.89 2.56
C ASN A 49 7.68 1.51 1.93
N TYR A 50 7.44 1.46 0.63
CA TYR A 50 7.36 0.21 -0.11
C TYR A 50 8.68 -0.06 -0.82
N TRP A 51 9.37 -1.12 -0.42
CA TRP A 51 10.63 -1.47 -1.07
C TRP A 51 10.45 -2.73 -1.89
N ASP A 52 10.10 -2.54 -3.17
CA ASP A 52 9.87 -3.67 -4.07
C ASP A 52 11.16 -4.42 -4.35
N ASP A 53 11.00 -5.67 -4.78
CA ASP A 53 12.14 -6.52 -5.11
C ASP A 53 12.61 -6.27 -6.55
N THR A 54 11.80 -5.57 -7.33
CA THR A 54 12.15 -5.28 -8.72
C THR A 54 12.89 -3.95 -8.85
N GLY A 55 13.56 -3.55 -7.77
CA GLY A 55 14.32 -2.32 -7.80
C GLY A 55 13.49 -1.05 -7.69
N PHE A 56 12.31 -1.14 -7.07
CA PHE A 56 11.47 0.04 -6.91
C PHE A 56 11.25 0.32 -5.43
N THR A 57 10.79 1.52 -5.13
CA THR A 57 10.50 1.90 -3.77
C THR A 57 9.57 3.10 -3.72
N ALA A 58 8.66 3.10 -2.75
CA ALA A 58 7.70 4.20 -2.61
C ALA A 58 7.44 4.51 -1.13
N ASP A 59 7.70 5.75 -0.74
CA ASP A 59 7.49 6.16 0.64
C ASP A 59 6.07 6.70 0.86
N GLY A 60 5.61 6.62 2.10
CA GLY A 60 4.28 7.10 2.44
C GLY A 60 4.11 7.31 3.93
N ASP A 61 2.88 7.58 4.37
CA ASP A 61 2.62 7.80 5.78
C ASP A 61 1.12 7.80 6.07
N PHE A 62 0.73 7.08 7.12
CA PHE A 62 -0.68 7.00 7.51
C PHE A 62 -1.14 8.30 8.14
N VAL A 63 -1.99 9.01 7.41
CA VAL A 63 -2.53 10.29 7.90
C VAL A 63 -3.71 10.08 8.84
N SER A 64 -4.30 8.89 8.80
CA SER A 64 -5.43 8.57 9.65
C SER A 64 -5.45 7.08 10.01
N ALA A 65 -6.56 6.64 10.59
CA ALA A 65 -6.69 5.24 10.97
C ALA A 65 -7.12 4.38 9.78
N ASN A 66 -7.85 4.99 8.85
CA ASN A 66 -8.32 4.26 7.67
C ASN A 66 -7.83 4.94 6.39
N GLU A 67 -7.06 6.01 6.52
CA GLU A 67 -6.55 6.72 5.36
C GLU A 67 -5.05 6.46 5.19
N LEU A 68 -4.60 6.45 3.95
CA LEU A 68 -3.19 6.20 3.64
C LEU A 68 -2.67 7.23 2.65
N HIS A 69 -1.41 7.62 2.81
CA HIS A 69 -0.79 8.58 1.90
C HIS A 69 0.51 8.04 1.33
N HIS A 70 0.49 7.71 0.05
CA HIS A 70 1.68 7.18 -0.61
C HIS A 70 1.80 7.76 -2.02
N GLY A 71 3.02 8.16 -2.39
CA GLY A 71 3.24 8.73 -3.71
C GLY A 71 2.29 9.88 -4.00
N GLY A 72 1.77 10.50 -2.94
CA GLY A 72 0.86 11.60 -3.11
C GLY A 72 -0.56 11.15 -3.39
N MET A 73 -0.86 9.90 -3.05
CA MET A 73 -2.19 9.36 -3.27
C MET A 73 -2.93 9.16 -1.95
N THR A 74 -4.24 8.98 -2.04
CA THR A 74 -5.07 8.77 -0.86
C THR A 74 -5.73 7.40 -0.93
N PHE A 75 -5.24 6.48 -0.09
CA PHE A 75 -5.76 5.12 -0.06
C PHE A 75 -6.55 4.86 1.21
N TYR A 76 -7.78 4.39 1.06
CA TYR A 76 -8.63 4.08 2.20
C TYR A 76 -8.71 2.58 2.40
N ARG A 77 -8.76 2.17 3.66
CA ARG A 77 -8.84 0.75 3.99
C ARG A 77 -10.18 0.16 3.56
N GLU A 78 -10.12 -1.07 3.04
CA GLU A 78 -11.28 -1.83 2.58
C GLU A 78 -12.40 -0.95 2.01
N LYS A 79 -12.90 -0.03 2.83
CA LYS A 79 -13.96 0.88 2.42
C LYS A 79 -15.29 0.14 2.28
N MET A 1 12.04 -6.91 11.17
CA MET A 1 12.13 -5.43 11.04
C MET A 1 10.87 -4.86 10.40
N GLN A 2 10.30 -5.59 9.45
CA GLN A 2 9.08 -5.15 8.77
C GLN A 2 7.90 -5.14 9.73
N HIS A 3 6.91 -4.29 9.44
CA HIS A 3 5.72 -4.18 10.27
C HIS A 3 4.46 -4.47 9.46
N PRO A 4 3.97 -5.73 9.51
CA PRO A 4 2.76 -6.12 8.77
C PRO A 4 1.55 -5.28 9.16
N TYR A 5 0.54 -5.26 8.28
CA TYR A 5 -0.68 -4.51 8.55
C TYR A 5 -1.88 -5.22 7.98
N VAL A 6 -1.77 -5.71 6.76
CA VAL A 6 -2.87 -6.42 6.11
C VAL A 6 -4.08 -5.50 5.94
N GLY A 7 -4.61 -5.46 4.72
CA GLY A 7 -5.75 -4.62 4.43
C GLY A 7 -5.82 -4.22 2.98
N ILE A 8 -7.03 -4.09 2.45
CA ILE A 8 -7.20 -3.69 1.06
C ILE A 8 -7.36 -2.18 0.98
N TRP A 9 -6.24 -1.52 0.70
CA TRP A 9 -6.21 -0.08 0.60
C TRP A 9 -6.58 0.37 -0.81
N VAL A 10 -7.77 0.94 -0.94
CA VAL A 10 -8.27 1.39 -2.22
C VAL A 10 -8.43 2.90 -2.29
N THR A 11 -8.39 3.44 -3.49
CA THR A 11 -8.51 4.88 -3.72
C THR A 11 -9.90 5.38 -3.32
N ALA A 12 -10.16 6.67 -3.56
CA ALA A 12 -11.44 7.27 -3.23
C ALA A 12 -12.48 7.02 -4.32
N ASP A 13 -12.02 6.71 -5.52
CA ASP A 13 -12.91 6.46 -6.65
C ASP A 13 -12.97 4.96 -6.96
N GLY A 14 -11.91 4.25 -6.61
CA GLY A 14 -11.86 2.82 -6.88
C GLY A 14 -11.19 2.50 -8.20
N ARG A 15 -10.35 3.42 -8.66
CA ARG A 15 -9.64 3.20 -9.92
C ARG A 15 -8.52 2.17 -9.74
N ILE A 16 -8.01 2.08 -8.51
CA ILE A 16 -6.96 1.12 -8.20
C ILE A 16 -7.16 0.55 -6.80
N ARG A 17 -6.59 -0.62 -6.56
CA ARG A 17 -6.71 -1.26 -5.26
C ARG A 17 -5.39 -1.91 -4.85
N GLN A 18 -5.04 -1.77 -3.57
CA GLN A 18 -3.80 -2.35 -3.06
C GLN A 18 -4.09 -3.22 -1.84
N GLU A 19 -3.87 -4.53 -2.00
CA GLU A 19 -4.12 -5.47 -0.92
C GLU A 19 -2.89 -5.70 -0.08
N LEU A 20 -3.03 -5.52 1.22
CA LEU A 20 -1.94 -5.76 2.14
C LEU A 20 -2.05 -7.19 2.64
N LEU A 21 -1.10 -8.01 2.22
CA LEU A 21 -1.11 -9.43 2.53
C LEU A 21 -0.96 -9.73 4.01
N PRO A 22 -1.44 -10.92 4.42
CA PRO A 22 -1.38 -11.38 5.81
C PRO A 22 0.04 -11.58 6.31
N ASN A 23 0.99 -11.65 5.38
CA ASN A 23 2.38 -11.83 5.75
C ASN A 23 3.11 -10.48 5.79
N GLY A 24 2.35 -9.41 5.98
CA GLY A 24 2.93 -8.09 6.04
C GLY A 24 3.48 -7.66 4.71
N ARG A 25 2.65 -7.74 3.68
CA ARG A 25 3.06 -7.37 2.33
C ARG A 25 1.95 -6.64 1.59
N TYR A 26 2.22 -6.25 0.35
CA TYR A 26 1.24 -5.52 -0.43
C TYR A 26 1.15 -6.02 -1.87
N ASP A 27 -0.04 -5.89 -2.45
CA ASP A 27 -0.32 -6.30 -3.82
C ASP A 27 -1.38 -5.39 -4.42
N GLU A 28 -1.01 -4.56 -5.37
CA GLU A 28 -1.96 -3.65 -5.98
C GLU A 28 -2.40 -4.12 -7.36
N ALA A 29 -3.71 -4.10 -7.58
CA ALA A 29 -4.29 -4.52 -8.85
C ALA A 29 -5.10 -3.38 -9.44
N ARG A 30 -4.55 -2.73 -10.47
CA ARG A 30 -5.23 -1.62 -11.12
C ARG A 30 -5.95 -2.08 -12.39
N GLY A 31 -7.08 -1.44 -12.68
CA GLY A 31 -7.86 -1.81 -13.85
C GLY A 31 -7.02 -1.88 -15.11
N ASN A 32 -7.25 -2.91 -15.91
CA ASN A 32 -6.51 -3.10 -17.16
C ASN A 32 -5.01 -3.16 -16.90
N ARG A 33 -4.63 -3.55 -15.68
CA ARG A 33 -3.23 -3.65 -15.31
C ARG A 33 -3.07 -4.19 -13.90
N LYS A 34 -3.61 -5.38 -13.66
CA LYS A 34 -3.53 -6.00 -12.34
C LYS A 34 -2.10 -6.47 -12.06
N SER A 35 -1.84 -6.86 -10.82
CA SER A 35 -0.50 -7.32 -10.43
C SER A 35 0.56 -6.32 -10.89
N ALA A 36 0.17 -5.04 -10.95
CA ALA A 36 1.07 -4.00 -11.38
C ALA A 36 2.36 -3.97 -10.56
N TYR A 37 2.21 -3.95 -9.24
CA TYR A 37 3.35 -3.92 -8.34
C TYR A 37 3.04 -4.58 -7.00
N GLN A 38 4.08 -5.09 -6.35
CA GLN A 38 3.94 -5.74 -5.05
C GLN A 38 5.29 -5.83 -4.36
N GLY A 39 5.30 -5.78 -3.04
CA GLY A 39 6.55 -5.84 -2.31
C GLY A 39 6.36 -5.97 -0.81
N ARG A 40 6.92 -5.02 -0.07
CA ARG A 40 6.82 -5.02 1.38
C ARG A 40 6.95 -3.60 1.91
N TYR A 41 6.56 -3.39 3.15
CA TYR A 41 6.63 -2.06 3.73
C TYR A 41 7.15 -2.08 5.16
N GLU A 42 7.67 -0.94 5.58
CA GLU A 42 8.18 -0.79 6.94
C GLU A 42 7.46 0.37 7.61
N VAL A 43 6.90 0.12 8.79
CA VAL A 43 6.14 1.14 9.51
C VAL A 43 6.96 1.78 10.63
N ARG A 44 6.89 3.10 10.71
CA ARG A 44 7.62 3.86 11.73
C ARG A 44 6.77 5.02 12.23
N GLY A 45 5.87 4.75 13.16
CA GLY A 45 5.02 5.79 13.69
C GLY A 45 4.02 6.30 12.67
N ALA A 46 3.40 5.36 11.94
CA ALA A 46 2.41 5.70 10.91
C ALA A 46 3.08 5.98 9.57
N HIS A 47 4.40 6.17 9.58
CA HIS A 47 5.15 6.42 8.36
C HIS A 47 5.71 5.11 7.83
N ILE A 48 5.45 4.82 6.56
CA ILE A 48 5.94 3.57 5.98
C ILE A 48 6.41 3.73 4.55
N ASN A 49 7.38 2.91 4.19
CA ASN A 49 7.94 2.91 2.84
C ASN A 49 7.70 1.57 2.18
N TYR A 50 7.91 1.52 0.88
CA TYR A 50 7.73 0.29 0.12
C TYR A 50 9.00 -0.03 -0.65
N TRP A 51 9.66 -1.12 -0.27
CA TRP A 51 10.89 -1.52 -0.95
C TRP A 51 10.64 -2.77 -1.78
N ASP A 52 10.29 -2.56 -3.04
CA ASP A 52 10.01 -3.66 -3.95
C ASP A 52 11.26 -4.47 -4.26
N ASP A 53 11.05 -5.71 -4.69
CA ASP A 53 12.16 -6.59 -5.04
C ASP A 53 12.64 -6.36 -6.46
N THR A 54 11.84 -5.62 -7.25
CA THR A 54 12.20 -5.34 -8.63
C THR A 54 13.00 -4.04 -8.76
N GLY A 55 13.68 -3.67 -7.70
CA GLY A 55 14.51 -2.47 -7.71
C GLY A 55 13.73 -1.18 -7.57
N PHE A 56 12.55 -1.22 -6.95
CA PHE A 56 11.76 -0.02 -6.77
C PHE A 56 11.58 0.27 -5.29
N THR A 57 11.17 1.49 -4.98
CA THR A 57 10.92 1.88 -3.60
C THR A 57 10.04 3.12 -3.55
N ALA A 58 9.15 3.15 -2.58
CA ALA A 58 8.24 4.29 -2.42
C ALA A 58 7.86 4.53 -0.96
N ASP A 59 8.08 5.75 -0.49
CA ASP A 59 7.76 6.11 0.88
C ASP A 59 6.35 6.69 1.00
N GLY A 60 5.76 6.53 2.18
CA GLY A 60 4.42 7.05 2.41
C GLY A 60 4.20 7.41 3.87
N ASP A 61 2.95 7.66 4.24
CA ASP A 61 2.62 8.02 5.62
C ASP A 61 1.12 7.97 5.85
N PHE A 62 0.72 7.33 6.96
CA PHE A 62 -0.68 7.23 7.30
C PHE A 62 -1.18 8.51 7.94
N VAL A 63 -2.03 9.23 7.22
CA VAL A 63 -2.58 10.48 7.71
C VAL A 63 -3.73 10.24 8.68
N SER A 64 -4.31 9.03 8.62
CA SER A 64 -5.42 8.68 9.50
C SER A 64 -5.43 7.19 9.78
N ALA A 65 -6.46 6.73 10.50
CA ALA A 65 -6.59 5.32 10.84
C ALA A 65 -7.06 4.51 9.65
N ASN A 66 -7.86 5.14 8.78
CA ASN A 66 -8.39 4.47 7.60
C ASN A 66 -7.89 5.12 6.31
N GLU A 67 -7.12 6.20 6.44
CA GLU A 67 -6.59 6.91 5.28
C GLU A 67 -5.09 6.65 5.13
N LEU A 68 -4.64 6.56 3.89
CA LEU A 68 -3.24 6.30 3.60
C LEU A 68 -2.71 7.31 2.57
N HIS A 69 -1.47 7.70 2.73
CA HIS A 69 -0.85 8.66 1.81
C HIS A 69 0.47 8.09 1.26
N HIS A 70 0.46 7.73 -0.01
CA HIS A 70 1.65 7.19 -0.66
C HIS A 70 1.77 7.72 -2.09
N GLY A 71 2.99 8.10 -2.46
CA GLY A 71 3.20 8.63 -3.80
C GLY A 71 2.26 9.76 -4.13
N GLY A 72 1.75 10.42 -3.09
CA GLY A 72 0.83 11.53 -3.29
C GLY A 72 -0.59 11.07 -3.55
N MET A 73 -0.91 9.82 -3.18
CA MET A 73 -2.24 9.28 -3.39
C MET A 73 -2.98 9.12 -2.07
N THR A 74 -4.29 8.95 -2.15
CA THR A 74 -5.11 8.76 -0.96
C THR A 74 -5.76 7.39 -1.00
N PHE A 75 -5.27 6.50 -0.15
CA PHE A 75 -5.79 5.14 -0.09
C PHE A 75 -6.57 4.89 1.19
N TYR A 76 -7.82 4.47 1.04
CA TYR A 76 -8.66 4.18 2.19
C TYR A 76 -8.72 2.68 2.41
N ARG A 77 -8.70 2.28 3.66
CA ARG A 77 -8.73 0.87 4.01
C ARG A 77 -9.96 0.20 3.44
N GLU A 78 -9.80 -1.08 3.08
CA GLU A 78 -10.86 -1.93 2.52
C GLU A 78 -12.06 -1.14 2.00
N LYS A 79 -12.72 -0.44 2.91
CA LYS A 79 -13.88 0.37 2.55
C LYS A 79 -15.02 -0.51 2.07
N MET A 1 14.03 -4.86 9.68
CA MET A 1 12.79 -5.39 10.31
C MET A 1 11.54 -4.79 9.66
N GLN A 2 10.51 -5.62 9.50
CA GLN A 2 9.26 -5.17 8.89
C GLN A 2 8.09 -5.39 9.83
N HIS A 3 7.05 -4.57 9.69
CA HIS A 3 5.86 -4.68 10.53
C HIS A 3 4.61 -4.82 9.68
N PRO A 4 4.07 -6.05 9.55
CA PRO A 4 2.86 -6.32 8.76
C PRO A 4 1.67 -5.45 9.18
N TYR A 5 0.66 -5.37 8.32
CA TYR A 5 -0.53 -4.59 8.62
C TYR A 5 -1.77 -5.25 8.04
N VAL A 6 -1.66 -5.75 6.81
CA VAL A 6 -2.78 -6.41 6.17
C VAL A 6 -3.97 -5.46 6.02
N GLY A 7 -4.50 -5.38 4.81
CA GLY A 7 -5.63 -4.50 4.56
C GLY A 7 -5.77 -4.16 3.09
N ILE A 8 -7.01 -3.97 2.64
CA ILE A 8 -7.24 -3.62 1.24
C ILE A 8 -7.35 -2.11 1.10
N TRP A 9 -6.24 -1.51 0.73
CA TRP A 9 -6.17 -0.06 0.56
C TRP A 9 -6.55 0.33 -0.87
N VAL A 10 -7.72 0.95 -0.99
CA VAL A 10 -8.24 1.38 -2.29
C VAL A 10 -8.37 2.89 -2.37
N THR A 11 -8.35 3.41 -3.58
CA THR A 11 -8.47 4.85 -3.81
C THR A 11 -9.85 5.35 -3.40
N ALA A 12 -10.08 6.64 -3.59
CA ALA A 12 -11.36 7.26 -3.23
C ALA A 12 -12.41 7.03 -4.32
N ASP A 13 -11.96 6.71 -5.53
CA ASP A 13 -12.86 6.47 -6.65
C ASP A 13 -12.97 4.98 -6.94
N GLY A 14 -11.92 4.23 -6.62
CA GLY A 14 -11.92 2.81 -6.87
C GLY A 14 -11.30 2.46 -8.21
N ARG A 15 -10.40 3.32 -8.68
CA ARG A 15 -9.73 3.09 -9.96
C ARG A 15 -8.61 2.06 -9.79
N ILE A 16 -8.04 2.03 -8.59
CA ILE A 16 -6.98 1.08 -8.28
C ILE A 16 -7.16 0.51 -6.88
N ARG A 17 -6.57 -0.66 -6.64
CA ARG A 17 -6.69 -1.31 -5.35
C ARG A 17 -5.36 -1.90 -4.91
N GLN A 18 -5.06 -1.81 -3.62
CA GLN A 18 -3.81 -2.33 -3.07
C GLN A 18 -4.09 -3.18 -1.84
N GLU A 19 -3.87 -4.48 -1.95
CA GLU A 19 -4.11 -5.40 -0.84
C GLU A 19 -2.86 -5.64 -0.03
N LEU A 20 -2.96 -5.45 1.27
CA LEU A 20 -1.84 -5.71 2.16
C LEU A 20 -1.97 -7.14 2.65
N LEU A 21 -1.01 -7.96 2.23
CA LEU A 21 -1.03 -9.39 2.54
C LEU A 21 -0.85 -9.71 4.02
N PRO A 22 -1.33 -10.90 4.41
CA PRO A 22 -1.24 -11.38 5.80
C PRO A 22 0.19 -11.58 6.26
N ASN A 23 1.12 -11.65 5.30
CA ASN A 23 2.52 -11.84 5.63
C ASN A 23 3.25 -10.50 5.67
N GLY A 24 2.50 -9.42 5.90
CA GLY A 24 3.09 -8.10 5.95
C GLY A 24 3.62 -7.68 4.60
N ARG A 25 2.76 -7.73 3.59
CA ARG A 25 3.16 -7.34 2.24
C ARG A 25 2.03 -6.62 1.52
N TYR A 26 2.28 -6.23 0.27
CA TYR A 26 1.29 -5.51 -0.49
C TYR A 26 1.18 -6.00 -1.94
N ASP A 27 -0.04 -5.88 -2.48
CA ASP A 27 -0.33 -6.30 -3.84
C ASP A 27 -1.40 -5.39 -4.43
N GLU A 28 -1.03 -4.57 -5.41
CA GLU A 28 -1.99 -3.65 -6.00
C GLU A 28 -2.46 -4.13 -7.38
N ALA A 29 -3.78 -4.10 -7.56
CA ALA A 29 -4.40 -4.51 -8.81
C ALA A 29 -5.21 -3.36 -9.39
N ARG A 30 -4.67 -2.74 -10.43
CA ARG A 30 -5.34 -1.61 -11.09
C ARG A 30 -6.10 -2.08 -12.33
N GLY A 31 -7.21 -1.40 -12.61
CA GLY A 31 -8.02 -1.75 -13.77
C GLY A 31 -7.21 -1.87 -15.04
N ASN A 32 -7.51 -2.89 -15.83
CA ASN A 32 -6.80 -3.12 -17.09
C ASN A 32 -5.30 -3.24 -16.86
N ARG A 33 -4.91 -3.61 -15.64
CA ARG A 33 -3.51 -3.77 -15.28
C ARG A 33 -3.36 -4.28 -13.86
N LYS A 34 -3.82 -5.50 -13.61
CA LYS A 34 -3.72 -6.10 -12.28
C LYS A 34 -2.29 -6.57 -12.01
N SER A 35 -2.02 -6.94 -10.76
CA SER A 35 -0.69 -7.41 -10.39
C SER A 35 0.38 -6.43 -10.89
N ALA A 36 0.01 -5.16 -11.00
CA ALA A 36 0.92 -4.13 -11.47
C ALA A 36 2.23 -4.12 -10.67
N TYR A 37 2.10 -4.05 -9.34
CA TYR A 37 3.27 -4.02 -8.48
C TYR A 37 2.97 -4.64 -7.11
N GLN A 38 4.02 -5.16 -6.48
CA GLN A 38 3.92 -5.77 -5.17
C GLN A 38 5.29 -5.86 -4.52
N GLY A 39 5.32 -5.79 -3.20
CA GLY A 39 6.60 -5.85 -2.50
C GLY A 39 6.47 -5.98 -1.00
N ARG A 40 7.02 -5.02 -0.28
CA ARG A 40 6.95 -5.02 1.17
C ARG A 40 7.06 -3.60 1.70
N TYR A 41 6.70 -3.40 2.96
CA TYR A 41 6.76 -2.07 3.53
C TYR A 41 7.27 -2.08 4.95
N GLU A 42 7.83 -0.94 5.35
CA GLU A 42 8.35 -0.76 6.70
C GLU A 42 7.60 0.39 7.35
N VAL A 43 7.06 0.15 8.53
CA VAL A 43 6.29 1.18 9.24
C VAL A 43 7.08 1.78 10.39
N ARG A 44 7.10 3.12 10.44
CA ARG A 44 7.81 3.84 11.49
C ARG A 44 7.02 5.09 11.90
N GLY A 45 6.30 5.00 13.02
CA GLY A 45 5.53 6.12 13.50
C GLY A 45 4.50 6.59 12.48
N ALA A 46 3.83 5.63 11.85
CA ALA A 46 2.82 5.92 10.83
C ALA A 46 3.44 6.19 9.47
N HIS A 47 4.77 6.28 9.42
CA HIS A 47 5.47 6.50 8.17
C HIS A 47 5.89 5.18 7.58
N ILE A 48 5.54 4.94 6.31
CA ILE A 48 5.88 3.68 5.68
C ILE A 48 6.38 3.87 4.25
N ASN A 49 7.28 2.99 3.83
CA ASN A 49 7.83 3.01 2.49
C ASN A 49 7.80 1.62 1.88
N TYR A 50 7.55 1.56 0.58
CA TYR A 50 7.48 0.30 -0.14
C TYR A 50 8.79 0.04 -0.84
N TRP A 51 9.50 -1.01 -0.43
CA TRP A 51 10.77 -1.35 -1.08
C TRP A 51 10.61 -2.63 -1.88
N ASP A 52 10.25 -2.47 -3.15
CA ASP A 52 10.04 -3.60 -4.03
C ASP A 52 11.35 -4.35 -4.33
N ASP A 53 11.21 -5.60 -4.72
CA ASP A 53 12.37 -6.44 -5.05
C ASP A 53 12.82 -6.21 -6.48
N THR A 54 11.99 -5.54 -7.28
CA THR A 54 12.31 -5.27 -8.68
C THR A 54 13.02 -3.93 -8.84
N GLY A 55 13.69 -3.49 -7.79
CA GLY A 55 14.44 -2.25 -7.84
C GLY A 55 13.58 -1.00 -7.74
N PHE A 56 12.42 -1.08 -7.10
CA PHE A 56 11.55 0.08 -6.95
C PHE A 56 11.34 0.37 -5.48
N THR A 57 10.86 1.57 -5.20
CA THR A 57 10.57 1.97 -3.83
C THR A 57 9.61 3.15 -3.80
N ALA A 58 8.70 3.14 -2.83
CA ALA A 58 7.72 4.21 -2.70
C ALA A 58 7.46 4.56 -1.23
N ASP A 59 7.70 5.82 -0.88
CA ASP A 59 7.50 6.26 0.49
C ASP A 59 6.06 6.74 0.73
N GLY A 60 5.63 6.69 1.98
CA GLY A 60 4.29 7.12 2.33
C GLY A 60 4.13 7.32 3.83
N ASP A 61 2.92 7.61 4.27
CA ASP A 61 2.66 7.83 5.69
C ASP A 61 1.15 7.86 5.98
N PHE A 62 0.75 7.11 7.01
CA PHE A 62 -0.64 7.06 7.40
C PHE A 62 -1.08 8.38 8.02
N VAL A 63 -1.93 9.10 7.30
CA VAL A 63 -2.44 10.39 7.77
C VAL A 63 -3.62 10.19 8.72
N SER A 64 -4.24 9.01 8.67
CA SER A 64 -5.38 8.71 9.53
C SER A 64 -5.40 7.24 9.90
N ALA A 65 -6.51 6.80 10.50
CA ALA A 65 -6.66 5.41 10.90
C ALA A 65 -7.10 4.54 9.73
N ASN A 66 -7.81 5.14 8.77
CA ASN A 66 -8.29 4.42 7.61
C ASN A 66 -7.80 5.05 6.31
N GLU A 67 -7.03 6.13 6.42
CA GLU A 67 -6.50 6.81 5.23
C GLU A 67 -5.01 6.54 5.07
N LEU A 68 -4.55 6.48 3.83
CA LEU A 68 -3.15 6.22 3.54
C LEU A 68 -2.61 7.24 2.55
N HIS A 69 -1.36 7.64 2.74
CA HIS A 69 -0.73 8.59 1.85
C HIS A 69 0.59 8.03 1.33
N HIS A 70 0.60 7.66 0.06
CA HIS A 70 1.81 7.10 -0.55
C HIS A 70 1.91 7.51 -2.01
N GLY A 71 3.11 7.87 -2.43
CA GLY A 71 3.32 8.30 -3.80
C GLY A 71 2.42 9.46 -4.18
N GLY A 72 1.96 10.19 -3.17
CA GLY A 72 1.09 11.32 -3.41
C GLY A 72 -0.34 10.91 -3.67
N MET A 73 -0.71 9.72 -3.20
CA MET A 73 -2.06 9.21 -3.40
C MET A 73 -2.80 9.06 -2.07
N THR A 74 -4.12 8.92 -2.16
CA THR A 74 -4.95 8.76 -0.97
C THR A 74 -5.63 7.39 -1.02
N PHE A 75 -5.16 6.48 -0.16
CA PHE A 75 -5.70 5.13 -0.13
C PHE A 75 -6.50 4.87 1.16
N TYR A 76 -7.73 4.40 0.99
CA TYR A 76 -8.59 4.11 2.13
C TYR A 76 -8.64 2.61 2.38
N ARG A 77 -8.74 2.23 3.64
CA ARG A 77 -8.78 0.81 4.01
C ARG A 77 -10.12 0.17 3.65
N GLU A 78 -10.02 -1.04 3.09
CA GLU A 78 -11.15 -1.87 2.68
C GLU A 78 -12.28 -1.05 2.02
N LYS A 79 -12.79 -0.06 2.72
CA LYS A 79 -13.87 0.78 2.18
C LYS A 79 -15.14 -0.03 1.97
N MET A 1 12.31 -7.89 10.27
CA MET A 1 12.64 -6.50 9.88
C MET A 1 11.47 -5.82 9.18
N GLN A 2 10.25 -6.22 9.55
CA GLN A 2 9.05 -5.67 8.95
C GLN A 2 7.84 -5.88 9.87
N HIS A 3 6.80 -5.08 9.65
CA HIS A 3 5.59 -5.18 10.46
C HIS A 3 4.35 -5.25 9.57
N PRO A 4 3.82 -6.45 9.31
CA PRO A 4 2.63 -6.64 8.46
C PRO A 4 1.46 -5.78 8.90
N TYR A 5 0.46 -5.66 8.03
CA TYR A 5 -0.73 -4.87 8.34
C TYR A 5 -1.97 -5.47 7.71
N VAL A 6 -1.84 -5.92 6.46
CA VAL A 6 -2.97 -6.53 5.77
C VAL A 6 -4.13 -5.54 5.64
N GLY A 7 -4.64 -5.41 4.43
CA GLY A 7 -5.75 -4.50 4.18
C GLY A 7 -5.84 -4.07 2.74
N ILE A 8 -7.06 -3.86 2.25
CA ILE A 8 -7.25 -3.44 0.88
C ILE A 8 -7.36 -1.92 0.80
N TRP A 9 -6.24 -1.30 0.49
CA TRP A 9 -6.15 0.14 0.40
C TRP A 9 -6.49 0.61 -1.02
N VAL A 10 -7.67 1.20 -1.17
CA VAL A 10 -8.12 1.68 -2.46
C VAL A 10 -8.23 3.20 -2.50
N THR A 11 -8.15 3.75 -3.70
CA THR A 11 -8.23 5.20 -3.90
C THR A 11 -9.63 5.72 -3.58
N ALA A 12 -9.78 7.04 -3.59
CA ALA A 12 -11.06 7.67 -3.30
C ALA A 12 -12.02 7.54 -4.49
N ASP A 13 -11.47 7.28 -5.67
CA ASP A 13 -12.28 7.14 -6.87
C ASP A 13 -12.48 5.67 -7.22
N GLY A 14 -11.55 4.82 -6.79
CA GLY A 14 -11.65 3.40 -7.07
C GLY A 14 -11.02 3.04 -8.39
N ARG A 15 -10.08 3.87 -8.85
CA ARG A 15 -9.40 3.61 -10.11
C ARG A 15 -8.33 2.54 -9.93
N ILE A 16 -7.82 2.43 -8.70
CA ILE A 16 -6.79 1.45 -8.38
C ILE A 16 -7.03 0.86 -7.00
N ARG A 17 -6.51 -0.34 -6.78
CA ARG A 17 -6.69 -1.00 -5.49
C ARG A 17 -5.40 -1.69 -5.05
N GLN A 18 -4.99 -1.46 -3.81
CA GLN A 18 -3.78 -2.05 -3.27
C GLN A 18 -4.10 -2.96 -2.09
N GLU A 19 -3.90 -4.27 -2.27
CA GLU A 19 -4.17 -5.22 -1.21
C GLU A 19 -2.94 -5.52 -0.39
N LEU A 20 -3.06 -5.38 0.92
CA LEU A 20 -1.97 -5.69 1.81
C LEU A 20 -2.12 -7.14 2.24
N LEU A 21 -1.17 -7.95 1.82
CA LEU A 21 -1.21 -9.39 2.07
C LEU A 21 -1.06 -9.77 3.54
N PRO A 22 -1.55 -10.97 3.88
CA PRO A 22 -1.48 -11.50 5.25
C PRO A 22 -0.06 -11.74 5.72
N ASN A 23 0.88 -11.78 4.77
CA ASN A 23 2.27 -12.00 5.11
C ASN A 23 3.03 -10.67 5.20
N GLY A 24 2.29 -9.60 5.46
CA GLY A 24 2.90 -8.29 5.56
C GLY A 24 3.45 -7.82 4.24
N ARG A 25 2.60 -7.83 3.22
CA ARG A 25 3.01 -7.40 1.89
C ARG A 25 1.89 -6.63 1.19
N TYR A 26 2.16 -6.20 -0.04
CA TYR A 26 1.19 -5.42 -0.79
C TYR A 26 1.08 -5.89 -2.25
N ASP A 27 -0.12 -5.74 -2.79
CA ASP A 27 -0.42 -6.11 -4.17
C ASP A 27 -1.45 -5.15 -4.74
N GLU A 28 -1.04 -4.29 -5.66
CA GLU A 28 -1.96 -3.32 -6.24
C GLU A 28 -2.41 -3.72 -7.65
N ALA A 29 -3.72 -3.61 -7.86
CA ALA A 29 -4.32 -3.93 -9.15
C ALA A 29 -4.94 -2.68 -9.77
N ARG A 30 -4.28 -2.13 -10.77
CA ARG A 30 -4.76 -0.93 -11.44
C ARG A 30 -5.40 -1.26 -12.79
N GLY A 31 -6.69 -0.97 -12.91
CA GLY A 31 -7.40 -1.23 -14.16
C GLY A 31 -7.26 -2.68 -14.61
N ASN A 32 -7.46 -2.91 -15.91
CA ASN A 32 -7.36 -4.24 -16.48
C ASN A 32 -5.99 -4.87 -16.18
N ARG A 33 -5.00 -4.02 -15.91
CA ARG A 33 -3.66 -4.50 -15.60
C ARG A 33 -3.51 -4.72 -14.10
N LYS A 34 -3.94 -5.90 -13.64
CA LYS A 34 -3.85 -6.23 -12.23
C LYS A 34 -2.41 -6.59 -11.84
N SER A 35 -2.20 -6.75 -10.54
CA SER A 35 -0.88 -7.10 -10.02
C SER A 35 0.22 -6.27 -10.69
N ALA A 36 -0.10 -5.03 -11.02
CA ALA A 36 0.85 -4.14 -11.65
C ALA A 36 2.17 -4.08 -10.89
N TYR A 37 2.07 -3.93 -9.58
CA TYR A 37 3.25 -3.86 -8.72
C TYR A 37 2.95 -4.43 -7.34
N GLN A 38 3.94 -5.12 -6.78
CA GLN A 38 3.82 -5.71 -5.46
C GLN A 38 5.19 -5.80 -4.79
N GLY A 39 5.23 -5.72 -3.47
CA GLY A 39 6.50 -5.79 -2.78
C GLY A 39 6.35 -5.96 -1.28
N ARG A 40 6.91 -5.04 -0.52
CA ARG A 40 6.84 -5.09 0.93
C ARG A 40 6.99 -3.69 1.49
N TYR A 41 6.63 -3.52 2.75
CA TYR A 41 6.71 -2.20 3.36
C TYR A 41 7.25 -2.27 4.79
N GLU A 42 7.80 -1.14 5.23
CA GLU A 42 8.32 -1.02 6.58
C GLU A 42 7.58 0.10 7.30
N VAL A 43 7.04 -0.20 8.47
CA VAL A 43 6.27 0.79 9.22
C VAL A 43 7.07 1.35 10.41
N ARG A 44 7.13 2.68 10.48
CA ARG A 44 7.84 3.36 11.56
C ARG A 44 7.06 4.58 12.03
N GLY A 45 6.33 4.42 13.13
CA GLY A 45 5.54 5.52 13.66
C GLY A 45 4.51 6.03 12.67
N ALA A 46 3.83 5.10 12.01
CA ALA A 46 2.82 5.43 11.01
C ALA A 46 3.44 5.76 9.65
N HIS A 47 4.77 5.85 9.61
CA HIS A 47 5.47 6.12 8.36
C HIS A 47 5.87 4.81 7.69
N ILE A 48 5.47 4.64 6.44
CA ILE A 48 5.79 3.41 5.73
C ILE A 48 6.28 3.67 4.32
N ASN A 49 7.16 2.79 3.85
CA ASN A 49 7.73 2.89 2.52
C ASN A 49 7.72 1.52 1.85
N TYR A 50 7.50 1.49 0.54
CA TYR A 50 7.46 0.23 -0.20
C TYR A 50 8.80 -0.05 -0.86
N TRP A 51 9.45 -1.15 -0.47
CA TRP A 51 10.72 -1.52 -1.06
C TRP A 51 10.54 -2.77 -1.92
N ASP A 52 10.26 -2.54 -3.19
CA ASP A 52 10.05 -3.64 -4.14
C ASP A 52 11.34 -4.38 -4.44
N ASP A 53 11.20 -5.64 -4.84
CA ASP A 53 12.35 -6.47 -5.19
C ASP A 53 12.77 -6.25 -6.64
N THR A 54 11.91 -5.59 -7.42
CA THR A 54 12.21 -5.33 -8.83
C THR A 54 12.93 -4.00 -9.03
N GLY A 55 13.61 -3.54 -7.98
CA GLY A 55 14.38 -2.32 -8.07
C GLY A 55 13.56 -1.04 -7.90
N PHE A 56 12.39 -1.12 -7.26
CA PHE A 56 11.58 0.06 -7.04
C PHE A 56 11.40 0.30 -5.55
N THR A 57 10.97 1.51 -5.22
CA THR A 57 10.72 1.85 -3.83
C THR A 57 9.79 3.06 -3.74
N ALA A 58 8.89 3.01 -2.77
CA ALA A 58 7.93 4.09 -2.55
C ALA A 58 7.99 4.55 -1.10
N ASP A 59 7.19 5.55 -0.81
CA ASP A 59 7.14 6.11 0.55
C ASP A 59 5.73 6.60 0.88
N GLY A 60 5.38 6.52 2.16
CA GLY A 60 4.06 6.96 2.60
C GLY A 60 3.97 7.11 4.10
N ASP A 61 2.77 7.38 4.61
CA ASP A 61 2.56 7.53 6.04
C ASP A 61 1.07 7.56 6.38
N PHE A 62 0.68 6.74 7.34
CA PHE A 62 -0.71 6.67 7.75
C PHE A 62 -1.14 7.95 8.46
N VAL A 63 -1.99 8.71 7.80
CA VAL A 63 -2.49 9.96 8.37
C VAL A 63 -3.70 9.72 9.26
N SER A 64 -4.32 8.56 9.13
CA SER A 64 -5.49 8.22 9.94
C SER A 64 -5.55 6.72 10.21
N ALA A 65 -6.68 6.26 10.72
CA ALA A 65 -6.86 4.85 11.03
C ALA A 65 -7.28 4.06 9.78
N ASN A 66 -7.93 4.74 8.84
CA ASN A 66 -8.39 4.11 7.61
C ASN A 66 -7.87 4.84 6.37
N GLU A 67 -7.09 5.90 6.58
CA GLU A 67 -6.55 6.67 5.46
C GLU A 67 -5.05 6.40 5.31
N LEU A 68 -4.58 6.43 4.07
CA LEU A 68 -3.17 6.19 3.77
C LEU A 68 -2.64 7.28 2.85
N HIS A 69 -1.39 7.67 3.08
CA HIS A 69 -0.75 8.69 2.27
C HIS A 69 0.57 8.19 1.71
N HIS A 70 0.61 7.92 0.42
CA HIS A 70 1.84 7.44 -0.22
C HIS A 70 1.96 8.01 -1.63
N GLY A 71 3.16 8.46 -1.98
CA GLY A 71 3.38 9.03 -3.29
C GLY A 71 2.46 10.19 -3.58
N GLY A 72 1.94 10.81 -2.51
CA GLY A 72 1.04 11.93 -2.66
C GLY A 72 -0.38 11.49 -3.00
N MET A 73 -0.72 10.26 -2.64
CA MET A 73 -2.04 9.73 -2.91
C MET A 73 -2.81 9.47 -1.62
N THR A 74 -4.12 9.30 -1.75
CA THR A 74 -4.97 9.01 -0.59
C THR A 74 -5.62 7.66 -0.75
N PHE A 75 -5.15 6.70 0.03
CA PHE A 75 -5.68 5.33 -0.02
C PHE A 75 -6.49 5.00 1.22
N TYR A 76 -7.72 4.56 1.02
CA TYR A 76 -8.60 4.20 2.12
C TYR A 76 -8.69 2.69 2.27
N ARG A 77 -8.80 2.23 3.50
CA ARG A 77 -8.87 0.80 3.77
C ARG A 77 -10.21 0.20 3.35
N GLU A 78 -10.12 -0.97 2.73
CA GLU A 78 -11.27 -1.74 2.23
C GLU A 78 -12.35 -0.87 1.59
N LYS A 79 -12.86 0.11 2.33
CA LYS A 79 -13.90 1.01 1.82
C LYS A 79 -15.21 0.24 1.60
N MET A 1 11.89 -7.09 11.88
CA MET A 1 11.88 -7.30 10.40
C MET A 1 10.52 -6.95 9.80
N GLN A 2 10.30 -5.67 9.56
CA GLN A 2 9.05 -5.20 8.98
C GLN A 2 7.87 -5.54 9.89
N HIS A 3 6.78 -4.79 9.74
CA HIS A 3 5.58 -5.01 10.55
C HIS A 3 4.35 -5.12 9.68
N PRO A 4 3.82 -6.35 9.48
CA PRO A 4 2.63 -6.58 8.66
C PRO A 4 1.44 -5.72 9.07
N TYR A 5 0.44 -5.63 8.20
CA TYR A 5 -0.75 -4.85 8.47
C TYR A 5 -1.98 -5.49 7.84
N VAL A 6 -1.84 -5.95 6.60
CA VAL A 6 -2.95 -6.58 5.91
C VAL A 6 -4.13 -5.63 5.77
N GLY A 7 -4.64 -5.51 4.54
CA GLY A 7 -5.76 -4.63 4.29
C GLY A 7 -5.85 -4.21 2.85
N ILE A 8 -7.07 -4.01 2.35
CA ILE A 8 -7.26 -3.59 0.96
C ILE A 8 -7.37 -2.08 0.89
N TRP A 9 -6.24 -1.46 0.58
CA TRP A 9 -6.17 0.00 0.49
C TRP A 9 -6.51 0.46 -0.92
N VAL A 10 -7.69 1.05 -1.06
CA VAL A 10 -8.15 1.53 -2.36
C VAL A 10 -8.27 3.05 -2.39
N THR A 11 -8.18 3.62 -3.59
CA THR A 11 -8.26 5.06 -3.77
C THR A 11 -9.66 5.58 -3.44
N ALA A 12 -9.84 6.89 -3.51
CA ALA A 12 -11.13 7.51 -3.21
C ALA A 12 -12.10 7.36 -4.38
N ASP A 13 -11.56 7.11 -5.57
CA ASP A 13 -12.40 6.94 -6.75
C ASP A 13 -12.56 5.47 -7.11
N GLY A 14 -11.58 4.66 -6.71
CA GLY A 14 -11.64 3.24 -7.00
C GLY A 14 -10.97 2.91 -8.32
N ARG A 15 -10.06 3.77 -8.76
CA ARG A 15 -9.34 3.54 -10.01
C ARG A 15 -8.27 2.48 -9.82
N ILE A 16 -7.78 2.36 -8.60
CA ILE A 16 -6.76 1.36 -8.28
C ILE A 16 -7.01 0.77 -6.91
N ARG A 17 -6.52 -0.45 -6.69
CA ARG A 17 -6.69 -1.12 -5.42
C ARG A 17 -5.40 -1.82 -5.00
N GLN A 18 -5.01 -1.62 -3.74
CA GLN A 18 -3.80 -2.24 -3.21
C GLN A 18 -4.10 -3.12 -2.01
N GLU A 19 -3.90 -4.42 -2.16
CA GLU A 19 -4.16 -5.36 -1.09
C GLU A 19 -2.92 -5.62 -0.26
N LEU A 20 -3.05 -5.48 1.04
CA LEU A 20 -1.95 -5.77 1.94
C LEU A 20 -2.09 -7.20 2.40
N LEU A 21 -1.13 -8.02 1.98
CA LEU A 21 -1.15 -9.45 2.25
C LEU A 21 -0.99 -9.80 3.73
N PRO A 22 -1.44 -11.02 4.09
CA PRO A 22 -1.40 -11.52 5.46
C PRO A 22 0.03 -11.67 5.98
N ASN A 23 1.00 -11.73 5.07
CA ASN A 23 2.39 -11.87 5.47
C ASN A 23 3.06 -10.50 5.56
N GLY A 24 2.26 -9.46 5.71
CA GLY A 24 2.81 -8.11 5.80
C GLY A 24 3.39 -7.67 4.48
N ARG A 25 2.59 -7.79 3.44
CA ARG A 25 3.02 -7.42 2.10
C ARG A 25 1.92 -6.67 1.36
N TYR A 26 2.20 -6.28 0.12
CA TYR A 26 1.22 -5.52 -0.65
C TYR A 26 1.12 -6.01 -2.10
N ASP A 27 -0.07 -5.81 -2.67
CA ASP A 27 -0.35 -6.20 -4.05
C ASP A 27 -1.41 -5.27 -4.62
N GLU A 28 -1.01 -4.44 -5.58
CA GLU A 28 -1.94 -3.49 -6.18
C GLU A 28 -2.40 -3.94 -7.56
N ALA A 29 -3.71 -3.85 -7.78
CA ALA A 29 -4.30 -4.22 -9.05
C ALA A 29 -5.02 -3.01 -9.65
N ARG A 30 -4.42 -2.42 -10.67
CA ARG A 30 -4.99 -1.25 -11.33
C ARG A 30 -5.64 -1.62 -12.66
N GLY A 31 -6.97 -1.51 -12.71
CA GLY A 31 -7.69 -1.83 -13.93
C GLY A 31 -7.36 -3.20 -14.48
N ASN A 32 -7.46 -3.35 -15.79
CA ASN A 32 -7.16 -4.62 -16.45
C ASN A 32 -5.74 -5.07 -16.16
N ARG A 33 -4.88 -4.12 -15.77
CA ARG A 33 -3.49 -4.44 -15.46
C ARG A 33 -3.31 -4.70 -13.97
N LYS A 34 -3.72 -5.89 -13.53
CA LYS A 34 -3.60 -6.28 -12.14
C LYS A 34 -2.17 -6.69 -11.82
N SER A 35 -1.88 -6.85 -10.53
CA SER A 35 -0.53 -7.24 -10.10
C SER A 35 0.52 -6.33 -10.72
N ALA A 36 0.13 -5.08 -10.96
CA ALA A 36 1.04 -4.10 -11.55
C ALA A 36 2.32 -3.99 -10.74
N TYR A 37 2.19 -3.96 -9.43
CA TYR A 37 3.33 -3.86 -8.52
C TYR A 37 3.03 -4.46 -7.16
N GLN A 38 4.03 -5.13 -6.59
CA GLN A 38 3.90 -5.77 -5.28
C GLN A 38 5.27 -5.83 -4.61
N GLY A 39 5.28 -5.78 -3.28
CA GLY A 39 6.54 -5.84 -2.57
C GLY A 39 6.37 -6.00 -1.08
N ARG A 40 6.93 -5.06 -0.33
CA ARG A 40 6.84 -5.09 1.13
C ARG A 40 6.96 -3.67 1.67
N TYR A 41 6.59 -3.48 2.92
CA TYR A 41 6.67 -2.16 3.53
C TYR A 41 7.19 -2.22 4.95
N GLU A 42 7.72 -1.08 5.38
CA GLU A 42 8.24 -0.93 6.73
C GLU A 42 7.48 0.19 7.44
N VAL A 43 6.94 -0.10 8.61
CA VAL A 43 6.17 0.90 9.35
C VAL A 43 6.96 1.48 10.51
N ARG A 44 7.03 2.81 10.55
CA ARG A 44 7.74 3.52 11.60
C ARG A 44 6.95 4.72 12.09
N GLY A 45 6.13 4.51 13.13
CA GLY A 45 5.32 5.58 13.66
C GLY A 45 4.31 6.08 12.65
N ALA A 46 3.66 5.15 11.95
CA ALA A 46 2.65 5.49 10.93
C ALA A 46 3.31 5.79 9.58
N HIS A 47 4.63 5.93 9.57
CA HIS A 47 5.36 6.21 8.34
C HIS A 47 5.83 4.91 7.71
N ILE A 48 5.49 4.67 6.46
CA ILE A 48 5.89 3.44 5.79
C ILE A 48 6.33 3.67 4.35
N ASN A 49 7.28 2.86 3.91
CA ASN A 49 7.79 2.93 2.55
C ASN A 49 7.77 1.54 1.91
N TYR A 50 7.53 1.48 0.61
CA TYR A 50 7.49 0.21 -0.10
C TYR A 50 8.82 -0.09 -0.77
N TRP A 51 9.46 -1.19 -0.36
CA TRP A 51 10.73 -1.58 -0.95
C TRP A 51 10.54 -2.81 -1.81
N ASP A 52 10.27 -2.60 -3.09
CA ASP A 52 10.06 -3.71 -4.03
C ASP A 52 11.34 -4.45 -4.33
N ASP A 53 11.19 -5.71 -4.72
CA ASP A 53 12.34 -6.55 -5.06
C ASP A 53 12.75 -6.35 -6.52
N THR A 54 11.89 -5.68 -7.30
CA THR A 54 12.18 -5.45 -8.71
C THR A 54 12.93 -4.14 -8.92
N GLY A 55 13.61 -3.67 -7.88
CA GLY A 55 14.39 -2.45 -7.98
C GLY A 55 13.60 -1.16 -7.82
N PHE A 56 12.43 -1.22 -7.17
CA PHE A 56 11.64 -0.02 -6.96
C PHE A 56 11.43 0.20 -5.47
N THR A 57 11.04 1.43 -5.14
CA THR A 57 10.76 1.78 -3.76
C THR A 57 9.82 2.98 -3.68
N ALA A 58 8.90 2.93 -2.74
CA ALA A 58 7.95 4.01 -2.55
C ALA A 58 7.99 4.50 -1.11
N ASP A 59 7.18 5.51 -0.83
CA ASP A 59 7.10 6.08 0.51
C ASP A 59 5.69 6.54 0.83
N GLY A 60 5.31 6.42 2.10
CA GLY A 60 3.99 6.83 2.52
C GLY A 60 3.91 7.04 4.02
N ASP A 61 2.71 7.36 4.51
CA ASP A 61 2.51 7.59 5.95
C ASP A 61 1.03 7.64 6.29
N PHE A 62 0.61 6.78 7.21
CA PHE A 62 -0.78 6.74 7.64
C PHE A 62 -1.18 8.03 8.33
N VAL A 63 -2.02 8.80 7.66
CA VAL A 63 -2.50 10.07 8.20
C VAL A 63 -3.69 9.86 9.14
N SER A 64 -4.34 8.70 9.02
CA SER A 64 -5.48 8.39 9.87
C SER A 64 -5.52 6.90 10.19
N ALA A 65 -6.66 6.42 10.71
CA ALA A 65 -6.81 5.02 11.06
C ALA A 65 -7.23 4.19 9.85
N ASN A 66 -7.93 4.82 8.91
CA ASN A 66 -8.39 4.14 7.71
C ASN A 66 -7.89 4.84 6.44
N GLU A 67 -7.12 5.90 6.60
CA GLU A 67 -6.59 6.63 5.46
C GLU A 67 -5.09 6.37 5.30
N LEU A 68 -4.63 6.42 4.06
CA LEU A 68 -3.21 6.17 3.76
C LEU A 68 -2.69 7.24 2.81
N HIS A 69 -1.43 7.61 2.99
CA HIS A 69 -0.80 8.61 2.14
C HIS A 69 0.51 8.08 1.56
N HIS A 70 0.49 7.79 0.26
CA HIS A 70 1.69 7.28 -0.41
C HIS A 70 1.83 7.91 -1.80
N GLY A 71 3.04 8.35 -2.12
CA GLY A 71 3.28 8.97 -3.42
C GLY A 71 2.33 10.12 -3.67
N GLY A 72 1.79 10.70 -2.60
CA GLY A 72 0.87 11.80 -2.74
C GLY A 72 -0.54 11.36 -3.04
N MET A 73 -0.85 10.09 -2.77
CA MET A 73 -2.17 9.56 -3.02
C MET A 73 -2.92 9.31 -1.72
N THR A 74 -4.23 9.15 -1.82
CA THR A 74 -5.07 8.89 -0.66
C THR A 74 -5.72 7.52 -0.77
N PHE A 75 -5.24 6.58 0.04
CA PHE A 75 -5.76 5.22 0.01
C PHE A 75 -6.56 4.91 1.26
N TYR A 76 -7.78 4.43 1.07
CA TYR A 76 -8.65 4.08 2.19
C TYR A 76 -8.70 2.57 2.36
N ARG A 77 -8.82 2.14 3.61
CA ARG A 77 -8.85 0.71 3.92
C ARG A 77 -10.17 0.07 3.49
N GLU A 78 -10.06 -1.12 2.91
CA GLU A 78 -11.18 -1.93 2.44
C GLU A 78 -12.29 -1.11 1.77
N LYS A 79 -12.82 -0.13 2.49
CA LYS A 79 -13.89 0.71 1.96
C LYS A 79 -15.14 -0.10 1.68
N MET A 1 8.87 -6.32 5.34
CA MET A 1 8.04 -7.23 6.17
C MET A 1 8.47 -7.17 7.64
N GLN A 2 8.67 -5.96 8.14
CA GLN A 2 9.08 -5.77 9.53
C GLN A 2 7.88 -5.65 10.45
N HIS A 3 6.76 -5.22 9.89
CA HIS A 3 5.53 -5.06 10.65
C HIS A 3 4.31 -5.16 9.73
N PRO A 4 3.75 -6.37 9.56
CA PRO A 4 2.57 -6.59 8.72
C PRO A 4 1.40 -5.72 9.12
N TYR A 5 0.42 -5.59 8.22
CA TYR A 5 -0.77 -4.78 8.49
C TYR A 5 -2.00 -5.43 7.89
N VAL A 6 -1.87 -5.89 6.65
CA VAL A 6 -2.98 -6.54 5.97
C VAL A 6 -4.16 -5.57 5.82
N GLY A 7 -4.67 -5.46 4.61
CA GLY A 7 -5.79 -4.58 4.36
C GLY A 7 -5.89 -4.18 2.90
N ILE A 8 -7.11 -3.96 2.41
CA ILE A 8 -7.30 -3.57 1.03
C ILE A 8 -7.39 -2.06 0.92
N TRP A 9 -6.26 -1.45 0.60
CA TRP A 9 -6.17 0.00 0.48
C TRP A 9 -6.49 0.44 -0.95
N VAL A 10 -7.68 1.03 -1.10
CA VAL A 10 -8.14 1.49 -2.41
C VAL A 10 -8.24 3.01 -2.45
N THR A 11 -8.15 3.56 -3.66
CA THR A 11 -8.25 5.01 -3.85
C THR A 11 -9.64 5.53 -3.51
N ALA A 12 -9.81 6.84 -3.62
CA ALA A 12 -11.10 7.47 -3.32
C ALA A 12 -12.09 7.29 -4.47
N ASP A 13 -11.59 7.01 -5.65
CA ASP A 13 -12.44 6.83 -6.82
C ASP A 13 -12.60 5.35 -7.16
N GLY A 14 -11.62 4.55 -6.79
CA GLY A 14 -11.67 3.12 -7.06
C GLY A 14 -11.00 2.77 -8.37
N ARG A 15 -10.07 3.62 -8.81
CA ARG A 15 -9.35 3.37 -10.05
C ARG A 15 -8.30 2.29 -9.85
N ILE A 16 -7.76 2.23 -8.64
CA ILE A 16 -6.75 1.23 -8.32
C ILE A 16 -7.00 0.66 -6.92
N ARG A 17 -6.51 -0.55 -6.70
CA ARG A 17 -6.69 -1.20 -5.41
C ARG A 17 -5.40 -1.89 -4.97
N GLN A 18 -5.02 -1.66 -3.71
CA GLN A 18 -3.80 -2.26 -3.17
C GLN A 18 -4.12 -3.14 -1.97
N GLU A 19 -3.92 -4.44 -2.12
CA GLU A 19 -4.20 -5.38 -1.04
C GLU A 19 -2.96 -5.65 -0.21
N LEU A 20 -3.09 -5.49 1.10
CA LEU A 20 -2.00 -5.77 2.00
C LEU A 20 -2.14 -7.22 2.46
N LEU A 21 -1.20 -8.03 2.03
CA LEU A 21 -1.22 -9.47 2.30
C LEU A 21 -1.07 -9.81 3.78
N PRO A 22 -1.57 -11.01 4.15
CA PRO A 22 -1.51 -11.52 5.53
C PRO A 22 -0.08 -11.74 6.00
N ASN A 23 0.86 -11.79 5.07
CA ASN A 23 2.25 -12.00 5.41
C ASN A 23 3.00 -10.67 5.50
N GLY A 24 2.24 -9.60 5.73
CA GLY A 24 2.85 -8.28 5.83
C GLY A 24 3.41 -7.82 4.50
N ARG A 25 2.57 -7.85 3.46
CA ARG A 25 2.99 -7.45 2.13
C ARG A 25 1.88 -6.72 1.41
N TYR A 26 2.15 -6.29 0.17
CA TYR A 26 1.17 -5.56 -0.60
C TYR A 26 1.08 -6.03 -2.05
N ASP A 27 -0.11 -5.89 -2.61
CA ASP A 27 -0.40 -6.27 -3.99
C ASP A 27 -1.44 -5.33 -4.58
N GLU A 28 -1.03 -4.51 -5.54
CA GLU A 28 -1.95 -3.55 -6.13
C GLU A 28 -2.42 -3.99 -7.52
N ALA A 29 -3.72 -3.85 -7.75
CA ALA A 29 -4.32 -4.20 -9.03
C ALA A 29 -5.01 -2.97 -9.63
N ARG A 30 -4.39 -2.39 -10.64
CA ARG A 30 -4.94 -1.20 -11.29
C ARG A 30 -5.61 -1.54 -12.62
N GLY A 31 -6.93 -1.39 -12.65
CA GLY A 31 -7.68 -1.68 -13.87
C GLY A 31 -7.41 -3.07 -14.41
N ASN A 32 -7.52 -3.23 -15.73
CA ASN A 32 -7.28 -4.51 -16.38
C ASN A 32 -5.88 -5.02 -16.08
N ARG A 33 -4.98 -4.11 -15.71
CA ARG A 33 -3.59 -4.48 -15.41
C ARG A 33 -3.42 -4.74 -13.92
N LYS A 34 -3.84 -5.92 -13.47
CA LYS A 34 -3.73 -6.29 -12.07
C LYS A 34 -2.31 -6.77 -11.75
N SER A 35 -2.01 -6.92 -10.47
CA SER A 35 -0.68 -7.36 -10.05
C SER A 35 0.40 -6.48 -10.68
N ALA A 36 0.06 -5.23 -10.93
CA ALA A 36 0.99 -4.29 -11.54
C ALA A 36 2.29 -4.22 -10.73
N TYR A 37 2.16 -4.10 -9.42
CA TYR A 37 3.31 -4.02 -8.54
C TYR A 37 3.00 -4.64 -7.17
N GLN A 38 4.04 -5.18 -6.54
CA GLN A 38 3.90 -5.80 -5.23
C GLN A 38 5.27 -5.88 -4.55
N GLY A 39 5.28 -5.82 -3.22
CA GLY A 39 6.54 -5.88 -2.51
C GLY A 39 6.36 -6.02 -1.01
N ARG A 40 6.91 -5.07 -0.27
CA ARG A 40 6.81 -5.09 1.17
C ARG A 40 6.93 -3.67 1.71
N TYR A 41 6.53 -3.46 2.94
CA TYR A 41 6.59 -2.14 3.53
C TYR A 41 7.10 -2.17 4.96
N GLU A 42 7.66 -1.05 5.38
CA GLU A 42 8.17 -0.90 6.74
C GLU A 42 7.43 0.22 7.43
N VAL A 43 6.88 -0.05 8.61
CA VAL A 43 6.12 0.95 9.34
C VAL A 43 6.91 1.53 10.50
N ARG A 44 6.97 2.86 10.57
CA ARG A 44 7.69 3.55 11.63
C ARG A 44 6.89 4.76 12.11
N GLY A 45 6.11 4.58 13.17
CA GLY A 45 5.31 5.67 13.70
C GLY A 45 4.30 6.17 12.69
N ALA A 46 3.64 5.25 11.99
CA ALA A 46 2.64 5.59 10.98
C ALA A 46 3.28 5.89 9.63
N HIS A 47 4.61 6.04 9.61
CA HIS A 47 5.33 6.32 8.38
C HIS A 47 5.81 5.01 7.77
N ILE A 48 5.53 4.79 6.49
CA ILE A 48 5.94 3.55 5.85
C ILE A 48 6.35 3.76 4.40
N ASN A 49 7.23 2.89 3.91
CA ASN A 49 7.70 2.93 2.54
C ASN A 49 7.65 1.54 1.93
N TYR A 50 7.46 1.50 0.62
CA TYR A 50 7.38 0.23 -0.11
C TYR A 50 8.70 -0.05 -0.81
N TRP A 51 9.39 -1.11 -0.42
CA TRP A 51 10.66 -1.46 -1.05
C TRP A 51 10.49 -2.71 -1.90
N ASP A 52 10.14 -2.51 -3.16
CA ASP A 52 9.94 -3.64 -4.09
C ASP A 52 11.23 -4.39 -4.36
N ASP A 53 11.08 -5.63 -4.80
CA ASP A 53 12.22 -6.47 -5.12
C ASP A 53 12.71 -6.22 -6.55
N THR A 54 11.90 -5.51 -7.34
CA THR A 54 12.26 -5.22 -8.72
C THR A 54 13.01 -3.89 -8.84
N GLY A 55 13.66 -3.49 -7.75
CA GLY A 55 14.43 -2.26 -7.77
C GLY A 55 13.60 -0.99 -7.64
N PHE A 56 12.42 -1.07 -7.03
CA PHE A 56 11.58 0.10 -6.86
C PHE A 56 11.35 0.36 -5.39
N THR A 57 10.90 1.57 -5.09
CA THR A 57 10.59 1.93 -3.71
C THR A 57 9.69 3.15 -3.66
N ALA A 58 8.76 3.15 -2.71
CA ALA A 58 7.82 4.25 -2.56
C ALA A 58 7.53 4.54 -1.08
N ASP A 59 7.81 5.77 -0.65
CA ASP A 59 7.59 6.16 0.72
C ASP A 59 6.19 6.75 0.92
N GLY A 60 5.67 6.63 2.13
CA GLY A 60 4.34 7.17 2.43
C GLY A 60 4.18 7.50 3.90
N ASP A 61 2.93 7.70 4.33
CA ASP A 61 2.66 8.02 5.72
C ASP A 61 1.17 7.91 6.02
N PHE A 62 0.84 7.25 7.12
CA PHE A 62 -0.55 7.07 7.52
C PHE A 62 -1.12 8.35 8.13
N VAL A 63 -2.02 8.98 7.39
CA VAL A 63 -2.66 10.21 7.86
C VAL A 63 -3.89 9.91 8.71
N SER A 64 -4.30 8.64 8.74
CA SER A 64 -5.46 8.23 9.52
C SER A 64 -5.52 6.70 9.62
N ALA A 65 -6.19 6.21 10.66
CA ALA A 65 -6.32 4.79 10.88
C ALA A 65 -6.93 4.08 9.67
N ASN A 66 -7.66 4.84 8.85
CA ASN A 66 -8.31 4.28 7.67
C ASN A 66 -7.79 4.94 6.38
N GLU A 67 -7.04 6.02 6.52
CA GLU A 67 -6.51 6.72 5.36
C GLU A 67 -5.01 6.47 5.21
N LEU A 68 -4.54 6.45 3.97
CA LEU A 68 -3.13 6.22 3.67
C LEU A 68 -2.61 7.25 2.69
N HIS A 69 -1.37 7.67 2.88
CA HIS A 69 -0.76 8.65 1.99
C HIS A 69 0.57 8.13 1.44
N HIS A 70 0.59 7.79 0.16
CA HIS A 70 1.81 7.29 -0.47
C HIS A 70 1.93 7.82 -1.89
N GLY A 71 3.14 8.26 -2.26
CA GLY A 71 3.36 8.79 -3.59
C GLY A 71 2.42 9.93 -3.92
N GLY A 72 1.91 10.59 -2.87
CA GLY A 72 0.99 11.69 -3.07
C GLY A 72 -0.42 11.23 -3.37
N MET A 73 -0.75 10.01 -2.97
CA MET A 73 -2.07 9.46 -3.20
C MET A 73 -2.82 9.25 -1.90
N THR A 74 -4.13 9.07 -2.00
CA THR A 74 -4.96 8.83 -0.82
C THR A 74 -5.62 7.47 -0.91
N PHE A 75 -5.14 6.54 -0.08
CA PHE A 75 -5.66 5.18 -0.07
C PHE A 75 -6.47 4.90 1.18
N TYR A 76 -7.70 4.44 1.01
CA TYR A 76 -8.57 4.12 2.13
C TYR A 76 -8.65 2.62 2.32
N ARG A 77 -8.76 2.19 3.57
CA ARG A 77 -8.82 0.78 3.89
C ARG A 77 -10.17 0.16 3.48
N GLU A 78 -10.08 -1.02 2.90
CA GLU A 78 -11.24 -1.82 2.45
C GLU A 78 -12.31 -0.98 1.74
N LYS A 79 -12.79 0.06 2.39
CA LYS A 79 -13.82 0.92 1.81
C LYS A 79 -15.12 0.15 1.61
N MET A 1 13.58 -3.76 10.02
CA MET A 1 12.42 -4.45 10.64
C MET A 1 11.10 -3.89 10.12
N GLN A 2 10.24 -4.77 9.65
CA GLN A 2 8.94 -4.37 9.12
C GLN A 2 7.80 -4.96 9.95
N HIS A 3 6.64 -4.31 9.91
CA HIS A 3 5.48 -4.77 10.65
C HIS A 3 4.25 -4.87 9.75
N PRO A 4 3.77 -6.09 9.46
CA PRO A 4 2.60 -6.31 8.61
C PRO A 4 1.43 -5.39 8.97
N TYR A 5 0.50 -5.24 8.03
CA TYR A 5 -0.67 -4.41 8.23
C TYR A 5 -1.91 -5.11 7.71
N VAL A 6 -1.80 -5.65 6.50
CA VAL A 6 -2.91 -6.35 5.88
C VAL A 6 -4.13 -5.44 5.73
N GLY A 7 -4.62 -5.34 4.50
CA GLY A 7 -5.77 -4.50 4.23
C GLY A 7 -5.85 -4.09 2.78
N ILE A 8 -7.06 -3.89 2.28
CA ILE A 8 -7.24 -3.49 0.88
C ILE A 8 -7.35 -1.98 0.79
N TRP A 9 -6.23 -1.36 0.49
CA TRP A 9 -6.17 0.09 0.37
C TRP A 9 -6.47 0.53 -1.06
N VAL A 10 -7.67 1.09 -1.23
CA VAL A 10 -8.12 1.54 -2.54
C VAL A 10 -8.18 3.07 -2.61
N THR A 11 -8.09 3.59 -3.82
CA THR A 11 -8.14 5.03 -4.05
C THR A 11 -9.54 5.59 -3.77
N ALA A 12 -9.65 6.91 -3.79
CA ALA A 12 -10.94 7.57 -3.53
C ALA A 12 -11.89 7.42 -4.72
N ASP A 13 -11.34 7.12 -5.89
CA ASP A 13 -12.16 6.96 -7.09
C ASP A 13 -12.30 5.49 -7.47
N GLY A 14 -11.44 4.65 -6.91
CA GLY A 14 -11.49 3.23 -7.21
C GLY A 14 -10.78 2.89 -8.51
N ARG A 15 -9.93 3.80 -8.97
CA ARG A 15 -9.19 3.58 -10.22
C ARG A 15 -8.12 2.51 -10.00
N ILE A 16 -7.72 2.32 -8.75
CA ILE A 16 -6.71 1.32 -8.42
C ILE A 16 -6.97 0.75 -7.02
N ARG A 17 -6.47 -0.45 -6.79
CA ARG A 17 -6.65 -1.11 -5.50
C ARG A 17 -5.36 -1.79 -5.05
N GLN A 18 -4.98 -1.56 -3.81
CA GLN A 18 -3.76 -2.14 -3.26
C GLN A 18 -4.07 -3.03 -2.06
N GLU A 19 -3.87 -4.34 -2.22
CA GLU A 19 -4.14 -5.28 -1.14
C GLU A 19 -2.90 -5.54 -0.32
N LEU A 20 -3.03 -5.36 0.99
CA LEU A 20 -1.93 -5.63 1.89
C LEU A 20 -2.07 -7.06 2.37
N LEU A 21 -1.13 -7.88 1.97
CA LEU A 21 -1.14 -9.31 2.27
C LEU A 21 -1.00 -9.63 3.75
N PRO A 22 -1.49 -10.82 4.14
CA PRO A 22 -1.44 -11.30 5.52
C PRO A 22 -0.02 -11.48 6.02
N ASN A 23 0.94 -11.55 5.09
CA ASN A 23 2.33 -11.71 5.47
C ASN A 23 3.04 -10.37 5.54
N GLY A 24 2.26 -9.30 5.71
CA GLY A 24 2.83 -7.97 5.80
C GLY A 24 3.41 -7.51 4.48
N ARG A 25 2.61 -7.63 3.42
CA ARG A 25 3.05 -7.23 2.09
C ARG A 25 1.94 -6.53 1.34
N TYR A 26 2.22 -6.13 0.10
CA TYR A 26 1.23 -5.41 -0.69
C TYR A 26 1.14 -5.91 -2.12
N ASP A 27 -0.05 -5.77 -2.69
CA ASP A 27 -0.34 -6.17 -4.06
C ASP A 27 -1.38 -5.23 -4.66
N GLU A 28 -0.97 -4.40 -5.60
CA GLU A 28 -1.89 -3.45 -6.21
C GLU A 28 -2.35 -3.89 -7.60
N ALA A 29 -3.65 -3.78 -7.83
CA ALA A 29 -4.24 -4.14 -9.11
C ALA A 29 -4.92 -2.93 -9.73
N ARG A 30 -4.29 -2.35 -10.75
CA ARG A 30 -4.83 -1.17 -11.42
C ARG A 30 -5.45 -1.54 -12.76
N GLY A 31 -6.76 -1.31 -12.88
CA GLY A 31 -7.46 -1.60 -14.12
C GLY A 31 -7.22 -3.02 -14.61
N ASN A 32 -7.33 -3.22 -15.92
CA ASN A 32 -7.13 -4.54 -16.51
C ASN A 32 -5.74 -5.07 -16.19
N ARG A 33 -4.81 -4.17 -15.86
CA ARG A 33 -3.45 -4.57 -15.53
C ARG A 33 -3.30 -4.79 -14.02
N LYS A 34 -3.72 -5.96 -13.56
CA LYS A 34 -3.62 -6.31 -12.14
C LYS A 34 -2.20 -6.74 -11.80
N SER A 35 -1.92 -6.87 -10.51
CA SER A 35 -0.59 -7.27 -10.05
C SER A 35 0.48 -6.40 -10.69
N ALA A 36 0.13 -5.15 -10.97
CA ALA A 36 1.07 -4.22 -11.58
C ALA A 36 2.37 -4.14 -10.78
N TYR A 37 2.23 -4.03 -9.47
CA TYR A 37 3.39 -3.96 -8.59
C TYR A 37 3.09 -4.58 -7.22
N GLN A 38 4.13 -5.07 -6.58
CA GLN A 38 4.01 -5.69 -5.25
C GLN A 38 5.35 -5.69 -4.55
N GLY A 39 5.32 -5.61 -3.22
CA GLY A 39 6.57 -5.61 -2.47
C GLY A 39 6.35 -5.75 -0.98
N ARG A 40 6.93 -4.84 -0.22
CA ARG A 40 6.81 -4.86 1.23
C ARG A 40 6.95 -3.45 1.78
N TYR A 41 6.55 -3.24 3.02
CA TYR A 41 6.64 -1.91 3.62
C TYR A 41 7.23 -1.95 5.01
N GLU A 42 7.77 -0.81 5.43
CA GLU A 42 8.36 -0.67 6.75
C GLU A 42 7.61 0.42 7.51
N VAL A 43 7.14 0.11 8.70
CA VAL A 43 6.39 1.06 9.50
C VAL A 43 7.23 1.69 10.62
N ARG A 44 7.25 3.02 10.64
CA ARG A 44 8.00 3.76 11.64
C ARG A 44 7.19 4.93 12.17
N GLY A 45 6.40 4.70 13.20
CA GLY A 45 5.58 5.75 13.78
C GLY A 45 4.53 6.25 12.80
N ALA A 46 3.87 5.32 12.12
CA ALA A 46 2.83 5.66 11.14
C ALA A 46 3.43 5.97 9.77
N HIS A 47 4.74 6.14 9.71
CA HIS A 47 5.42 6.43 8.45
C HIS A 47 5.91 5.13 7.84
N ILE A 48 5.56 4.88 6.58
CA ILE A 48 5.98 3.65 5.93
C ILE A 48 6.37 3.88 4.48
N ASN A 49 7.28 3.04 4.00
CA ASN A 49 7.77 3.12 2.62
C ASN A 49 7.77 1.72 2.00
N TYR A 50 7.49 1.66 0.70
CA TYR A 50 7.46 0.38 -0.01
C TYR A 50 8.81 0.09 -0.66
N TRP A 51 9.45 -0.99 -0.23
CA TRP A 51 10.73 -1.37 -0.81
C TRP A 51 10.57 -2.64 -1.64
N ASP A 52 10.30 -2.44 -2.93
CA ASP A 52 10.11 -3.56 -3.85
C ASP A 52 11.41 -4.29 -4.13
N ASP A 53 11.28 -5.55 -4.51
CA ASP A 53 12.44 -6.38 -4.83
C ASP A 53 12.87 -6.19 -6.29
N THR A 54 12.01 -5.55 -7.08
CA THR A 54 12.32 -5.32 -8.50
C THR A 54 13.03 -3.99 -8.72
N GLY A 55 13.70 -3.51 -7.67
CA GLY A 55 14.46 -2.27 -7.78
C GLY A 55 13.64 -1.00 -7.64
N PHE A 56 12.46 -1.07 -7.01
CA PHE A 56 11.64 0.11 -6.83
C PHE A 56 11.44 0.37 -5.34
N THR A 57 11.01 1.57 -5.03
CA THR A 57 10.74 1.95 -3.65
C THR A 57 9.79 3.15 -3.60
N ALA A 58 8.87 3.11 -2.63
CA ALA A 58 7.91 4.18 -2.45
C ALA A 58 7.93 4.65 -1.02
N ASP A 59 7.13 5.66 -0.73
CA ASP A 59 7.04 6.23 0.60
C ASP A 59 5.63 6.70 0.91
N GLY A 60 5.24 6.60 2.18
CA GLY A 60 3.91 7.03 2.58
C GLY A 60 3.83 7.34 4.06
N ASP A 61 2.62 7.55 4.56
CA ASP A 61 2.40 7.86 5.97
C ASP A 61 0.93 7.76 6.34
N PHE A 62 0.63 6.91 7.33
CA PHE A 62 -0.75 6.74 7.78
C PHE A 62 -1.29 8.01 8.41
N VAL A 63 -2.22 8.64 7.72
CA VAL A 63 -2.84 9.87 8.22
C VAL A 63 -4.08 9.57 9.03
N SER A 64 -4.49 8.30 9.07
CA SER A 64 -5.67 7.90 9.82
C SER A 64 -5.71 6.38 9.98
N ALA A 65 -6.66 5.90 10.77
CA ALA A 65 -6.82 4.47 11.01
C ALA A 65 -7.30 3.75 9.75
N ASN A 66 -7.93 4.49 8.84
CA ASN A 66 -8.43 3.91 7.61
C ASN A 66 -7.94 4.67 6.38
N GLU A 67 -7.12 5.70 6.58
CA GLU A 67 -6.60 6.48 5.48
C GLU A 67 -5.10 6.26 5.32
N LEU A 68 -4.63 6.37 4.07
CA LEU A 68 -3.22 6.17 3.78
C LEU A 68 -2.72 7.27 2.85
N HIS A 69 -1.48 7.69 3.05
CA HIS A 69 -0.88 8.73 2.22
C HIS A 69 0.44 8.26 1.63
N HIS A 70 0.44 7.99 0.33
CA HIS A 70 1.64 7.55 -0.37
C HIS A 70 1.67 8.13 -1.77
N GLY A 71 2.85 8.51 -2.24
CA GLY A 71 2.98 9.08 -3.56
C GLY A 71 2.08 10.29 -3.75
N GLY A 72 1.64 10.88 -2.63
CA GLY A 72 0.78 12.04 -2.70
C GLY A 72 -0.67 11.69 -2.96
N MET A 73 -1.06 10.44 -2.70
CA MET A 73 -2.43 10.01 -2.92
C MET A 73 -3.12 9.62 -1.63
N THR A 74 -4.42 9.39 -1.71
CA THR A 74 -5.22 9.01 -0.55
C THR A 74 -5.81 7.61 -0.73
N PHE A 75 -5.27 6.65 0.01
CA PHE A 75 -5.74 5.27 -0.08
C PHE A 75 -6.56 4.90 1.16
N TYR A 76 -7.81 4.49 0.93
CA TYR A 76 -8.69 4.12 2.02
C TYR A 76 -8.76 2.59 2.17
N ARG A 77 -8.93 2.14 3.41
CA ARG A 77 -8.99 0.71 3.68
C ARG A 77 -10.31 0.10 3.22
N GLU A 78 -10.20 -1.08 2.60
CA GLU A 78 -11.34 -1.86 2.10
C GLU A 78 -12.42 -1.00 1.43
N LYS A 79 -12.94 -0.02 2.14
CA LYS A 79 -13.98 0.86 1.61
C LYS A 79 -15.26 0.07 1.32
N MET A 1 13.54 -5.58 10.13
CA MET A 1 12.25 -6.28 10.32
C MET A 1 11.06 -5.37 10.01
N GLN A 2 10.10 -5.90 9.28
CA GLN A 2 8.91 -5.13 8.90
C GLN A 2 7.72 -5.51 9.79
N HIS A 3 6.71 -4.64 9.81
CA HIS A 3 5.52 -4.88 10.61
C HIS A 3 4.28 -5.00 9.73
N PRO A 4 3.78 -6.24 9.51
CA PRO A 4 2.60 -6.48 8.68
C PRO A 4 1.42 -5.62 9.08
N TYR A 5 0.43 -5.53 8.18
CA TYR A 5 -0.77 -4.74 8.44
C TYR A 5 -1.99 -5.41 7.84
N VAL A 6 -1.85 -5.89 6.61
CA VAL A 6 -2.95 -6.55 5.94
C VAL A 6 -4.13 -5.61 5.77
N GLY A 7 -4.64 -5.53 4.54
CA GLY A 7 -5.77 -4.67 4.26
C GLY A 7 -5.82 -4.23 2.81
N ILE A 8 -7.01 -4.09 2.26
CA ILE A 8 -7.16 -3.66 0.87
C ILE A 8 -7.30 -2.15 0.82
N TRP A 9 -6.19 -1.50 0.57
CA TRP A 9 -6.15 -0.05 0.50
C TRP A 9 -6.51 0.43 -0.90
N VAL A 10 -7.69 1.00 -1.03
CA VAL A 10 -8.18 1.47 -2.32
C VAL A 10 -8.32 2.99 -2.36
N THR A 11 -8.25 3.54 -3.55
CA THR A 11 -8.36 4.98 -3.76
C THR A 11 -9.76 5.49 -3.39
N ALA A 12 -9.98 6.78 -3.58
CA ALA A 12 -11.27 7.39 -3.28
C ALA A 12 -12.28 7.19 -4.40
N ASP A 13 -11.78 6.91 -5.60
CA ASP A 13 -12.65 6.70 -6.76
C ASP A 13 -12.76 5.22 -7.09
N GLY A 14 -11.76 4.44 -6.69
CA GLY A 14 -11.78 3.02 -6.96
C GLY A 14 -11.12 2.69 -8.29
N ARG A 15 -10.20 3.54 -8.73
CA ARG A 15 -9.49 3.33 -9.98
C ARG A 15 -8.41 2.29 -9.79
N ILE A 16 -7.88 2.20 -8.57
CA ILE A 16 -6.84 1.23 -8.26
C ILE A 16 -7.05 0.66 -6.87
N ARG A 17 -6.53 -0.54 -6.63
CA ARG A 17 -6.67 -1.19 -5.33
C ARG A 17 -5.36 -1.86 -4.92
N GLN A 18 -5.00 -1.73 -3.65
CA GLN A 18 -3.78 -2.33 -3.13
C GLN A 18 -4.08 -3.23 -1.94
N GLU A 19 -3.89 -4.54 -2.14
CA GLU A 19 -4.15 -5.51 -1.08
C GLU A 19 -2.91 -5.75 -0.23
N LEU A 20 -3.05 -5.56 1.07
CA LEU A 20 -1.97 -5.82 1.98
C LEU A 20 -2.09 -7.25 2.46
N LEU A 21 -1.12 -8.07 2.07
CA LEU A 21 -1.13 -9.49 2.37
C LEU A 21 -0.97 -9.80 3.85
N PRO A 22 -1.41 -11.01 4.25
CA PRO A 22 -1.35 -11.49 5.63
C PRO A 22 0.08 -11.63 6.15
N ASN A 23 1.04 -11.70 5.23
CA ASN A 23 2.44 -11.82 5.63
C ASN A 23 3.12 -10.46 5.66
N GLY A 24 2.32 -9.41 5.80
CA GLY A 24 2.87 -8.07 5.85
C GLY A 24 3.43 -7.66 4.51
N ARG A 25 2.60 -7.79 3.48
CA ARG A 25 3.03 -7.44 2.12
C ARG A 25 1.93 -6.70 1.38
N TYR A 26 2.20 -6.32 0.14
CA TYR A 26 1.22 -5.57 -0.63
C TYR A 26 1.14 -6.04 -2.08
N ASP A 27 -0.04 -5.84 -2.67
CA ASP A 27 -0.30 -6.20 -4.06
C ASP A 27 -1.37 -5.27 -4.63
N GLU A 28 -0.97 -4.41 -5.55
CA GLU A 28 -1.92 -3.46 -6.13
C GLU A 28 -2.37 -3.88 -7.52
N ALA A 29 -3.68 -3.78 -7.75
CA ALA A 29 -4.27 -4.13 -9.04
C ALA A 29 -5.00 -2.92 -9.62
N ARG A 30 -4.39 -2.30 -10.63
CA ARG A 30 -4.98 -1.14 -11.26
C ARG A 30 -5.68 -1.50 -12.56
N GLY A 31 -7.00 -1.38 -12.57
CA GLY A 31 -7.78 -1.70 -13.75
C GLY A 31 -7.46 -3.08 -14.33
N ASN A 32 -7.58 -3.20 -15.64
CA ASN A 32 -7.31 -4.47 -16.31
C ASN A 32 -5.88 -4.94 -16.04
N ARG A 33 -5.01 -4.02 -15.64
CA ARG A 33 -3.62 -4.36 -15.35
C ARG A 33 -3.43 -4.62 -13.86
N LYS A 34 -3.79 -5.83 -13.43
CA LYS A 34 -3.65 -6.20 -12.03
C LYS A 34 -2.22 -6.64 -11.73
N SER A 35 -1.92 -6.80 -10.44
CA SER A 35 -0.58 -7.21 -10.02
C SER A 35 0.49 -6.31 -10.66
N ALA A 36 0.13 -5.06 -10.91
CA ALA A 36 1.04 -4.10 -11.51
C ALA A 36 2.33 -4.00 -10.70
N TYR A 37 2.19 -3.93 -9.38
CA TYR A 37 3.34 -3.82 -8.49
C TYR A 37 3.05 -4.44 -7.13
N GLN A 38 4.05 -5.09 -6.56
CA GLN A 38 3.92 -5.73 -5.25
C GLN A 38 5.28 -5.79 -4.57
N GLY A 39 5.29 -5.74 -3.25
CA GLY A 39 6.55 -5.80 -2.53
C GLY A 39 6.37 -5.97 -1.04
N ARG A 40 6.92 -5.03 -0.27
CA ARG A 40 6.83 -5.06 1.18
C ARG A 40 6.94 -3.66 1.74
N TYR A 41 6.54 -3.47 2.99
CA TYR A 41 6.60 -2.16 3.60
C TYR A 41 7.08 -2.22 5.04
N GLU A 42 7.65 -1.09 5.47
CA GLU A 42 8.15 -0.96 6.83
C GLU A 42 7.43 0.19 7.52
N VAL A 43 6.86 -0.08 8.69
CA VAL A 43 6.11 0.94 9.42
C VAL A 43 6.91 1.53 10.57
N ARG A 44 6.94 2.85 10.66
CA ARG A 44 7.66 3.56 11.71
C ARG A 44 6.85 4.72 12.24
N GLY A 45 5.93 4.44 13.18
CA GLY A 45 5.10 5.49 13.73
C GLY A 45 4.12 6.05 12.72
N ALA A 46 3.48 5.15 11.96
CA ALA A 46 2.50 5.54 10.93
C ALA A 46 3.20 5.86 9.61
N HIS A 47 4.52 6.00 9.64
CA HIS A 47 5.29 6.28 8.43
C HIS A 47 5.79 4.98 7.84
N ILE A 48 5.49 4.73 6.56
CA ILE A 48 5.93 3.49 5.94
C ILE A 48 6.38 3.68 4.49
N ASN A 49 7.34 2.87 4.10
CA ASN A 49 7.88 2.89 2.75
C ASN A 49 7.64 1.55 2.08
N TYR A 50 7.82 1.51 0.77
CA TYR A 50 7.64 0.29 0.00
C TYR A 50 8.90 0.00 -0.79
N TRP A 51 9.58 -1.10 -0.45
CA TRP A 51 10.80 -1.46 -1.16
C TRP A 51 10.56 -2.70 -2.02
N ASP A 52 10.19 -2.45 -3.27
CA ASP A 52 9.90 -3.53 -4.20
C ASP A 52 11.16 -4.33 -4.52
N ASP A 53 10.97 -5.56 -5.01
CA ASP A 53 12.07 -6.43 -5.37
C ASP A 53 12.57 -6.15 -6.78
N THR A 54 11.79 -5.38 -7.55
CA THR A 54 12.16 -5.06 -8.92
C THR A 54 12.95 -3.76 -9.00
N GLY A 55 13.62 -3.41 -7.91
CA GLY A 55 14.43 -2.21 -7.88
C GLY A 55 13.63 -0.92 -7.71
N PHE A 56 12.45 -0.99 -7.11
CA PHE A 56 11.64 0.20 -6.90
C PHE A 56 11.46 0.44 -5.41
N THR A 57 11.03 1.64 -5.08
CA THR A 57 10.77 1.99 -3.69
C THR A 57 9.87 3.22 -3.61
N ALA A 58 8.98 3.22 -2.64
CA ALA A 58 8.04 4.33 -2.46
C ALA A 58 7.72 4.57 -0.99
N ASP A 59 7.95 5.80 -0.53
CA ASP A 59 7.68 6.16 0.87
C ASP A 59 6.26 6.70 1.03
N GLY A 60 5.71 6.55 2.22
CA GLY A 60 4.36 7.02 2.49
C GLY A 60 4.17 7.36 3.96
N ASP A 61 2.93 7.59 4.36
CA ASP A 61 2.62 7.93 5.75
C ASP A 61 1.12 7.86 6.02
N PHE A 62 0.76 7.19 7.12
CA PHE A 62 -0.64 7.07 7.49
C PHE A 62 -1.15 8.35 8.13
N VAL A 63 -2.02 9.04 7.41
CA VAL A 63 -2.59 10.29 7.90
C VAL A 63 -3.79 10.03 8.81
N SER A 64 -4.31 8.80 8.78
CA SER A 64 -5.46 8.44 9.61
C SER A 64 -5.50 6.94 9.84
N ALA A 65 -6.50 6.49 10.59
CA ALA A 65 -6.66 5.07 10.90
C ALA A 65 -7.13 4.30 9.67
N ASN A 66 -7.86 4.97 8.79
CA ASN A 66 -8.39 4.35 7.58
C ASN A 66 -7.86 5.03 6.31
N GLU A 67 -7.09 6.10 6.49
CA GLU A 67 -6.54 6.83 5.34
C GLU A 67 -5.05 6.56 5.19
N LEU A 68 -4.58 6.52 3.96
CA LEU A 68 -3.17 6.27 3.68
C LEU A 68 -2.64 7.29 2.69
N HIS A 69 -1.39 7.69 2.87
CA HIS A 69 -0.77 8.66 1.97
C HIS A 69 0.55 8.12 1.42
N HIS A 70 0.56 7.78 0.13
CA HIS A 70 1.75 7.27 -0.52
C HIS A 70 1.89 7.84 -1.92
N GLY A 71 3.11 8.24 -2.27
CA GLY A 71 3.35 8.81 -3.58
C GLY A 71 2.41 9.96 -3.90
N GLY A 72 1.88 10.58 -2.85
CA GLY A 72 0.96 11.69 -3.05
C GLY A 72 -0.45 11.22 -3.33
N MET A 73 -0.77 9.97 -3.00
CA MET A 73 -2.10 9.43 -3.24
C MET A 73 -2.85 9.23 -1.94
N THR A 74 -4.16 9.04 -2.05
CA THR A 74 -5.00 8.82 -0.88
C THR A 74 -5.64 7.44 -0.95
N PHE A 75 -5.17 6.53 -0.11
CA PHE A 75 -5.68 5.18 -0.08
C PHE A 75 -6.48 4.90 1.18
N TYR A 76 -7.73 4.50 1.00
CA TYR A 76 -8.59 4.19 2.13
C TYR A 76 -8.65 2.69 2.33
N ARG A 77 -8.67 2.27 3.58
CA ARG A 77 -8.69 0.86 3.90
C ARG A 77 -9.93 0.18 3.30
N GLU A 78 -9.75 -1.10 2.95
CA GLU A 78 -10.78 -1.95 2.36
C GLU A 78 -11.95 -1.16 1.78
N LYS A 79 -12.64 -0.42 2.65
CA LYS A 79 -13.78 0.39 2.23
C LYS A 79 -14.91 -0.50 1.70
N MET A 1 12.42 -7.88 8.30
CA MET A 1 12.52 -6.76 9.27
C MET A 1 11.44 -5.72 9.02
N GLN A 2 10.22 -6.18 8.75
CA GLN A 2 9.10 -5.29 8.49
C GLN A 2 7.92 -5.63 9.40
N HIS A 3 7.01 -4.68 9.55
CA HIS A 3 5.83 -4.88 10.39
C HIS A 3 4.57 -5.02 9.54
N PRO A 4 4.00 -6.23 9.47
CA PRO A 4 2.78 -6.50 8.69
C PRO A 4 1.61 -5.61 9.09
N TYR A 5 0.61 -5.52 8.23
CA TYR A 5 -0.58 -4.72 8.52
C TYR A 5 -1.83 -5.36 7.94
N VAL A 6 -1.72 -5.85 6.71
CA VAL A 6 -2.86 -6.50 6.07
C VAL A 6 -4.04 -5.53 5.93
N GLY A 7 -4.57 -5.42 4.73
CA GLY A 7 -5.69 -4.53 4.49
C GLY A 7 -5.82 -4.15 3.03
N ILE A 8 -7.05 -3.94 2.58
CA ILE A 8 -7.28 -3.56 1.18
C ILE A 8 -7.36 -2.05 1.06
N TRP A 9 -6.24 -1.45 0.69
CA TRP A 9 -6.15 0.00 0.55
C TRP A 9 -6.50 0.42 -0.88
N VAL A 10 -7.69 1.00 -1.02
CA VAL A 10 -8.16 1.45 -2.33
C VAL A 10 -8.28 2.97 -2.39
N THR A 11 -8.21 3.49 -3.61
CA THR A 11 -8.31 4.93 -3.83
C THR A 11 -9.71 5.45 -3.47
N ALA A 12 -9.89 6.76 -3.59
CA ALA A 12 -11.17 7.38 -3.26
C ALA A 12 -12.18 7.20 -4.40
N ASP A 13 -11.67 6.90 -5.60
CA ASP A 13 -12.53 6.70 -6.75
C ASP A 13 -12.67 5.22 -7.09
N GLY A 14 -11.70 4.42 -6.67
CA GLY A 14 -11.73 3.00 -6.94
C GLY A 14 -11.07 2.64 -8.26
N ARG A 15 -10.21 3.53 -8.74
CA ARG A 15 -9.50 3.29 -10.01
C ARG A 15 -8.42 2.23 -9.82
N ILE A 16 -7.94 2.09 -8.59
CA ILE A 16 -6.92 1.10 -8.28
C ILE A 16 -7.12 0.55 -6.88
N ARG A 17 -6.60 -0.65 -6.63
CA ARG A 17 -6.74 -1.28 -5.33
C ARG A 17 -5.44 -1.93 -4.90
N GLN A 18 -5.05 -1.73 -3.64
CA GLN A 18 -3.83 -2.30 -3.10
C GLN A 18 -4.14 -3.17 -1.88
N GLU A 19 -3.92 -4.48 -2.01
CA GLU A 19 -4.19 -5.40 -0.92
C GLU A 19 -2.94 -5.68 -0.11
N LEU A 20 -3.04 -5.49 1.19
CA LEU A 20 -1.94 -5.77 2.08
C LEU A 20 -2.08 -7.21 2.56
N LEU A 21 -1.14 -8.04 2.14
CA LEU A 21 -1.17 -9.46 2.43
C LEU A 21 -0.97 -9.79 3.90
N PRO A 22 -1.44 -10.99 4.31
CA PRO A 22 -1.31 -11.48 5.69
C PRO A 22 0.14 -11.70 6.08
N ASN A 23 1.02 -11.68 5.08
CA ASN A 23 2.45 -11.87 5.31
C ASN A 23 3.13 -10.50 5.45
N GLY A 24 2.35 -9.47 5.76
CA GLY A 24 2.90 -8.15 5.87
C GLY A 24 3.46 -7.68 4.55
N ARG A 25 2.64 -7.82 3.51
CA ARG A 25 3.05 -7.45 2.16
C ARG A 25 1.94 -6.71 1.44
N TYR A 26 2.19 -6.32 0.20
CA TYR A 26 1.21 -5.57 -0.58
C TYR A 26 1.09 -6.06 -2.01
N ASP A 27 -0.11 -5.92 -2.56
CA ASP A 27 -0.40 -6.32 -3.93
C ASP A 27 -1.47 -5.39 -4.50
N GLU A 28 -1.08 -4.56 -5.48
CA GLU A 28 -2.03 -3.62 -6.07
C GLU A 28 -2.51 -4.07 -7.44
N ALA A 29 -3.82 -4.01 -7.62
CA ALA A 29 -4.45 -4.38 -8.89
C ALA A 29 -5.20 -3.19 -9.47
N ARG A 30 -4.62 -2.59 -10.51
CA ARG A 30 -5.24 -1.42 -11.14
C ARG A 30 -6.03 -1.83 -12.38
N GLY A 31 -7.08 -1.07 -12.67
CA GLY A 31 -7.91 -1.36 -13.83
C GLY A 31 -7.12 -1.59 -15.09
N ASN A 32 -7.53 -2.59 -15.88
CA ASN A 32 -6.85 -2.91 -17.13
C ASN A 32 -5.37 -3.21 -16.89
N ARG A 33 -5.03 -3.58 -15.66
CA ARG A 33 -3.64 -3.89 -15.32
C ARG A 33 -3.54 -4.35 -13.86
N LYS A 34 -3.89 -5.60 -13.60
CA LYS A 34 -3.81 -6.15 -12.25
C LYS A 34 -2.41 -6.66 -11.95
N SER A 35 -2.15 -6.98 -10.69
CA SER A 35 -0.83 -7.47 -10.28
C SER A 35 0.27 -6.56 -10.83
N ALA A 36 -0.06 -5.29 -11.00
CA ALA A 36 0.88 -4.31 -11.53
C ALA A 36 2.17 -4.28 -10.72
N TYR A 37 2.04 -4.15 -9.40
CA TYR A 37 3.19 -4.09 -8.53
C TYR A 37 2.89 -4.68 -7.15
N GLN A 38 3.91 -5.29 -6.56
CA GLN A 38 3.78 -5.91 -5.23
C GLN A 38 5.16 -5.96 -4.57
N GLY A 39 5.19 -5.88 -3.25
CA GLY A 39 6.47 -5.94 -2.56
C GLY A 39 6.32 -6.07 -1.06
N ARG A 40 6.89 -5.11 -0.33
CA ARG A 40 6.83 -5.12 1.12
C ARG A 40 6.96 -3.70 1.64
N TYR A 41 6.61 -3.50 2.90
CA TYR A 41 6.69 -2.17 3.48
C TYR A 41 7.22 -2.19 4.90
N GLU A 42 7.78 -1.06 5.30
CA GLU A 42 8.30 -0.89 6.65
C GLU A 42 7.57 0.24 7.32
N VAL A 43 7.04 -0.01 8.51
CA VAL A 43 6.27 1.00 9.23
C VAL A 43 7.08 1.60 10.39
N ARG A 44 7.11 2.93 10.44
CA ARG A 44 7.84 3.64 11.49
C ARG A 44 7.06 4.88 11.93
N GLY A 45 6.35 4.77 13.04
CA GLY A 45 5.57 5.89 13.54
C GLY A 45 4.54 6.38 12.53
N ALA A 46 3.86 5.43 11.89
CA ALA A 46 2.84 5.75 10.88
C ALA A 46 3.47 6.03 9.51
N HIS A 47 4.81 6.11 9.47
CA HIS A 47 5.51 6.35 8.22
C HIS A 47 5.92 5.02 7.60
N ILE A 48 5.54 4.81 6.35
CA ILE A 48 5.87 3.55 5.68
C ILE A 48 6.35 3.76 4.25
N ASN A 49 7.23 2.86 3.82
CA ASN A 49 7.76 2.90 2.46
C ASN A 49 7.71 1.50 1.85
N TYR A 50 7.45 1.45 0.55
CA TYR A 50 7.37 0.19 -0.17
C TYR A 50 8.69 -0.08 -0.89
N TRP A 51 9.38 -1.13 -0.49
CA TRP A 51 10.64 -1.48 -1.13
C TRP A 51 10.47 -2.74 -1.95
N ASP A 52 10.11 -2.57 -3.22
CA ASP A 52 9.89 -3.70 -4.12
C ASP A 52 11.18 -4.45 -4.40
N ASP A 53 11.04 -5.70 -4.83
CA ASP A 53 12.18 -6.54 -5.14
C ASP A 53 12.66 -6.31 -6.57
N THR A 54 11.84 -5.61 -7.37
CA THR A 54 12.19 -5.33 -8.76
C THR A 54 12.93 -4.00 -8.90
N GLY A 55 13.59 -3.58 -7.83
CA GLY A 55 14.35 -2.35 -7.85
C GLY A 55 13.51 -1.09 -7.76
N PHE A 56 12.34 -1.17 -7.13
CA PHE A 56 11.49 0.01 -6.97
C PHE A 56 11.27 0.28 -5.50
N THR A 57 10.80 1.49 -5.21
CA THR A 57 10.51 1.88 -3.84
C THR A 57 9.58 3.08 -3.81
N ALA A 58 8.67 3.07 -2.83
CA ALA A 58 7.72 4.17 -2.68
C ALA A 58 7.45 4.48 -1.22
N ASP A 59 7.71 5.73 -0.82
CA ASP A 59 7.50 6.15 0.57
C ASP A 59 6.08 6.66 0.79
N GLY A 60 5.64 6.63 2.04
CA GLY A 60 4.31 7.10 2.39
C GLY A 60 4.15 7.30 3.89
N ASP A 61 2.93 7.57 4.33
CA ASP A 61 2.66 7.78 5.74
C ASP A 61 1.17 7.78 6.04
N PHE A 62 0.77 7.05 7.07
CA PHE A 62 -0.62 6.98 7.46
C PHE A 62 -1.08 8.28 8.10
N VAL A 63 -1.93 9.01 7.38
CA VAL A 63 -2.45 10.28 7.87
C VAL A 63 -3.62 10.07 8.83
N SER A 64 -4.22 8.88 8.78
CA SER A 64 -5.35 8.56 9.65
C SER A 64 -5.36 7.07 9.99
N ALA A 65 -6.48 6.62 10.56
CA ALA A 65 -6.61 5.22 10.93
C ALA A 65 -7.07 4.37 9.75
N ASN A 66 -7.79 4.99 8.82
CA ASN A 66 -8.28 4.30 7.64
C ASN A 66 -7.79 4.96 6.35
N GLU A 67 -7.01 6.03 6.48
CA GLU A 67 -6.49 6.74 5.32
C GLU A 67 -4.99 6.47 5.15
N LEU A 68 -4.54 6.46 3.90
CA LEU A 68 -3.14 6.20 3.60
C LEU A 68 -2.61 7.24 2.63
N HIS A 69 -1.36 7.65 2.83
CA HIS A 69 -0.73 8.63 1.94
C HIS A 69 0.59 8.10 1.42
N HIS A 70 0.62 7.75 0.13
CA HIS A 70 1.83 7.24 -0.49
C HIS A 70 1.94 7.73 -1.94
N GLY A 71 3.14 8.17 -2.31
CA GLY A 71 3.36 8.67 -3.65
C GLY A 71 2.42 9.83 -3.99
N GLY A 72 1.91 10.49 -2.95
CA GLY A 72 1.01 11.60 -3.17
C GLY A 72 -0.40 11.15 -3.46
N MET A 73 -0.75 9.95 -3.02
CA MET A 73 -2.08 9.41 -3.26
C MET A 73 -2.83 9.22 -1.94
N THR A 74 -4.14 9.03 -2.04
CA THR A 74 -4.97 8.82 -0.87
C THR A 74 -5.63 7.45 -0.94
N PHE A 75 -5.16 6.53 -0.12
CA PHE A 75 -5.70 5.17 -0.10
C PHE A 75 -6.49 4.90 1.17
N TYR A 76 -7.72 4.42 1.00
CA TYR A 76 -8.58 4.11 2.14
C TYR A 76 -8.64 2.61 2.36
N ARG A 77 -8.75 2.20 3.63
CA ARG A 77 -8.81 0.78 3.96
C ARG A 77 -10.16 0.17 3.59
N GLU A 78 -10.07 -1.02 2.99
CA GLU A 78 -11.22 -1.82 2.56
C GLU A 78 -12.31 -0.99 1.87
N LYS A 79 -12.79 0.05 2.53
CA LYS A 79 -13.83 0.90 1.96
C LYS A 79 -15.12 0.11 1.74
N MET A 1 11.85 -7.84 11.14
CA MET A 1 12.35 -6.81 10.20
C MET A 1 11.23 -5.86 9.77
N GLN A 2 10.12 -6.43 9.31
CA GLN A 2 8.99 -5.64 8.87
C GLN A 2 7.77 -5.86 9.77
N HIS A 3 6.83 -4.93 9.73
CA HIS A 3 5.62 -5.04 10.54
C HIS A 3 4.38 -5.13 9.66
N PRO A 4 3.84 -6.35 9.46
CA PRO A 4 2.63 -6.56 8.64
C PRO A 4 1.47 -5.68 9.06
N TYR A 5 0.47 -5.57 8.19
CA TYR A 5 -0.71 -4.76 8.49
C TYR A 5 -1.96 -5.38 7.88
N VAL A 6 -1.84 -5.86 6.65
CA VAL A 6 -2.98 -6.48 5.98
C VAL A 6 -4.14 -5.50 5.84
N GLY A 7 -4.66 -5.38 4.63
CA GLY A 7 -5.76 -4.47 4.39
C GLY A 7 -5.89 -4.11 2.92
N ILE A 8 -7.11 -3.86 2.46
CA ILE A 8 -7.32 -3.49 1.07
C ILE A 8 -7.40 -1.97 0.95
N TRP A 9 -6.27 -1.39 0.60
CA TRP A 9 -6.16 0.05 0.46
C TRP A 9 -6.52 0.48 -0.96
N VAL A 10 -7.69 1.09 -1.10
CA VAL A 10 -8.17 1.54 -2.40
C VAL A 10 -8.26 3.06 -2.48
N THR A 11 -8.20 3.58 -3.70
CA THR A 11 -8.27 5.02 -3.93
C THR A 11 -9.63 5.58 -3.55
N ALA A 12 -9.78 6.89 -3.66
CA ALA A 12 -11.03 7.56 -3.32
C ALA A 12 -12.07 7.39 -4.42
N ASP A 13 -11.63 7.05 -5.63
CA ASP A 13 -12.54 6.86 -6.75
C ASP A 13 -12.70 5.38 -7.07
N GLY A 14 -11.69 4.58 -6.70
CA GLY A 14 -11.75 3.16 -6.96
C GLY A 14 -11.13 2.79 -8.30
N ARG A 15 -10.25 3.65 -8.80
CA ARG A 15 -9.58 3.38 -10.07
C ARG A 15 -8.49 2.34 -9.89
N ILE A 16 -7.93 2.28 -8.69
CA ILE A 16 -6.89 1.31 -8.38
C ILE A 16 -7.09 0.73 -6.98
N ARG A 17 -6.53 -0.43 -6.74
CA ARG A 17 -6.67 -1.08 -5.44
C ARG A 17 -5.34 -1.70 -5.00
N GLN A 18 -5.08 -1.63 -3.70
CA GLN A 18 -3.84 -2.19 -3.15
C GLN A 18 -4.15 -3.06 -1.95
N GLU A 19 -3.93 -4.36 -2.10
CA GLU A 19 -4.20 -5.31 -1.02
C GLU A 19 -2.96 -5.60 -0.20
N LEU A 20 -3.08 -5.43 1.10
CA LEU A 20 -1.97 -5.73 2.00
C LEU A 20 -2.13 -7.18 2.45
N LEU A 21 -1.20 -8.00 2.04
CA LEU A 21 -1.24 -9.43 2.31
C LEU A 21 -1.08 -9.78 3.79
N PRO A 22 -1.60 -10.97 4.16
CA PRO A 22 -1.53 -11.48 5.53
C PRO A 22 -0.10 -11.71 6.00
N ASN A 23 0.83 -11.79 5.06
CA ASN A 23 2.22 -12.01 5.40
C ASN A 23 2.98 -10.69 5.47
N GLY A 24 2.24 -9.60 5.70
CA GLY A 24 2.86 -8.29 5.79
C GLY A 24 3.41 -7.85 4.46
N ARG A 25 2.56 -7.87 3.43
CA ARG A 25 2.97 -7.47 2.09
C ARG A 25 1.88 -6.70 1.38
N TYR A 26 2.15 -6.30 0.15
CA TYR A 26 1.19 -5.52 -0.61
C TYR A 26 1.09 -5.97 -2.06
N ASP A 27 -0.11 -5.82 -2.62
CA ASP A 27 -0.39 -6.18 -4.01
C ASP A 27 -1.43 -5.22 -4.58
N GLU A 28 -1.02 -4.38 -5.52
CA GLU A 28 -1.94 -3.40 -6.10
C GLU A 28 -2.40 -3.80 -7.50
N ALA A 29 -3.70 -3.69 -7.71
CA ALA A 29 -4.31 -4.00 -8.99
C ALA A 29 -4.96 -2.76 -9.58
N ARG A 30 -4.32 -2.17 -10.58
CA ARG A 30 -4.84 -0.96 -11.21
C ARG A 30 -5.55 -1.27 -12.51
N GLY A 31 -6.87 -1.15 -12.50
CA GLY A 31 -7.66 -1.41 -13.70
C GLY A 31 -7.38 -2.77 -14.30
N ASN A 32 -7.51 -2.87 -15.62
CA ASN A 32 -7.26 -4.12 -16.32
C ASN A 32 -5.85 -4.63 -16.06
N ARG A 33 -4.96 -3.74 -15.65
CA ARG A 33 -3.58 -4.12 -15.37
C ARG A 33 -3.41 -4.42 -13.88
N LYS A 34 -3.81 -5.62 -13.49
CA LYS A 34 -3.69 -6.04 -12.09
C LYS A 34 -2.28 -6.52 -11.78
N SER A 35 -1.98 -6.72 -10.51
CA SER A 35 -0.66 -7.17 -10.09
C SER A 35 0.42 -6.28 -10.70
N ALA A 36 0.08 -5.01 -10.92
CA ALA A 36 1.01 -4.05 -11.50
C ALA A 36 2.31 -4.00 -10.70
N TYR A 37 2.18 -3.90 -9.38
CA TYR A 37 3.33 -3.84 -8.49
C TYR A 37 3.02 -4.44 -7.13
N GLN A 38 4.00 -5.15 -6.57
CA GLN A 38 3.86 -5.77 -5.26
C GLN A 38 5.23 -5.88 -4.59
N GLY A 39 5.25 -5.83 -3.27
CA GLY A 39 6.52 -5.92 -2.56
C GLY A 39 6.35 -6.08 -1.07
N ARG A 40 6.91 -5.14 -0.31
CA ARG A 40 6.83 -5.16 1.13
C ARG A 40 6.96 -3.76 1.67
N TYR A 41 6.59 -3.57 2.93
CA TYR A 41 6.66 -2.25 3.53
C TYR A 41 7.18 -2.30 4.95
N GLU A 42 7.75 -1.18 5.38
CA GLU A 42 8.27 -1.03 6.73
C GLU A 42 7.54 0.10 7.42
N VAL A 43 6.99 -0.16 8.60
CA VAL A 43 6.25 0.86 9.32
C VAL A 43 7.03 1.42 10.50
N ARG A 44 7.08 2.75 10.58
CA ARG A 44 7.79 3.43 11.66
C ARG A 44 7.01 4.66 12.11
N GLY A 45 6.24 4.51 13.19
CA GLY A 45 5.46 5.62 13.71
C GLY A 45 4.46 6.15 12.69
N ALA A 46 3.77 5.23 12.01
CA ALA A 46 2.78 5.57 11.00
C ALA A 46 3.44 5.87 9.65
N HIS A 47 4.77 5.93 9.62
CA HIS A 47 5.50 6.18 8.39
C HIS A 47 5.89 4.86 7.75
N ILE A 48 5.50 4.67 6.50
CA ILE A 48 5.80 3.42 5.82
C ILE A 48 6.33 3.65 4.41
N ASN A 49 7.21 2.75 3.98
CA ASN A 49 7.79 2.81 2.65
C ASN A 49 7.74 1.43 2.00
N TYR A 50 7.51 1.41 0.69
CA TYR A 50 7.43 0.16 -0.07
C TYR A 50 8.76 -0.11 -0.77
N TRP A 51 9.43 -1.17 -0.37
CA TRP A 51 10.70 -1.52 -1.01
C TRP A 51 10.53 -2.76 -1.86
N ASP A 52 10.19 -2.56 -3.13
CA ASP A 52 9.97 -3.66 -4.05
C ASP A 52 11.26 -4.42 -4.34
N ASP A 53 11.11 -5.66 -4.79
CA ASP A 53 12.25 -6.50 -5.11
C ASP A 53 12.74 -6.24 -6.53
N THR A 54 11.94 -5.52 -7.32
CA THR A 54 12.30 -5.22 -8.70
C THR A 54 13.05 -3.89 -8.82
N GLY A 55 13.70 -3.50 -7.73
CA GLY A 55 14.47 -2.28 -7.72
C GLY A 55 13.65 -1.01 -7.60
N PHE A 56 12.46 -1.09 -6.99
CA PHE A 56 11.63 0.08 -6.82
C PHE A 56 11.40 0.34 -5.33
N THR A 57 10.93 1.53 -5.03
CA THR A 57 10.64 1.90 -3.65
C THR A 57 9.71 3.10 -3.60
N ALA A 58 8.79 3.09 -2.64
CA ALA A 58 7.84 4.20 -2.48
C ALA A 58 7.56 4.48 -1.02
N ASP A 59 7.82 5.71 -0.58
CA ASP A 59 7.59 6.10 0.79
C ASP A 59 6.18 6.64 1.00
N GLY A 60 5.70 6.56 2.24
CA GLY A 60 4.37 7.04 2.58
C GLY A 60 4.19 7.23 4.06
N ASP A 61 2.96 7.50 4.49
CA ASP A 61 2.68 7.69 5.91
C ASP A 61 1.17 7.70 6.18
N PHE A 62 0.77 6.96 7.21
CA PHE A 62 -0.64 6.89 7.58
C PHE A 62 -1.09 8.19 8.24
N VAL A 63 -1.93 8.93 7.54
CA VAL A 63 -2.45 10.19 8.06
C VAL A 63 -3.63 9.96 8.99
N SER A 64 -4.24 8.79 8.89
CA SER A 64 -5.40 8.46 9.73
C SER A 64 -5.42 6.97 10.04
N ALA A 65 -6.54 6.51 10.60
CA ALA A 65 -6.68 5.10 10.95
C ALA A 65 -7.13 4.27 9.74
N ASN A 66 -7.84 4.92 8.82
CA ASN A 66 -8.33 4.24 7.63
C ASN A 66 -7.84 4.92 6.35
N GLU A 67 -7.03 5.96 6.50
CA GLU A 67 -6.50 6.69 5.35
C GLU A 67 -5.01 6.42 5.18
N LEU A 68 -4.54 6.45 3.94
CA LEU A 68 -3.13 6.20 3.63
C LEU A 68 -2.58 7.26 2.69
N HIS A 69 -1.33 7.63 2.89
CA HIS A 69 -0.68 8.61 2.03
C HIS A 69 0.63 8.05 1.50
N HIS A 70 0.63 7.73 0.22
CA HIS A 70 1.82 7.19 -0.43
C HIS A 70 1.83 7.54 -1.91
N GLY A 71 2.98 7.93 -2.41
CA GLY A 71 3.10 8.31 -3.81
C GLY A 71 2.30 9.56 -4.11
N GLY A 72 1.87 10.26 -3.06
CA GLY A 72 1.11 11.48 -3.23
C GLY A 72 -0.38 11.22 -3.42
N MET A 73 -0.85 10.05 -3.01
CA MET A 73 -2.26 9.71 -3.16
C MET A 73 -2.91 9.42 -1.82
N THR A 74 -4.23 9.27 -1.85
CA THR A 74 -5.00 8.97 -0.65
C THR A 74 -5.67 7.61 -0.78
N PHE A 75 -5.16 6.63 -0.04
CA PHE A 75 -5.70 5.28 -0.08
C PHE A 75 -6.50 4.96 1.19
N TYR A 76 -7.73 4.50 0.99
CA TYR A 76 -8.61 4.16 2.10
C TYR A 76 -8.65 2.65 2.31
N ARG A 77 -8.80 2.23 3.56
CA ARG A 77 -8.84 0.81 3.88
C ARG A 77 -10.17 0.16 3.52
N GLU A 78 -10.08 -0.95 2.82
CA GLU A 78 -11.22 -1.75 2.39
C GLU A 78 -12.30 -0.96 1.61
N LYS A 79 -12.53 0.31 1.97
CA LYS A 79 -13.53 1.11 1.29
C LYS A 79 -14.93 0.53 1.48
N MET A 1 12.07 -7.82 10.57
CA MET A 1 11.25 -8.68 9.68
C MET A 1 9.99 -7.96 9.21
N GLN A 2 10.07 -6.63 9.11
CA GLN A 2 8.93 -5.83 8.69
C GLN A 2 7.74 -6.02 9.62
N HIS A 3 6.78 -5.10 9.54
CA HIS A 3 5.59 -5.17 10.38
C HIS A 3 4.33 -5.28 9.52
N PRO A 4 3.78 -6.49 9.35
CA PRO A 4 2.57 -6.72 8.55
C PRO A 4 1.41 -5.84 8.97
N TYR A 5 0.40 -5.73 8.10
CA TYR A 5 -0.78 -4.93 8.39
C TYR A 5 -2.02 -5.55 7.78
N VAL A 6 -1.90 -6.02 6.54
CA VAL A 6 -3.03 -6.64 5.87
C VAL A 6 -4.19 -5.68 5.73
N GLY A 7 -4.72 -5.56 4.51
CA GLY A 7 -5.83 -4.66 4.27
C GLY A 7 -5.92 -4.23 2.83
N ILE A 8 -7.13 -4.03 2.32
CA ILE A 8 -7.30 -3.60 0.94
C ILE A 8 -7.38 -2.09 0.87
N TRP A 9 -6.25 -1.48 0.57
CA TRP A 9 -6.15 -0.02 0.49
C TRP A 9 -6.48 0.44 -0.92
N VAL A 10 -7.65 1.06 -1.06
CA VAL A 10 -8.11 1.55 -2.36
C VAL A 10 -8.18 3.07 -2.40
N THR A 11 -8.09 3.62 -3.61
CA THR A 11 -8.15 5.06 -3.81
C THR A 11 -9.51 5.62 -3.45
N ALA A 12 -9.70 6.92 -3.68
CA ALA A 12 -10.96 7.59 -3.37
C ALA A 12 -11.97 7.42 -4.49
N ASP A 13 -11.48 7.10 -5.70
CA ASP A 13 -12.36 6.92 -6.84
C ASP A 13 -12.53 5.44 -7.18
N GLY A 14 -11.54 4.64 -6.78
CA GLY A 14 -11.59 3.21 -7.05
C GLY A 14 -10.91 2.86 -8.36
N ARG A 15 -9.99 3.72 -8.79
CA ARG A 15 -9.25 3.48 -10.03
C ARG A 15 -8.22 2.38 -9.82
N ILE A 16 -7.70 2.29 -8.61
CA ILE A 16 -6.72 1.27 -8.27
C ILE A 16 -6.99 0.70 -6.89
N ARG A 17 -6.51 -0.51 -6.66
CA ARG A 17 -6.71 -1.18 -5.39
C ARG A 17 -5.43 -1.89 -4.95
N GLN A 18 -5.00 -1.63 -3.72
CA GLN A 18 -3.79 -2.24 -3.18
C GLN A 18 -4.13 -3.13 -1.99
N GLU A 19 -3.96 -4.45 -2.17
CA GLU A 19 -4.25 -5.40 -1.10
C GLU A 19 -3.03 -5.70 -0.28
N LEU A 20 -3.15 -5.54 1.03
CA LEU A 20 -2.06 -5.85 1.93
C LEU A 20 -2.22 -7.30 2.37
N LEU A 21 -1.28 -8.12 1.95
CA LEU A 21 -1.31 -9.55 2.20
C LEU A 21 -1.13 -9.91 3.68
N PRO A 22 -1.60 -11.12 4.05
CA PRO A 22 -1.49 -11.64 5.41
C PRO A 22 -0.05 -11.88 5.81
N ASN A 23 0.84 -11.85 4.83
CA ASN A 23 2.27 -12.05 5.06
C ASN A 23 2.96 -10.69 5.24
N GLY A 24 2.18 -9.67 5.57
CA GLY A 24 2.75 -8.35 5.73
C GLY A 24 3.32 -7.85 4.43
N ARG A 25 2.52 -7.94 3.38
CA ARG A 25 2.95 -7.53 2.05
C ARG A 25 1.83 -6.80 1.32
N TYR A 26 2.11 -6.37 0.09
CA TYR A 26 1.12 -5.63 -0.68
C TYR A 26 1.01 -6.10 -2.12
N ASP A 27 -0.19 -5.98 -2.67
CA ASP A 27 -0.48 -6.35 -4.04
C ASP A 27 -1.53 -5.40 -4.62
N GLU A 28 -1.10 -4.56 -5.56
CA GLU A 28 -2.02 -3.59 -6.15
C GLU A 28 -2.49 -4.00 -7.54
N ALA A 29 -3.80 -3.89 -7.74
CA ALA A 29 -4.41 -4.22 -9.02
C ALA A 29 -5.08 -2.99 -9.61
N ARG A 30 -4.45 -2.41 -10.63
CA ARG A 30 -4.97 -1.21 -11.27
C ARG A 30 -5.66 -1.55 -12.58
N GLY A 31 -6.99 -1.42 -12.60
CA GLY A 31 -7.77 -1.70 -13.79
C GLY A 31 -7.51 -3.10 -14.34
N ASN A 32 -7.65 -3.25 -15.64
CA ASN A 32 -7.43 -4.53 -16.30
C ASN A 32 -6.03 -5.06 -16.02
N ARG A 33 -5.12 -4.16 -15.67
CA ARG A 33 -3.74 -4.54 -15.38
C ARG A 33 -3.56 -4.80 -13.89
N LYS A 34 -3.95 -5.99 -13.45
CA LYS A 34 -3.83 -6.36 -12.05
C LYS A 34 -2.41 -6.82 -11.74
N SER A 35 -2.10 -6.97 -10.45
CA SER A 35 -0.77 -7.41 -10.04
C SER A 35 0.31 -6.54 -10.69
N ALA A 36 -0.04 -5.27 -10.93
CA ALA A 36 0.89 -4.34 -11.54
C ALA A 36 2.20 -4.26 -10.75
N TYR A 37 2.07 -4.12 -9.45
CA TYR A 37 3.23 -4.03 -8.57
C TYR A 37 2.95 -4.62 -7.20
N GLN A 38 3.95 -5.27 -6.62
CA GLN A 38 3.84 -5.87 -5.30
C GLN A 38 5.20 -5.91 -4.62
N GLY A 39 5.21 -5.83 -3.30
CA GLY A 39 6.47 -5.86 -2.58
C GLY A 39 6.30 -6.03 -1.09
N ARG A 40 6.85 -5.09 -0.33
CA ARG A 40 6.76 -5.14 1.12
C ARG A 40 6.86 -3.73 1.69
N TYR A 41 6.48 -3.55 2.94
CA TYR A 41 6.54 -2.24 3.56
C TYR A 41 7.02 -2.30 4.99
N GLU A 42 7.59 -1.19 5.44
CA GLU A 42 8.08 -1.07 6.81
C GLU A 42 7.34 0.06 7.50
N VAL A 43 6.77 -0.23 8.67
CA VAL A 43 6.01 0.76 9.41
C VAL A 43 6.80 1.33 10.59
N ARG A 44 6.86 2.65 10.67
CA ARG A 44 7.58 3.34 11.74
C ARG A 44 6.78 4.54 12.24
N GLY A 45 5.97 4.32 13.27
CA GLY A 45 5.17 5.39 13.83
C GLY A 45 4.17 5.94 12.82
N ALA A 46 3.51 5.03 12.09
CA ALA A 46 2.52 5.42 11.08
C ALA A 46 3.19 5.74 9.75
N HIS A 47 4.51 5.88 9.74
CA HIS A 47 5.25 6.17 8.53
C HIS A 47 5.73 4.87 7.90
N ILE A 48 5.46 4.68 6.62
CA ILE A 48 5.87 3.45 5.96
C ILE A 48 6.24 3.67 4.51
N ASN A 49 7.14 2.83 4.01
CA ASN A 49 7.57 2.88 2.63
C ASN A 49 7.42 1.51 1.99
N TYR A 50 7.61 1.45 0.68
CA TYR A 50 7.48 0.19 -0.05
C TYR A 50 8.76 -0.08 -0.82
N TRP A 51 9.46 -1.15 -0.46
CA TRP A 51 10.70 -1.49 -1.14
C TRP A 51 10.50 -2.75 -1.99
N ASP A 52 10.11 -2.55 -3.24
CA ASP A 52 9.87 -3.66 -4.15
C ASP A 52 11.15 -4.43 -4.46
N ASP A 53 10.97 -5.66 -4.93
CA ASP A 53 12.11 -6.52 -5.27
C ASP A 53 12.59 -6.24 -6.69
N THR A 54 11.80 -5.51 -7.47
CA THR A 54 12.17 -5.19 -8.84
C THR A 54 12.92 -3.86 -8.93
N GLY A 55 13.56 -3.47 -7.85
CA GLY A 55 14.34 -2.25 -7.82
C GLY A 55 13.51 -0.99 -7.69
N PHE A 56 12.33 -1.08 -7.09
CA PHE A 56 11.50 0.10 -6.90
C PHE A 56 11.29 0.35 -5.42
N THR A 57 10.83 1.55 -5.10
CA THR A 57 10.55 1.91 -3.72
C THR A 57 9.64 3.12 -3.64
N ALA A 58 8.74 3.10 -2.67
CA ALA A 58 7.80 4.21 -2.49
C ALA A 58 7.51 4.46 -1.01
N ASP A 59 7.79 5.68 -0.56
CA ASP A 59 7.57 6.06 0.84
C ASP A 59 6.17 6.62 1.05
N GLY A 60 5.65 6.43 2.25
CA GLY A 60 4.32 6.93 2.58
C GLY A 60 4.14 7.12 4.07
N ASP A 61 2.91 7.41 4.49
CA ASP A 61 2.62 7.63 5.90
C ASP A 61 1.12 7.67 6.16
N PHE A 62 0.68 6.93 7.19
CA PHE A 62 -0.72 6.89 7.54
C PHE A 62 -1.15 8.20 8.20
N VAL A 63 -1.97 8.96 7.48
CA VAL A 63 -2.47 10.23 7.99
C VAL A 63 -3.66 10.04 8.92
N SER A 64 -4.29 8.87 8.83
CA SER A 64 -5.45 8.57 9.67
C SER A 64 -5.52 7.08 10.00
N ALA A 65 -6.64 6.65 10.56
CA ALA A 65 -6.82 5.25 10.93
C ALA A 65 -7.24 4.42 9.73
N ASN A 66 -7.94 5.06 8.78
CA ASN A 66 -8.41 4.36 7.59
C ASN A 66 -7.88 5.02 6.32
N GLU A 67 -7.09 6.09 6.47
CA GLU A 67 -6.53 6.79 5.32
C GLU A 67 -5.04 6.51 5.20
N LEU A 68 -4.55 6.50 3.96
CA LEU A 68 -3.14 6.23 3.69
C LEU A 68 -2.58 7.25 2.72
N HIS A 69 -1.31 7.63 2.92
CA HIS A 69 -0.67 8.59 2.03
C HIS A 69 0.64 8.03 1.49
N HIS A 70 0.64 7.70 0.20
CA HIS A 70 1.83 7.16 -0.45
C HIS A 70 2.00 7.75 -1.84
N GLY A 71 3.22 8.14 -2.17
CA GLY A 71 3.49 8.72 -3.48
C GLY A 71 2.57 9.88 -3.79
N GLY A 72 2.03 10.51 -2.74
CA GLY A 72 1.13 11.62 -2.92
C GLY A 72 -0.29 11.18 -3.23
N MET A 73 -0.62 9.94 -2.92
CA MET A 73 -1.95 9.41 -3.16
C MET A 73 -2.72 9.23 -1.86
N THR A 74 -4.03 9.08 -1.98
CA THR A 74 -4.89 8.87 -0.82
C THR A 74 -5.55 7.49 -0.91
N PHE A 75 -5.10 6.57 -0.07
CA PHE A 75 -5.65 5.22 -0.06
C PHE A 75 -6.46 4.95 1.20
N TYR A 76 -7.70 4.54 1.00
CA TYR A 76 -8.59 4.22 2.12
C TYR A 76 -8.59 2.72 2.35
N ARG A 77 -8.75 2.32 3.61
CA ARG A 77 -8.73 0.91 3.96
C ARG A 77 -10.00 0.19 3.53
N GLU A 78 -9.81 -1.03 3.05
CA GLU A 78 -10.87 -1.90 2.59
C GLU A 78 -12.06 -1.16 2.06
N LYS A 79 -12.14 -1.15 0.76
CA LYS A 79 -13.23 -0.50 0.03
C LYS A 79 -14.06 -1.52 -0.74
N MET A 1 13.38 -4.87 10.18
CA MET A 1 12.25 -5.76 10.57
C MET A 1 10.90 -5.13 10.24
N GLN A 2 10.41 -5.41 9.04
CA GLN A 2 9.12 -4.88 8.59
C GLN A 2 7.99 -5.31 9.53
N HIS A 3 6.85 -4.63 9.42
CA HIS A 3 5.70 -4.96 10.24
C HIS A 3 4.44 -5.11 9.40
N PRO A 4 3.87 -6.34 9.34
CA PRO A 4 2.67 -6.61 8.55
C PRO A 4 1.48 -5.74 8.97
N TYR A 5 0.49 -5.64 8.08
CA TYR A 5 -0.70 -4.85 8.38
C TYR A 5 -1.93 -5.49 7.77
N VAL A 6 -1.82 -5.96 6.53
CA VAL A 6 -2.94 -6.59 5.86
C VAL A 6 -4.11 -5.63 5.72
N GLY A 7 -4.63 -5.51 4.51
CA GLY A 7 -5.75 -4.61 4.27
C GLY A 7 -5.84 -4.18 2.82
N ILE A 8 -7.05 -3.96 2.32
CA ILE A 8 -7.23 -3.53 0.94
C ILE A 8 -7.29 -2.02 0.87
N TRP A 9 -6.17 -1.42 0.52
CA TRP A 9 -6.07 0.03 0.42
C TRP A 9 -6.39 0.49 -0.99
N VAL A 10 -7.58 1.07 -1.15
CA VAL A 10 -8.02 1.55 -2.45
C VAL A 10 -8.06 3.08 -2.49
N THR A 11 -7.95 3.63 -3.69
CA THR A 11 -7.97 5.07 -3.88
C THR A 11 -9.34 5.66 -3.56
N ALA A 12 -9.47 6.98 -3.68
CA ALA A 12 -10.73 7.66 -3.40
C ALA A 12 -11.71 7.54 -4.57
N ASP A 13 -11.18 7.23 -5.76
CA ASP A 13 -12.02 7.09 -6.94
C ASP A 13 -12.22 5.62 -7.29
N GLY A 14 -11.27 4.78 -6.87
CA GLY A 14 -11.36 3.37 -7.16
C GLY A 14 -10.68 3.00 -8.46
N ARG A 15 -9.74 3.83 -8.89
CA ARG A 15 -9.01 3.57 -10.13
C ARG A 15 -7.99 2.46 -9.91
N ILE A 16 -7.51 2.33 -8.67
CA ILE A 16 -6.55 1.30 -8.33
C ILE A 16 -6.85 0.72 -6.95
N ARG A 17 -6.40 -0.51 -6.73
CA ARG A 17 -6.61 -1.17 -5.46
C ARG A 17 -5.35 -1.92 -5.02
N GLN A 18 -4.89 -1.63 -3.80
CA GLN A 18 -3.71 -2.28 -3.26
C GLN A 18 -4.04 -3.13 -2.06
N GLU A 19 -3.88 -4.44 -2.19
CA GLU A 19 -4.18 -5.36 -1.11
C GLU A 19 -2.94 -5.67 -0.28
N LEU A 20 -3.07 -5.48 1.02
CA LEU A 20 -1.98 -5.79 1.92
C LEU A 20 -2.13 -7.23 2.37
N LEU A 21 -1.20 -8.07 1.93
CA LEU A 21 -1.24 -9.49 2.20
C LEU A 21 -1.05 -9.85 3.66
N PRO A 22 -1.52 -11.06 4.03
CA PRO A 22 -1.42 -11.58 5.41
C PRO A 22 0.04 -11.80 5.81
N ASN A 23 0.93 -11.77 4.82
CA ASN A 23 2.35 -11.95 5.06
C ASN A 23 3.03 -10.60 5.24
N GLY A 24 2.24 -9.57 5.56
CA GLY A 24 2.79 -8.24 5.73
C GLY A 24 3.37 -7.75 4.42
N ARG A 25 2.58 -7.85 3.37
CA ARG A 25 3.03 -7.43 2.04
C ARG A 25 1.91 -6.72 1.30
N TYR A 26 2.19 -6.30 0.07
CA TYR A 26 1.20 -5.57 -0.71
C TYR A 26 1.12 -6.04 -2.16
N ASP A 27 -0.07 -5.91 -2.73
CA ASP A 27 -0.34 -6.27 -4.11
C ASP A 27 -1.38 -5.32 -4.69
N GLU A 28 -0.99 -4.52 -5.67
CA GLU A 28 -1.91 -3.56 -6.27
C GLU A 28 -2.40 -4.00 -7.65
N ALA A 29 -3.71 -3.91 -7.84
CA ALA A 29 -4.33 -4.27 -9.11
C ALA A 29 -4.93 -3.04 -9.76
N ARG A 30 -4.26 -2.54 -10.79
CA ARG A 30 -4.72 -1.35 -11.50
C ARG A 30 -5.26 -1.69 -12.88
N GLY A 31 -6.47 -1.23 -13.17
CA GLY A 31 -7.09 -1.49 -14.45
C GLY A 31 -7.20 -2.97 -14.75
N ASN A 32 -7.13 -3.32 -16.03
CA ASN A 32 -7.21 -4.71 -16.46
C ASN A 32 -6.00 -5.51 -15.97
N ARG A 33 -4.89 -4.81 -15.77
CA ARG A 33 -3.66 -5.47 -15.31
C ARG A 33 -3.60 -5.49 -13.78
N LYS A 34 -3.77 -6.68 -13.21
CA LYS A 34 -3.72 -6.84 -11.77
C LYS A 34 -2.30 -7.14 -11.32
N SER A 35 -2.06 -7.10 -10.01
CA SER A 35 -0.73 -7.38 -9.47
C SER A 35 0.34 -6.61 -10.24
N ALA A 36 -0.04 -5.45 -10.77
CA ALA A 36 0.88 -4.62 -11.54
C ALA A 36 2.17 -4.39 -10.77
N TYR A 37 2.05 -4.30 -9.46
CA TYR A 37 3.20 -4.10 -8.58
C TYR A 37 2.94 -4.67 -7.20
N GLN A 38 3.97 -5.29 -6.63
CA GLN A 38 3.87 -5.88 -5.30
C GLN A 38 5.25 -5.87 -4.63
N GLY A 39 5.26 -5.77 -3.30
CA GLY A 39 6.53 -5.76 -2.60
C GLY A 39 6.36 -5.92 -1.10
N ARG A 40 6.90 -4.96 -0.36
CA ARG A 40 6.82 -4.98 1.08
C ARG A 40 6.91 -3.57 1.62
N TYR A 41 6.53 -3.39 2.88
CA TYR A 41 6.57 -2.07 3.48
C TYR A 41 7.10 -2.11 4.90
N GLU A 42 7.64 -0.98 5.33
CA GLU A 42 8.17 -0.83 6.68
C GLU A 42 7.41 0.28 7.39
N VAL A 43 6.88 -0.01 8.57
CA VAL A 43 6.11 0.96 9.32
C VAL A 43 6.90 1.53 10.49
N ARG A 44 6.96 2.86 10.56
CA ARG A 44 7.68 3.55 11.62
C ARG A 44 6.88 4.75 12.12
N GLY A 45 6.07 4.52 13.16
CA GLY A 45 5.25 5.60 13.71
C GLY A 45 4.26 6.12 12.70
N ALA A 46 3.60 5.21 11.97
CA ALA A 46 2.61 5.57 10.96
C ALA A 46 3.26 5.90 9.61
N HIS A 47 4.59 6.04 9.63
CA HIS A 47 5.32 6.34 8.39
C HIS A 47 5.80 5.05 7.77
N ILE A 48 5.49 4.83 6.49
CA ILE A 48 5.91 3.60 5.83
C ILE A 48 6.30 3.84 4.37
N ASN A 49 7.18 2.97 3.89
CA ASN A 49 7.65 3.03 2.51
C ASN A 49 7.60 1.65 1.88
N TYR A 50 7.38 1.61 0.58
CA TYR A 50 7.31 0.35 -0.15
C TYR A 50 8.62 0.10 -0.88
N TRP A 51 9.33 -0.95 -0.51
CA TRP A 51 10.60 -1.27 -1.16
C TRP A 51 10.44 -2.52 -2.00
N ASP A 52 10.07 -2.33 -3.27
CA ASP A 52 9.87 -3.45 -4.18
C ASP A 52 11.18 -4.16 -4.50
N ASP A 53 11.06 -5.41 -4.92
CA ASP A 53 12.23 -6.22 -5.27
C ASP A 53 12.66 -5.97 -6.72
N THR A 54 11.80 -5.31 -7.49
CA THR A 54 12.12 -5.02 -8.89
C THR A 54 12.81 -3.67 -9.06
N GLY A 55 13.45 -3.21 -8.00
CA GLY A 55 14.18 -1.96 -8.06
C GLY A 55 13.32 -0.72 -7.89
N PHE A 56 12.15 -0.84 -7.27
CA PHE A 56 11.29 0.31 -7.06
C PHE A 56 11.11 0.57 -5.57
N THR A 57 10.65 1.75 -5.26
CA THR A 57 10.39 2.12 -3.87
C THR A 57 9.46 3.32 -3.78
N ALA A 58 8.57 3.30 -2.80
CA ALA A 58 7.62 4.39 -2.62
C ALA A 58 7.35 4.67 -1.14
N ASP A 59 7.62 5.89 -0.71
CA ASP A 59 7.41 6.28 0.69
C ASP A 59 6.00 6.83 0.90
N GLY A 60 5.49 6.68 2.12
CA GLY A 60 4.16 7.16 2.44
C GLY A 60 4.02 7.47 3.92
N ASP A 61 2.78 7.67 4.36
CA ASP A 61 2.52 7.98 5.77
C ASP A 61 1.03 7.88 6.08
N PHE A 62 0.71 7.17 7.16
CA PHE A 62 -0.67 7.01 7.57
C PHE A 62 -1.21 8.28 8.21
N VAL A 63 -2.11 8.94 7.50
CA VAL A 63 -2.70 10.19 8.00
C VAL A 63 -3.91 9.91 8.88
N SER A 64 -4.38 8.67 8.88
CA SER A 64 -5.54 8.29 9.69
C SER A 64 -5.55 6.78 9.95
N ALA A 65 -6.58 6.32 10.64
CA ALA A 65 -6.72 4.90 10.95
C ALA A 65 -7.17 4.11 9.73
N ASN A 66 -7.85 4.78 8.80
CA ASN A 66 -8.34 4.12 7.59
C ASN A 66 -7.86 4.85 6.33
N GLU A 67 -7.07 5.91 6.51
CA GLU A 67 -6.55 6.66 5.37
C GLU A 67 -5.06 6.45 5.21
N LEU A 68 -4.59 6.48 3.96
CA LEU A 68 -3.18 6.27 3.67
C LEU A 68 -2.67 7.33 2.70
N HIS A 69 -1.43 7.75 2.88
CA HIS A 69 -0.83 8.75 2.00
C HIS A 69 0.49 8.25 1.43
N HIS A 70 0.50 7.95 0.13
CA HIS A 70 1.70 7.48 -0.53
C HIS A 70 1.83 8.09 -1.92
N GLY A 71 3.03 8.56 -2.24
CA GLY A 71 3.25 9.17 -3.54
C GLY A 71 2.29 10.30 -3.81
N GLY A 72 1.73 10.87 -2.75
CA GLY A 72 0.78 11.96 -2.89
C GLY A 72 -0.63 11.47 -3.18
N MET A 73 -0.89 10.19 -2.91
CA MET A 73 -2.21 9.62 -3.15
C MET A 73 -2.94 9.38 -1.84
N THR A 74 -4.25 9.19 -1.93
CA THR A 74 -5.07 8.93 -0.77
C THR A 74 -5.70 7.54 -0.87
N PHE A 75 -5.20 6.61 -0.07
CA PHE A 75 -5.69 5.24 -0.08
C PHE A 75 -6.49 4.93 1.18
N TYR A 76 -7.72 4.47 0.97
CA TYR A 76 -8.60 4.11 2.09
C TYR A 76 -8.63 2.61 2.28
N ARG A 77 -8.78 2.18 3.52
CA ARG A 77 -8.81 0.75 3.83
C ARG A 77 -10.14 0.13 3.42
N GLU A 78 -10.03 -1.06 2.84
CA GLU A 78 -11.16 -1.87 2.36
C GLU A 78 -12.26 -1.04 1.69
N LYS A 79 -12.79 -0.05 2.40
CA LYS A 79 -13.83 0.81 1.86
C LYS A 79 -15.11 0.01 1.61
N MET A 1 11.89 -8.04 10.21
CA MET A 1 12.18 -6.59 10.39
C MET A 1 10.95 -5.74 10.12
N GLN A 2 10.28 -6.02 9.00
CA GLN A 2 9.09 -5.27 8.62
C GLN A 2 7.91 -5.65 9.51
N HIS A 3 6.90 -4.79 9.55
CA HIS A 3 5.71 -5.03 10.36
C HIS A 3 4.46 -5.15 9.48
N PRO A 4 3.86 -6.35 9.41
CA PRO A 4 2.65 -6.59 8.61
C PRO A 4 1.48 -5.71 9.02
N TYR A 5 0.50 -5.57 8.13
CA TYR A 5 -0.69 -4.77 8.42
C TYR A 5 -1.92 -5.40 7.80
N VAL A 6 -1.80 -5.86 6.55
CA VAL A 6 -2.91 -6.49 5.87
C VAL A 6 -4.08 -5.53 5.73
N GLY A 7 -4.62 -5.45 4.52
CA GLY A 7 -5.74 -4.57 4.25
C GLY A 7 -5.81 -4.15 2.80
N ILE A 8 -7.01 -3.99 2.27
CA ILE A 8 -7.17 -3.57 0.89
C ILE A 8 -7.29 -2.06 0.82
N TRP A 9 -6.17 -1.42 0.56
CA TRP A 9 -6.11 0.03 0.47
C TRP A 9 -6.47 0.49 -0.93
N VAL A 10 -7.64 1.11 -1.05
CA VAL A 10 -8.13 1.57 -2.34
C VAL A 10 -8.25 3.09 -2.39
N THR A 11 -8.17 3.64 -3.60
CA THR A 11 -8.26 5.08 -3.80
C THR A 11 -9.64 5.60 -3.41
N ALA A 12 -9.86 6.90 -3.61
CA ALA A 12 -11.13 7.53 -3.27
C ALA A 12 -12.16 7.35 -4.38
N ASP A 13 -11.69 7.04 -5.59
CA ASP A 13 -12.58 6.84 -6.73
C ASP A 13 -12.71 5.36 -7.05
N GLY A 14 -11.69 4.58 -6.71
CA GLY A 14 -11.72 3.16 -6.98
C GLY A 14 -11.06 2.82 -8.30
N ARG A 15 -10.15 3.68 -8.75
CA ARG A 15 -9.44 3.45 -10.01
C ARG A 15 -8.37 2.37 -9.81
N ILE A 16 -7.83 2.30 -8.60
CA ILE A 16 -6.81 1.31 -8.28
C ILE A 16 -7.04 0.73 -6.89
N ARG A 17 -6.56 -0.48 -6.67
CA ARG A 17 -6.71 -1.14 -5.38
C ARG A 17 -5.42 -1.84 -4.98
N GLN A 18 -5.00 -1.62 -3.74
CA GLN A 18 -3.78 -2.23 -3.23
C GLN A 18 -4.09 -3.12 -2.03
N GLU A 19 -3.89 -4.43 -2.20
CA GLU A 19 -4.15 -5.38 -1.13
C GLU A 19 -2.91 -5.65 -0.30
N LEU A 20 -3.05 -5.47 1.00
CA LEU A 20 -1.96 -5.74 1.91
C LEU A 20 -2.08 -7.19 2.36
N LEU A 21 -1.13 -8.00 1.94
CA LEU A 21 -1.15 -9.42 2.21
C LEU A 21 -1.00 -9.77 3.68
N PRO A 22 -1.48 -10.97 4.05
CA PRO A 22 -1.42 -11.47 5.43
C PRO A 22 0.01 -11.65 5.93
N ASN A 23 0.96 -11.70 4.99
CA ASN A 23 2.36 -11.87 5.35
C ASN A 23 3.07 -10.53 5.43
N GLY A 24 2.30 -9.48 5.64
CA GLY A 24 2.87 -8.14 5.73
C GLY A 24 3.43 -7.68 4.41
N ARG A 25 2.61 -7.76 3.36
CA ARG A 25 3.04 -7.36 2.03
C ARG A 25 1.92 -6.62 1.30
N TYR A 26 2.18 -6.21 0.07
CA TYR A 26 1.20 -5.47 -0.70
C TYR A 26 1.11 -5.93 -2.14
N ASP A 27 -0.09 -5.80 -2.71
CA ASP A 27 -0.36 -6.18 -4.10
C ASP A 27 -1.43 -5.26 -4.67
N GLU A 28 -1.04 -4.42 -5.62
CA GLU A 28 -1.99 -3.49 -6.22
C GLU A 28 -2.45 -3.93 -7.60
N ALA A 29 -3.76 -3.86 -7.81
CA ALA A 29 -4.35 -4.24 -9.09
C ALA A 29 -5.06 -3.05 -9.72
N ARG A 30 -4.43 -2.48 -10.75
CA ARG A 30 -5.00 -1.33 -11.44
C ARG A 30 -5.61 -1.73 -12.79
N GLY A 31 -6.93 -1.56 -12.89
CA GLY A 31 -7.61 -1.90 -14.12
C GLY A 31 -7.34 -3.31 -14.59
N ASN A 32 -7.45 -3.54 -15.89
CA ASN A 32 -7.21 -4.87 -16.47
C ASN A 32 -5.80 -5.35 -16.15
N ARG A 33 -4.90 -4.42 -15.84
CA ARG A 33 -3.53 -4.77 -15.50
C ARG A 33 -3.36 -4.96 -14.00
N LYS A 34 -3.72 -6.16 -13.53
CA LYS A 34 -3.60 -6.46 -12.11
C LYS A 34 -2.16 -6.81 -11.75
N SER A 35 -1.87 -6.90 -10.45
CA SER A 35 -0.53 -7.22 -9.99
C SER A 35 0.50 -6.30 -10.63
N ALA A 36 0.08 -5.08 -10.96
CA ALA A 36 0.96 -4.10 -11.58
C ALA A 36 2.24 -3.95 -10.80
N TYR A 37 2.12 -3.90 -9.48
CA TYR A 37 3.26 -3.76 -8.58
C TYR A 37 2.96 -4.36 -7.21
N GLN A 38 3.96 -5.04 -6.65
CA GLN A 38 3.85 -5.66 -5.34
C GLN A 38 5.21 -5.74 -4.68
N GLY A 39 5.24 -5.68 -3.35
CA GLY A 39 6.51 -5.75 -2.66
C GLY A 39 6.36 -5.94 -1.16
N ARG A 40 6.92 -5.02 -0.39
CA ARG A 40 6.85 -5.08 1.05
C ARG A 40 6.98 -3.69 1.63
N TYR A 41 6.61 -3.54 2.89
CA TYR A 41 6.69 -2.23 3.53
C TYR A 41 7.23 -2.31 4.94
N GLU A 42 7.75 -1.19 5.40
CA GLU A 42 8.28 -1.06 6.74
C GLU A 42 7.56 0.06 7.47
N VAL A 43 7.02 -0.23 8.65
CA VAL A 43 6.27 0.78 9.39
C VAL A 43 7.02 1.29 10.61
N ARG A 44 7.20 2.60 10.66
CA ARG A 44 7.86 3.26 11.79
C ARG A 44 6.85 4.19 12.43
N GLY A 45 6.02 3.63 13.31
CA GLY A 45 4.98 4.41 13.95
C GLY A 45 3.76 4.49 13.07
N ALA A 46 3.65 5.57 12.31
CA ALA A 46 2.56 5.75 11.38
C ALA A 46 3.12 6.06 10.00
N HIS A 47 4.41 5.81 9.83
CA HIS A 47 5.09 6.04 8.56
C HIS A 47 5.48 4.73 7.91
N ILE A 48 5.35 4.65 6.59
CA ILE A 48 5.69 3.41 5.89
C ILE A 48 6.23 3.68 4.49
N ASN A 49 7.13 2.79 4.06
CA ASN A 49 7.73 2.88 2.74
C ASN A 49 7.68 1.51 2.06
N TYR A 50 7.50 1.51 0.75
CA TYR A 50 7.42 0.27 -0.03
C TYR A 50 8.74 0.03 -0.74
N TRP A 51 9.43 -1.04 -0.39
CA TRP A 51 10.68 -1.37 -1.04
C TRP A 51 10.51 -2.60 -1.91
N ASP A 52 10.16 -2.38 -3.17
CA ASP A 52 9.95 -3.47 -4.12
C ASP A 52 11.24 -4.20 -4.44
N ASP A 53 11.11 -5.44 -4.89
CA ASP A 53 12.26 -6.26 -5.25
C ASP A 53 12.70 -5.98 -6.68
N THR A 54 11.87 -5.29 -7.45
CA THR A 54 12.19 -4.98 -8.84
C THR A 54 12.91 -3.64 -8.98
N GLY A 55 13.57 -3.22 -7.89
CA GLY A 55 14.32 -1.97 -7.92
C GLY A 55 13.47 -0.72 -7.74
N PHE A 56 12.30 -0.84 -7.13
CA PHE A 56 11.46 0.32 -6.90
C PHE A 56 11.27 0.55 -5.42
N THR A 57 10.80 1.74 -5.08
CA THR A 57 10.53 2.07 -3.69
C THR A 57 9.58 3.26 -3.60
N ALA A 58 8.68 3.21 -2.64
CA ALA A 58 7.71 4.28 -2.45
C ALA A 58 7.46 4.58 -0.97
N ASP A 59 7.72 5.82 -0.56
CA ASP A 59 7.52 6.22 0.82
C ASP A 59 6.14 6.80 1.05
N GLY A 60 5.64 6.64 2.28
CA GLY A 60 4.33 7.15 2.63
C GLY A 60 4.15 7.27 4.13
N ASP A 61 2.93 7.56 4.56
CA ASP A 61 2.66 7.69 5.99
C ASP A 61 1.15 7.73 6.27
N PHE A 62 0.73 6.93 7.24
CA PHE A 62 -0.67 6.88 7.62
C PHE A 62 -1.11 8.18 8.26
N VAL A 63 -1.94 8.92 7.55
CA VAL A 63 -2.45 10.20 8.04
C VAL A 63 -3.68 10.00 8.94
N SER A 64 -4.29 8.82 8.85
CA SER A 64 -5.47 8.51 9.65
C SER A 64 -5.57 7.02 9.91
N ALA A 65 -6.65 6.60 10.56
CA ALA A 65 -6.87 5.20 10.88
C ALA A 65 -7.34 4.42 9.64
N ASN A 66 -7.99 5.13 8.71
CA ASN A 66 -8.48 4.49 7.49
C ASN A 66 -7.91 5.16 6.24
N GLU A 67 -7.11 6.22 6.43
CA GLU A 67 -6.51 6.91 5.30
C GLU A 67 -5.02 6.61 5.19
N LEU A 68 -4.53 6.55 3.96
CA LEU A 68 -3.12 6.25 3.71
C LEU A 68 -2.53 7.28 2.75
N HIS A 69 -1.28 7.65 2.96
CA HIS A 69 -0.60 8.59 2.09
C HIS A 69 0.71 8.03 1.58
N HIS A 70 0.74 7.68 0.30
CA HIS A 70 1.96 7.14 -0.30
C HIS A 70 2.11 7.61 -1.75
N GLY A 71 3.33 7.99 -2.10
CA GLY A 71 3.58 8.47 -3.45
C GLY A 71 2.70 9.66 -3.80
N GLY A 72 2.22 10.36 -2.77
CA GLY A 72 1.37 11.51 -2.99
C GLY A 72 -0.05 11.12 -3.33
N MET A 73 -0.46 9.93 -2.89
CA MET A 73 -1.81 9.44 -3.18
C MET A 73 -2.60 9.26 -1.88
N THR A 74 -3.91 9.10 -2.03
CA THR A 74 -4.78 8.91 -0.88
C THR A 74 -5.47 7.55 -0.97
N PHE A 75 -5.04 6.62 -0.12
CA PHE A 75 -5.59 5.27 -0.12
C PHE A 75 -6.41 5.02 1.15
N TYR A 76 -7.64 4.58 0.96
CA TYR A 76 -8.51 4.29 2.08
C TYR A 76 -8.60 2.79 2.29
N ARG A 77 -8.63 2.37 3.55
CA ARG A 77 -8.69 0.95 3.87
C ARG A 77 -9.93 0.31 3.26
N GLU A 78 -9.76 -0.97 2.87
CA GLU A 78 -10.81 -1.78 2.25
C GLU A 78 -11.99 -0.95 1.73
N LYS A 79 -12.66 -0.26 2.64
CA LYS A 79 -13.80 0.57 2.29
C LYS A 79 -14.95 -0.27 1.77
N MET A 1 12.63 -6.02 10.86
CA MET A 1 12.68 -4.55 10.65
C MET A 1 11.33 -4.01 10.17
N GLN A 2 10.63 -4.81 9.38
CA GLN A 2 9.33 -4.41 8.86
C GLN A 2 8.21 -4.84 9.82
N HIS A 3 7.01 -4.31 9.58
CA HIS A 3 5.86 -4.64 10.42
C HIS A 3 4.61 -4.83 9.56
N PRO A 4 4.03 -6.04 9.54
CA PRO A 4 2.82 -6.34 8.76
C PRO A 4 1.64 -5.47 9.15
N TYR A 5 0.63 -5.40 8.28
CA TYR A 5 -0.57 -4.61 8.57
C TYR A 5 -1.80 -5.27 7.98
N VAL A 6 -1.68 -5.77 6.75
CA VAL A 6 -2.79 -6.44 6.11
C VAL A 6 -3.99 -5.48 5.95
N GLY A 7 -4.51 -5.41 4.74
CA GLY A 7 -5.64 -4.54 4.47
C GLY A 7 -5.75 -4.17 3.01
N ILE A 8 -6.99 -3.99 2.53
CA ILE A 8 -7.19 -3.62 1.14
C ILE A 8 -7.32 -2.12 1.01
N TRP A 9 -6.21 -1.49 0.67
CA TRP A 9 -6.14 -0.04 0.51
C TRP A 9 -6.50 0.36 -0.91
N VAL A 10 -7.70 0.94 -1.06
CA VAL A 10 -8.19 1.36 -2.36
C VAL A 10 -8.33 2.87 -2.43
N THR A 11 -8.29 3.41 -3.64
CA THR A 11 -8.41 4.84 -3.87
C THR A 11 -9.81 5.34 -3.50
N ALA A 12 -10.02 6.65 -3.64
CA ALA A 12 -11.31 7.24 -3.32
C ALA A 12 -12.33 7.04 -4.45
N ASP A 13 -11.84 6.73 -5.63
CA ASP A 13 -12.71 6.51 -6.79
C ASP A 13 -12.84 5.02 -7.10
N GLY A 14 -11.82 4.25 -6.73
CA GLY A 14 -11.85 2.83 -6.98
C GLY A 14 -11.22 2.47 -8.31
N ARG A 15 -10.29 3.31 -8.77
CA ARG A 15 -9.60 3.06 -10.03
C ARG A 15 -8.51 2.02 -9.83
N ILE A 16 -7.96 1.96 -8.63
CA ILE A 16 -6.91 1.01 -8.30
C ILE A 16 -7.11 0.47 -6.88
N ARG A 17 -6.57 -0.72 -6.64
CA ARG A 17 -6.70 -1.35 -5.34
C ARG A 17 -5.38 -1.98 -4.91
N GLN A 18 -5.04 -1.81 -3.63
CA GLN A 18 -3.79 -2.37 -3.09
C GLN A 18 -4.08 -3.23 -1.87
N GLU A 19 -3.84 -4.54 -2.00
CA GLU A 19 -4.10 -5.46 -0.91
C GLU A 19 -2.84 -5.70 -0.09
N LEU A 20 -2.96 -5.51 1.21
CA LEU A 20 -1.86 -5.75 2.11
C LEU A 20 -1.98 -7.18 2.61
N LEU A 21 -1.04 -8.01 2.20
CA LEU A 21 -1.05 -9.42 2.52
C LEU A 21 -0.87 -9.72 4.00
N PRO A 22 -1.32 -10.93 4.41
CA PRO A 22 -1.25 -11.40 5.80
C PRO A 22 0.18 -11.55 6.30
N ASN A 23 1.14 -11.63 5.37
CA ASN A 23 2.53 -11.77 5.75
C ASN A 23 3.22 -10.42 5.78
N GLY A 24 2.44 -9.35 5.92
CA GLY A 24 2.99 -8.02 5.94
C GLY A 24 3.54 -7.62 4.59
N ARG A 25 2.70 -7.76 3.57
CA ARG A 25 3.11 -7.42 2.21
C ARG A 25 2.01 -6.69 1.48
N TYR A 26 2.26 -6.33 0.23
CA TYR A 26 1.27 -5.59 -0.55
C TYR A 26 1.17 -6.07 -1.99
N ASP A 27 -0.01 -5.88 -2.57
CA ASP A 27 -0.29 -6.27 -3.94
C ASP A 27 -1.36 -5.36 -4.51
N GLU A 28 -0.99 -4.52 -5.49
CA GLU A 28 -1.95 -3.60 -6.08
C GLU A 28 -2.42 -4.07 -7.44
N ALA A 29 -3.74 -4.06 -7.62
CA ALA A 29 -4.35 -4.46 -8.88
C ALA A 29 -5.14 -3.30 -9.48
N ARG A 30 -4.59 -2.69 -10.51
CA ARG A 30 -5.23 -1.55 -11.16
C ARG A 30 -6.00 -2.00 -12.41
N GLY A 31 -7.08 -1.28 -12.71
CA GLY A 31 -7.90 -1.61 -13.86
C GLY A 31 -7.08 -1.79 -15.14
N ASN A 32 -7.46 -2.78 -15.93
CA ASN A 32 -6.76 -3.06 -17.18
C ASN A 32 -5.27 -3.32 -16.94
N ARG A 33 -4.94 -3.70 -15.71
CA ARG A 33 -3.54 -3.99 -15.35
C ARG A 33 -3.44 -4.42 -13.89
N LYS A 34 -3.77 -5.68 -13.62
CA LYS A 34 -3.70 -6.21 -12.27
C LYS A 34 -2.29 -6.70 -11.97
N SER A 35 -2.02 -7.01 -10.70
CA SER A 35 -0.70 -7.48 -10.28
C SER A 35 0.39 -6.56 -10.83
N ALA A 36 0.04 -5.29 -11.00
CA ALA A 36 0.98 -4.31 -11.53
C ALA A 36 2.27 -4.27 -10.71
N TYR A 37 2.12 -4.15 -9.40
CA TYR A 37 3.28 -4.10 -8.50
C TYR A 37 2.97 -4.70 -7.14
N GLN A 38 3.99 -5.29 -6.53
CA GLN A 38 3.87 -5.89 -5.20
C GLN A 38 5.24 -5.94 -4.52
N GLY A 39 5.25 -5.85 -3.21
CA GLY A 39 6.52 -5.89 -2.50
C GLY A 39 6.36 -6.01 -0.99
N ARG A 40 6.93 -5.06 -0.27
CA ARG A 40 6.86 -5.06 1.18
C ARG A 40 6.98 -3.65 1.70
N TYR A 41 6.61 -3.43 2.94
CA TYR A 41 6.69 -2.09 3.52
C TYR A 41 7.22 -2.11 4.94
N GLU A 42 7.78 -0.97 5.34
CA GLU A 42 8.30 -0.80 6.68
C GLU A 42 7.57 0.36 7.35
N VAL A 43 7.03 0.12 8.53
CA VAL A 43 6.27 1.15 9.24
C VAL A 43 7.06 1.75 10.40
N ARG A 44 7.06 3.08 10.45
CA ARG A 44 7.77 3.80 11.51
C ARG A 44 6.99 5.05 11.92
N GLY A 45 6.29 4.95 13.05
CA GLY A 45 5.51 6.09 13.53
C GLY A 45 4.47 6.54 12.51
N ALA A 46 3.80 5.58 11.88
CA ALA A 46 2.78 5.87 10.87
C ALA A 46 3.40 6.13 9.49
N HIS A 47 4.73 6.22 9.45
CA HIS A 47 5.43 6.44 8.19
C HIS A 47 5.83 5.11 7.59
N ILE A 48 5.44 4.88 6.33
CA ILE A 48 5.76 3.62 5.67
C ILE A 48 6.29 3.83 4.26
N ASN A 49 7.17 2.92 3.86
CA ASN A 49 7.76 2.96 2.53
C ASN A 49 7.72 1.56 1.90
N TYR A 50 7.48 1.52 0.60
CA TYR A 50 7.40 0.25 -0.12
C TYR A 50 8.72 -0.01 -0.83
N TRP A 51 9.44 -1.03 -0.42
CA TRP A 51 10.71 -1.38 -1.06
C TRP A 51 10.56 -2.66 -1.86
N ASP A 52 10.19 -2.51 -3.12
CA ASP A 52 9.99 -3.66 -4.01
C ASP A 52 11.30 -4.40 -4.26
N ASP A 53 11.17 -5.66 -4.64
CA ASP A 53 12.33 -6.49 -4.94
C ASP A 53 12.81 -6.29 -6.38
N THR A 54 11.98 -5.63 -7.19
CA THR A 54 12.33 -5.39 -8.60
C THR A 54 13.04 -4.05 -8.78
N GLY A 55 13.67 -3.57 -7.71
CA GLY A 55 14.41 -2.32 -7.78
C GLY A 55 13.55 -1.07 -7.69
N PHE A 56 12.38 -1.15 -7.04
CA PHE A 56 11.53 0.01 -6.91
C PHE A 56 11.31 0.32 -5.44
N THR A 57 10.82 1.51 -5.17
CA THR A 57 10.53 1.93 -3.81
C THR A 57 9.58 3.13 -3.79
N ALA A 58 8.68 3.13 -2.81
CA ALA A 58 7.72 4.21 -2.68
C ALA A 58 7.44 4.54 -1.21
N ASP A 59 7.69 5.79 -0.83
CA ASP A 59 7.46 6.22 0.55
C ASP A 59 6.04 6.72 0.76
N GLY A 60 5.58 6.65 2.01
CA GLY A 60 4.23 7.09 2.34
C GLY A 60 4.07 7.36 3.83
N ASP A 61 2.84 7.60 4.26
CA ASP A 61 2.57 7.86 5.67
C ASP A 61 1.07 7.84 5.95
N PHE A 62 0.70 7.16 7.03
CA PHE A 62 -0.70 7.04 7.42
C PHE A 62 -1.19 8.34 8.05
N VAL A 63 -2.05 9.05 7.34
CA VAL A 63 -2.61 10.29 7.84
C VAL A 63 -3.79 10.03 8.77
N SER A 64 -4.37 8.83 8.68
CA SER A 64 -5.50 8.46 9.51
C SER A 64 -5.53 6.95 9.73
N ALA A 65 -6.45 6.50 10.57
CA ALA A 65 -6.58 5.07 10.86
C ALA A 65 -7.16 4.31 9.67
N ASN A 66 -7.85 5.02 8.79
CA ASN A 66 -8.46 4.39 7.61
C ASN A 66 -7.94 5.01 6.31
N GLU A 67 -7.18 6.09 6.43
CA GLU A 67 -6.64 6.75 5.24
C GLU A 67 -5.14 6.50 5.10
N LEU A 68 -4.67 6.47 3.86
CA LEU A 68 -3.26 6.23 3.58
C LEU A 68 -2.73 7.27 2.59
N HIS A 69 -1.50 7.69 2.80
CA HIS A 69 -0.87 8.66 1.92
C HIS A 69 0.46 8.15 1.40
N HIS A 70 0.50 7.80 0.12
CA HIS A 70 1.73 7.30 -0.49
C HIS A 70 1.85 7.77 -1.93
N GLY A 71 3.04 8.22 -2.30
CA GLY A 71 3.26 8.72 -3.66
C GLY A 71 2.32 9.86 -4.01
N GLY A 72 1.80 10.52 -2.98
CA GLY A 72 0.89 11.63 -3.20
C GLY A 72 -0.52 11.16 -3.52
N MET A 73 -0.87 9.96 -3.07
CA MET A 73 -2.18 9.40 -3.31
C MET A 73 -2.94 9.21 -2.00
N THR A 74 -4.25 9.00 -2.12
CA THR A 74 -5.09 8.79 -0.95
C THR A 74 -5.73 7.41 -1.02
N PHE A 75 -5.26 6.50 -0.18
CA PHE A 75 -5.78 5.14 -0.15
C PHE A 75 -6.57 4.87 1.12
N TYR A 76 -7.78 4.35 0.94
CA TYR A 76 -8.64 4.04 2.08
C TYR A 76 -8.69 2.54 2.31
N ARG A 77 -8.79 2.14 3.58
CA ARG A 77 -8.83 0.72 3.92
C ARG A 77 -10.16 0.08 3.53
N GLU A 78 -10.06 -1.11 2.96
CA GLU A 78 -11.21 -1.92 2.51
C GLU A 78 -12.32 -1.08 1.87
N LYS A 79 -12.84 -0.12 2.62
CA LYS A 79 -13.91 0.74 2.14
C LYS A 79 -15.17 -0.08 1.86
N MET A 1 13.73 -5.47 8.99
CA MET A 1 12.53 -5.92 9.73
C MET A 1 11.29 -5.14 9.31
N GLN A 2 10.27 -5.85 8.85
CA GLN A 2 9.03 -5.21 8.41
C GLN A 2 7.87 -5.62 9.32
N HIS A 3 6.91 -4.72 9.48
CA HIS A 3 5.74 -4.97 10.32
C HIS A 3 4.48 -5.12 9.46
N PRO A 4 3.91 -6.35 9.41
CA PRO A 4 2.69 -6.62 8.62
C PRO A 4 1.51 -5.75 9.05
N TYR A 5 0.52 -5.64 8.17
CA TYR A 5 -0.68 -4.85 8.47
C TYR A 5 -1.91 -5.50 7.87
N VAL A 6 -1.80 -5.96 6.62
CA VAL A 6 -2.91 -6.59 5.95
C VAL A 6 -4.10 -5.64 5.81
N GLY A 7 -4.63 -5.55 4.60
CA GLY A 7 -5.75 -4.67 4.35
C GLY A 7 -5.85 -4.26 2.90
N ILE A 8 -7.07 -4.10 2.39
CA ILE A 8 -7.25 -3.68 1.00
C ILE A 8 -7.36 -2.17 0.93
N TRP A 9 -6.23 -1.55 0.62
CA TRP A 9 -6.16 -0.09 0.53
C TRP A 9 -6.53 0.37 -0.88
N VAL A 10 -7.69 0.99 -1.00
CA VAL A 10 -8.17 1.46 -2.30
C VAL A 10 -8.32 2.98 -2.34
N THR A 11 -8.24 3.53 -3.54
CA THR A 11 -8.36 4.97 -3.74
C THR A 11 -9.76 5.46 -3.36
N ALA A 12 -10.00 6.76 -3.57
CA ALA A 12 -11.29 7.36 -3.24
C ALA A 12 -12.31 7.15 -4.37
N ASP A 13 -11.81 6.86 -5.57
CA ASP A 13 -12.68 6.65 -6.71
C ASP A 13 -12.76 5.17 -7.07
N GLY A 14 -11.74 4.42 -6.67
CA GLY A 14 -11.71 3.00 -6.97
C GLY A 14 -11.01 2.69 -8.28
N ARG A 15 -10.16 3.62 -8.73
CA ARG A 15 -9.43 3.42 -9.97
C ARG A 15 -8.35 2.37 -9.79
N ILE A 16 -7.89 2.21 -8.56
CA ILE A 16 -6.86 1.22 -8.25
C ILE A 16 -7.07 0.64 -6.85
N ARG A 17 -6.58 -0.56 -6.64
CA ARG A 17 -6.72 -1.21 -5.35
C ARG A 17 -5.41 -1.87 -4.92
N GLN A 18 -5.07 -1.74 -3.64
CA GLN A 18 -3.84 -2.32 -3.12
C GLN A 18 -4.13 -3.22 -1.92
N GLU A 19 -3.93 -4.53 -2.11
CA GLU A 19 -4.19 -5.49 -1.05
C GLU A 19 -2.95 -5.76 -0.23
N LEU A 20 -3.07 -5.58 1.08
CA LEU A 20 -1.96 -5.86 1.97
C LEU A 20 -2.10 -7.30 2.43
N LEU A 21 -1.16 -8.12 1.99
CA LEU A 21 -1.18 -9.54 2.27
C LEU A 21 -1.03 -9.89 3.73
N PRO A 22 -1.52 -11.08 4.11
CA PRO A 22 -1.46 -11.60 5.48
C PRO A 22 -0.03 -11.81 5.96
N ASN A 23 0.91 -11.88 5.03
CA ASN A 23 2.30 -12.08 5.38
C ASN A 23 3.04 -10.75 5.45
N GLY A 24 2.30 -9.68 5.68
CA GLY A 24 2.91 -8.36 5.78
C GLY A 24 3.46 -7.90 4.45
N ARG A 25 2.61 -7.92 3.42
CA ARG A 25 3.03 -7.52 2.09
C ARG A 25 1.91 -6.79 1.36
N TYR A 26 2.18 -6.37 0.13
CA TYR A 26 1.19 -5.62 -0.64
C TYR A 26 1.09 -6.10 -2.08
N ASP A 27 -0.12 -5.96 -2.64
CA ASP A 27 -0.41 -6.34 -4.01
C ASP A 27 -1.46 -5.39 -4.58
N GLU A 28 -1.09 -4.55 -5.54
CA GLU A 28 -2.02 -3.60 -6.11
C GLU A 28 -2.49 -4.01 -7.50
N ALA A 29 -3.79 -3.83 -7.73
CA ALA A 29 -4.42 -4.15 -9.00
C ALA A 29 -5.14 -2.91 -9.54
N ARG A 30 -4.55 -2.29 -10.55
CA ARG A 30 -5.14 -1.08 -11.13
C ARG A 30 -5.94 -1.39 -12.40
N GLY A 31 -7.26 -1.32 -12.28
CA GLY A 31 -8.13 -1.58 -13.41
C GLY A 31 -7.76 -2.84 -14.19
N ASN A 32 -7.90 -2.78 -15.51
CA ASN A 32 -7.58 -3.92 -16.37
C ASN A 32 -6.19 -4.46 -16.07
N ARG A 33 -5.32 -3.60 -15.57
CA ARG A 33 -3.96 -4.01 -15.23
C ARG A 33 -3.84 -4.34 -13.75
N LYS A 34 -3.86 -5.63 -13.43
CA LYS A 34 -3.75 -6.06 -12.04
C LYS A 34 -2.35 -6.57 -11.75
N SER A 35 -2.04 -6.79 -10.48
CA SER A 35 -0.73 -7.26 -10.09
C SER A 35 0.36 -6.38 -10.69
N ALA A 36 0.01 -5.12 -10.94
CA ALA A 36 0.95 -4.17 -11.52
C ALA A 36 2.26 -4.12 -10.73
N TYR A 37 2.13 -4.04 -9.41
CA TYR A 37 3.29 -3.98 -8.54
C TYR A 37 3.00 -4.63 -7.19
N GLN A 38 4.04 -5.17 -6.57
CA GLN A 38 3.92 -5.81 -5.26
C GLN A 38 5.28 -5.88 -4.59
N GLY A 39 5.30 -5.84 -3.26
CA GLY A 39 6.56 -5.91 -2.56
C GLY A 39 6.39 -6.07 -1.05
N ARG A 40 6.92 -5.13 -0.30
CA ARG A 40 6.84 -5.17 1.15
C ARG A 40 6.94 -3.76 1.70
N TYR A 41 6.54 -3.59 2.96
CA TYR A 41 6.59 -2.26 3.56
C TYR A 41 7.09 -2.31 4.99
N GLU A 42 7.67 -1.20 5.42
CA GLU A 42 8.17 -1.06 6.79
C GLU A 42 7.43 0.09 7.46
N VAL A 43 6.86 -0.17 8.63
CA VAL A 43 6.11 0.84 9.35
C VAL A 43 6.90 1.41 10.53
N ARG A 44 6.92 2.74 10.61
CA ARG A 44 7.63 3.43 11.68
C ARG A 44 6.86 4.68 12.11
N GLY A 45 6.14 4.58 13.22
CA GLY A 45 5.38 5.71 13.71
C GLY A 45 4.37 6.21 12.70
N ALA A 46 3.68 5.27 12.04
CA ALA A 46 2.68 5.60 11.02
C ALA A 46 3.33 5.89 9.66
N HIS A 47 4.66 5.95 9.64
CA HIS A 47 5.39 6.20 8.40
C HIS A 47 5.78 4.87 7.77
N ILE A 48 5.44 4.69 6.50
CA ILE A 48 5.74 3.43 5.83
C ILE A 48 6.29 3.66 4.42
N ASN A 49 7.17 2.76 4.00
CA ASN A 49 7.76 2.82 2.67
C ASN A 49 7.71 1.45 2.02
N TYR A 50 7.50 1.42 0.71
CA TYR A 50 7.43 0.18 -0.04
C TYR A 50 8.75 -0.07 -0.76
N TRP A 51 9.45 -1.13 -0.36
CA TRP A 51 10.71 -1.46 -1.01
C TRP A 51 10.55 -2.71 -1.85
N ASP A 52 10.20 -2.52 -3.12
CA ASP A 52 10.00 -3.63 -4.04
C ASP A 52 11.29 -4.37 -4.33
N ASP A 53 11.16 -5.61 -4.77
CA ASP A 53 12.31 -6.45 -5.10
C ASP A 53 12.77 -6.19 -6.53
N THR A 54 11.95 -5.48 -7.31
CA THR A 54 12.29 -5.19 -8.70
C THR A 54 13.01 -3.85 -8.83
N GLY A 55 13.66 -3.44 -7.76
CA GLY A 55 14.41 -2.19 -7.77
C GLY A 55 13.57 -0.93 -7.63
N PHE A 56 12.39 -1.04 -7.02
CA PHE A 56 11.54 0.12 -6.84
C PHE A 56 11.32 0.38 -5.35
N THR A 57 10.86 1.58 -5.05
CA THR A 57 10.56 1.93 -3.67
C THR A 57 9.63 3.12 -3.61
N ALA A 58 8.71 3.09 -2.65
CA ALA A 58 7.74 4.18 -2.49
C ALA A 58 7.49 4.48 -1.01
N ASP A 59 7.74 5.73 -0.61
CA ASP A 59 7.53 6.12 0.77
C ASP A 59 6.12 6.67 1.00
N GLY A 60 5.65 6.58 2.24
CA GLY A 60 4.32 7.06 2.58
C GLY A 60 4.15 7.22 4.07
N ASP A 61 2.92 7.50 4.51
CA ASP A 61 2.63 7.68 5.92
C ASP A 61 1.14 7.71 6.19
N PHE A 62 0.70 6.96 7.19
CA PHE A 62 -0.71 6.90 7.56
C PHE A 62 -1.14 8.21 8.20
N VAL A 63 -1.97 8.96 7.49
CA VAL A 63 -2.46 10.24 7.97
C VAL A 63 -3.66 10.05 8.90
N SER A 64 -4.30 8.89 8.81
CA SER A 64 -5.46 8.59 9.64
C SER A 64 -5.52 7.11 9.99
N ALA A 65 -6.65 6.69 10.56
CA ALA A 65 -6.84 5.29 10.94
C ALA A 65 -7.26 4.45 9.74
N ASN A 66 -7.96 5.08 8.80
CA ASN A 66 -8.42 4.38 7.60
C ASN A 66 -7.89 5.03 6.32
N GLU A 67 -7.11 6.09 6.47
CA GLU A 67 -6.55 6.79 5.32
C GLU A 67 -5.06 6.50 5.19
N LEU A 68 -4.57 6.50 3.95
CA LEU A 68 -3.16 6.22 3.69
C LEU A 68 -2.60 7.24 2.70
N HIS A 69 -1.34 7.60 2.89
CA HIS A 69 -0.68 8.56 2.00
C HIS A 69 0.61 8.00 1.46
N HIS A 70 0.62 7.67 0.17
CA HIS A 70 1.80 7.13 -0.47
C HIS A 70 1.95 7.70 -1.89
N GLY A 71 3.18 8.08 -2.23
CA GLY A 71 3.44 8.64 -3.55
C GLY A 71 2.51 9.81 -3.85
N GLY A 72 1.99 10.44 -2.81
CA GLY A 72 1.10 11.56 -3.00
C GLY A 72 -0.33 11.13 -3.29
N MET A 73 -0.66 9.88 -2.96
CA MET A 73 -2.00 9.37 -3.21
C MET A 73 -2.76 9.18 -1.90
N THR A 74 -4.08 9.02 -2.01
CA THR A 74 -4.92 8.81 -0.85
C THR A 74 -5.59 7.45 -0.92
N PHE A 75 -5.13 6.53 -0.08
CA PHE A 75 -5.67 5.17 -0.07
C PHE A 75 -6.49 4.90 1.20
N TYR A 76 -7.72 4.47 1.00
CA TYR A 76 -8.61 4.15 2.11
C TYR A 76 -8.60 2.65 2.37
N ARG A 77 -8.76 2.27 3.63
CA ARG A 77 -8.73 0.87 4.00
C ARG A 77 -9.99 0.14 3.54
N GLU A 78 -9.78 -1.09 3.10
CA GLU A 78 -10.81 -1.98 2.62
C GLU A 78 -12.02 -1.25 2.08
N LYS A 79 -12.08 -1.26 0.77
CA LYS A 79 -13.16 -0.61 0.03
C LYS A 79 -13.61 -1.47 -1.15
N MET A 1 13.85 -4.65 10.16
CA MET A 1 12.69 -5.55 9.92
C MET A 1 11.45 -4.77 9.49
N GLN A 2 10.36 -5.48 9.25
CA GLN A 2 9.12 -4.85 8.82
C GLN A 2 7.95 -5.28 9.71
N HIS A 3 6.85 -4.55 9.63
CA HIS A 3 5.67 -4.85 10.44
C HIS A 3 4.43 -5.01 9.54
N PRO A 4 3.86 -6.22 9.49
CA PRO A 4 2.65 -6.49 8.66
C PRO A 4 1.47 -5.62 9.07
N TYR A 5 0.49 -5.52 8.18
CA TYR A 5 -0.72 -4.73 8.46
C TYR A 5 -1.95 -5.36 7.84
N VAL A 6 -1.81 -5.83 6.60
CA VAL A 6 -2.93 -6.46 5.93
C VAL A 6 -4.11 -5.50 5.77
N GLY A 7 -4.62 -5.38 4.56
CA GLY A 7 -5.73 -4.47 4.31
C GLY A 7 -5.84 -4.08 2.85
N ILE A 8 -7.05 -3.85 2.37
CA ILE A 8 -7.24 -3.45 0.99
C ILE A 8 -7.33 -1.95 0.88
N TRP A 9 -6.21 -1.34 0.56
CA TRP A 9 -6.12 0.11 0.44
C TRP A 9 -6.45 0.55 -0.98
N VAL A 10 -7.65 1.11 -1.14
CA VAL A 10 -8.12 1.58 -2.44
C VAL A 10 -8.21 3.09 -2.50
N THR A 11 -8.13 3.63 -3.72
CA THR A 11 -8.20 5.07 -3.93
C THR A 11 -9.61 5.60 -3.64
N ALA A 12 -9.74 6.93 -3.65
CA ALA A 12 -11.03 7.57 -3.38
C ALA A 12 -11.98 7.42 -4.57
N ASP A 13 -11.42 7.13 -5.74
CA ASP A 13 -12.22 6.97 -6.94
C ASP A 13 -12.45 5.50 -7.26
N GLY A 14 -11.52 4.65 -6.82
CA GLY A 14 -11.64 3.23 -7.06
C GLY A 14 -11.02 2.83 -8.38
N ARG A 15 -10.05 3.62 -8.85
CA ARG A 15 -9.37 3.33 -10.12
C ARG A 15 -8.29 2.27 -9.90
N ILE A 16 -7.77 2.21 -8.67
CA ILE A 16 -6.73 1.24 -8.35
C ILE A 16 -6.97 0.68 -6.95
N ARG A 17 -6.44 -0.51 -6.68
CA ARG A 17 -6.62 -1.14 -5.39
C ARG A 17 -5.33 -1.83 -4.94
N GLN A 18 -4.91 -1.52 -3.71
CA GLN A 18 -3.70 -2.12 -3.16
C GLN A 18 -4.03 -3.02 -1.97
N GLU A 19 -3.84 -4.32 -2.13
CA GLU A 19 -4.13 -5.27 -1.08
C GLU A 19 -2.89 -5.56 -0.24
N LEU A 20 -3.02 -5.39 1.06
CA LEU A 20 -1.93 -5.68 1.96
C LEU A 20 -2.08 -7.12 2.42
N LEU A 21 -1.12 -7.94 2.01
CA LEU A 21 -1.15 -9.37 2.29
C LEU A 21 -0.97 -9.72 3.76
N PRO A 22 -1.44 -10.93 4.13
CA PRO A 22 -1.34 -11.44 5.51
C PRO A 22 0.11 -11.66 5.92
N ASN A 23 1.00 -11.63 4.93
CA ASN A 23 2.42 -11.81 5.18
C ASN A 23 3.11 -10.45 5.35
N GLY A 24 2.32 -9.43 5.67
CA GLY A 24 2.87 -8.10 5.82
C GLY A 24 3.44 -7.62 4.51
N ARG A 25 2.65 -7.72 3.46
CA ARG A 25 3.07 -7.32 2.13
C ARG A 25 1.97 -6.60 1.39
N TYR A 26 2.24 -6.19 0.16
CA TYR A 26 1.25 -5.46 -0.62
C TYR A 26 1.16 -5.95 -2.06
N ASP A 27 -0.05 -5.83 -2.62
CA ASP A 27 -0.34 -6.22 -3.99
C ASP A 27 -1.38 -5.26 -4.57
N GLU A 28 -0.97 -4.43 -5.51
CA GLU A 28 -1.89 -3.46 -6.10
C GLU A 28 -2.35 -3.88 -7.50
N ALA A 29 -3.66 -3.76 -7.71
CA ALA A 29 -4.26 -4.08 -9.00
C ALA A 29 -4.90 -2.84 -9.59
N ARG A 30 -4.27 -2.27 -10.60
CA ARG A 30 -4.77 -1.07 -11.25
C ARG A 30 -5.45 -1.39 -12.57
N GLY A 31 -6.77 -1.20 -12.61
CA GLY A 31 -7.53 -1.48 -13.82
C GLY A 31 -7.33 -2.88 -14.34
N ASN A 32 -7.50 -3.06 -15.65
CA ASN A 32 -7.33 -4.37 -16.26
C ASN A 32 -5.93 -4.95 -15.97
N ARG A 33 -4.99 -4.07 -15.65
CA ARG A 33 -3.63 -4.49 -15.35
C ARG A 33 -3.46 -4.73 -13.84
N LYS A 34 -3.84 -5.92 -13.39
CA LYS A 34 -3.72 -6.28 -11.98
C LYS A 34 -2.31 -6.75 -11.66
N SER A 35 -2.01 -6.88 -10.38
CA SER A 35 -0.69 -7.32 -9.94
C SER A 35 0.39 -6.47 -10.60
N ALA A 36 0.07 -5.21 -10.88
CA ALA A 36 1.01 -4.29 -11.50
C ALA A 36 2.31 -4.21 -10.72
N TYR A 37 2.19 -4.05 -9.41
CA TYR A 37 3.36 -3.96 -8.54
C TYR A 37 3.07 -4.53 -7.16
N GLN A 38 4.07 -5.17 -6.58
CA GLN A 38 3.95 -5.77 -5.25
C GLN A 38 5.32 -5.81 -4.58
N GLY A 39 5.34 -5.73 -3.25
CA GLY A 39 6.61 -5.75 -2.55
C GLY A 39 6.45 -5.90 -1.05
N ARG A 40 6.99 -4.94 -0.32
CA ARG A 40 6.91 -4.96 1.14
C ARG A 40 7.00 -3.54 1.68
N TYR A 41 6.63 -3.34 2.92
CA TYR A 41 6.68 -2.02 3.52
C TYR A 41 7.21 -2.04 4.94
N GLU A 42 7.73 -0.90 5.35
CA GLU A 42 8.25 -0.73 6.70
C GLU A 42 7.47 0.38 7.39
N VAL A 43 6.95 0.09 8.57
CA VAL A 43 6.16 1.08 9.30
C VAL A 43 6.93 1.68 10.48
N ARG A 44 6.98 3.01 10.52
CA ARG A 44 7.68 3.72 11.58
C ARG A 44 6.88 4.95 12.01
N GLY A 45 6.18 4.84 13.14
CA GLY A 45 5.39 5.96 13.63
C GLY A 45 4.35 6.41 12.62
N ALA A 46 3.68 5.45 11.98
CA ALA A 46 2.66 5.73 10.98
C ALA A 46 3.28 6.03 9.61
N HIS A 47 4.61 6.13 9.56
CA HIS A 47 5.30 6.39 8.31
C HIS A 47 5.71 5.08 7.67
N ILE A 48 5.33 4.87 6.42
CA ILE A 48 5.67 3.63 5.74
C ILE A 48 6.16 3.86 4.32
N ASN A 49 7.06 3.00 3.88
CA ASN A 49 7.63 3.08 2.55
C ASN A 49 7.66 1.68 1.92
N TYR A 50 7.46 1.62 0.60
CA TYR A 50 7.45 0.35 -0.11
C TYR A 50 8.79 0.08 -0.76
N TRP A 51 9.46 -0.98 -0.33
CA TRP A 51 10.75 -1.35 -0.91
C TRP A 51 10.60 -2.61 -1.76
N ASP A 52 10.32 -2.42 -3.04
CA ASP A 52 10.13 -3.54 -3.95
C ASP A 52 11.43 -4.26 -4.25
N ASP A 53 11.31 -5.52 -4.63
CA ASP A 53 12.48 -6.35 -4.95
C ASP A 53 12.89 -6.15 -6.40
N THR A 54 12.04 -5.51 -7.20
CA THR A 54 12.33 -5.27 -8.61
C THR A 54 13.04 -3.93 -8.83
N GLY A 55 13.71 -3.46 -7.79
CA GLY A 55 14.46 -2.22 -7.89
C GLY A 55 13.62 -0.95 -7.75
N PHE A 56 12.46 -1.04 -7.11
CA PHE A 56 11.62 0.13 -6.93
C PHE A 56 11.41 0.40 -5.45
N THR A 57 10.97 1.60 -5.14
CA THR A 57 10.69 1.97 -3.77
C THR A 57 9.72 3.15 -3.70
N ALA A 58 8.81 3.11 -2.73
CA ALA A 58 7.84 4.16 -2.55
C ALA A 58 7.89 4.66 -1.12
N ASP A 59 7.07 5.65 -0.84
CA ASP A 59 7.00 6.24 0.50
C ASP A 59 5.60 6.73 0.82
N GLY A 60 5.22 6.67 2.10
CA GLY A 60 3.91 7.12 2.51
C GLY A 60 3.82 7.29 4.02
N ASP A 61 2.61 7.56 4.51
CA ASP A 61 2.39 7.74 5.95
C ASP A 61 0.90 7.74 6.27
N PHE A 62 0.52 6.95 7.26
CA PHE A 62 -0.87 6.86 7.68
C PHE A 62 -1.31 8.16 8.36
N VAL A 63 -2.18 8.90 7.69
CA VAL A 63 -2.69 10.15 8.23
C VAL A 63 -3.89 9.91 9.15
N SER A 64 -4.49 8.73 9.03
CA SER A 64 -5.65 8.39 9.84
C SER A 64 -5.67 6.90 10.16
N ALA A 65 -6.80 6.41 10.66
CA ALA A 65 -6.95 5.00 10.99
C ALA A 65 -7.34 4.18 9.77
N ASN A 66 -8.00 4.82 8.81
CA ASN A 66 -8.44 4.14 7.60
C ASN A 66 -7.94 4.86 6.34
N GLU A 67 -7.19 5.95 6.53
CA GLU A 67 -6.67 6.70 5.39
C GLU A 67 -5.16 6.48 5.24
N LEU A 68 -4.70 6.50 4.00
CA LEU A 68 -3.29 6.28 3.71
C LEU A 68 -2.77 7.36 2.77
N HIS A 69 -1.54 7.80 2.99
CA HIS A 69 -0.92 8.82 2.15
C HIS A 69 0.42 8.34 1.61
N HIS A 70 0.47 8.04 0.32
CA HIS A 70 1.70 7.58 -0.31
C HIS A 70 1.82 8.12 -1.73
N GLY A 71 3.00 8.60 -2.08
CA GLY A 71 3.21 9.16 -3.41
C GLY A 71 2.25 10.29 -3.71
N GLY A 72 1.71 10.91 -2.66
CA GLY A 72 0.78 12.00 -2.83
C GLY A 72 -0.62 11.52 -3.16
N MET A 73 -0.92 10.27 -2.80
CA MET A 73 -2.23 9.70 -3.05
C MET A 73 -2.98 9.46 -1.76
N THR A 74 -4.29 9.25 -1.88
CA THR A 74 -5.13 8.98 -0.72
C THR A 74 -5.76 7.60 -0.84
N PHE A 75 -5.27 6.67 -0.04
CA PHE A 75 -5.76 5.30 -0.06
C PHE A 75 -6.57 4.98 1.19
N TYR A 76 -7.80 4.49 0.99
CA TYR A 76 -8.67 4.14 2.11
C TYR A 76 -8.70 2.63 2.29
N ARG A 77 -8.84 2.19 3.54
CA ARG A 77 -8.86 0.77 3.84
C ARG A 77 -10.19 0.12 3.43
N GLU A 78 -10.06 -0.98 2.73
CA GLU A 78 -11.19 -1.79 2.26
C GLU A 78 -12.25 -1.00 1.46
N LYS A 79 -12.53 0.24 1.85
CA LYS A 79 -13.52 1.06 1.15
C LYS A 79 -14.89 0.38 1.16
#